data_1VLK
# 
_entry.id   1VLK 
# 
_audit_conform.dict_name       mmcif_pdbx.dic 
_audit_conform.dict_version    5.397 
_audit_conform.dict_location   http://mmcif.pdb.org/dictionaries/ascii/mmcif_pdbx.dic 
# 
loop_
_database_2.database_id 
_database_2.database_code 
_database_2.pdbx_database_accession 
_database_2.pdbx_DOI 
PDB   1VLK         pdb_00001vlk 10.2210/pdb1vlk/pdb 
WWPDB D_1000177061 ?            ?                   
# 
loop_
_pdbx_audit_revision_history.ordinal 
_pdbx_audit_revision_history.data_content_type 
_pdbx_audit_revision_history.major_revision 
_pdbx_audit_revision_history.minor_revision 
_pdbx_audit_revision_history.revision_date 
1 'Structure model' 1 0 1997-04-01 
2 'Structure model' 1 1 2008-03-24 
3 'Structure model' 1 2 2011-07-13 
4 'Structure model' 1 3 2024-10-23 
# 
_pdbx_audit_revision_details.ordinal             1 
_pdbx_audit_revision_details.revision_ordinal    1 
_pdbx_audit_revision_details.data_content_type   'Structure model' 
_pdbx_audit_revision_details.provider            repository 
_pdbx_audit_revision_details.type                'Initial release' 
_pdbx_audit_revision_details.description         ? 
_pdbx_audit_revision_details.details             ? 
# 
loop_
_pdbx_audit_revision_group.ordinal 
_pdbx_audit_revision_group.revision_ordinal 
_pdbx_audit_revision_group.data_content_type 
_pdbx_audit_revision_group.group 
1 2 'Structure model' 'Version format compliance' 
2 3 'Structure model' 'Derived calculations'      
3 3 'Structure model' 'Version format compliance' 
4 4 'Structure model' 'Data collection'           
5 4 'Structure model' 'Database references'       
6 4 'Structure model' 'Structure summary'         
# 
loop_
_pdbx_audit_revision_category.ordinal 
_pdbx_audit_revision_category.revision_ordinal 
_pdbx_audit_revision_category.data_content_type 
_pdbx_audit_revision_category.category 
1 4 'Structure model' chem_comp_atom            
2 4 'Structure model' chem_comp_bond            
3 4 'Structure model' database_2                
4 4 'Structure model' pdbx_entry_details        
5 4 'Structure model' pdbx_modification_feature 
# 
loop_
_pdbx_audit_revision_item.ordinal 
_pdbx_audit_revision_item.revision_ordinal 
_pdbx_audit_revision_item.data_content_type 
_pdbx_audit_revision_item.item 
1 4 'Structure model' '_database_2.pdbx_DOI'                         
2 4 'Structure model' '_database_2.pdbx_database_accession'          
3 4 'Structure model' '_pdbx_entry_details.has_protein_modification' 
# 
_pdbx_database_status.status_code                     REL 
_pdbx_database_status.entry_id                        1VLK 
_pdbx_database_status.recvd_initial_deposition_date   1997-02-14 
_pdbx_database_status.deposit_site                    ? 
_pdbx_database_status.process_site                    BNL 
_pdbx_database_status.status_code_sf                  REL 
_pdbx_database_status.status_code_mr                  ? 
_pdbx_database_status.SG_entry                        ? 
_pdbx_database_status.pdb_format_compatible           Y 
_pdbx_database_status.status_code_cs                  ? 
_pdbx_database_status.status_code_nmr_data            ? 
_pdbx_database_status.methods_development_category    ? 
# 
loop_
_audit_author.name 
_audit_author.pdbx_ordinal 
'Zdanov, A.'      1 
'Schalk-Hihi, C.' 2 
'Wlodawer, A.'    3 
# 
loop_
_citation.id 
_citation.title 
_citation.journal_abbrev 
_citation.journal_volume 
_citation.page_first 
_citation.page_last 
_citation.year 
_citation.journal_id_ASTM 
_citation.country 
_citation.journal_id_ISSN 
_citation.journal_id_CSD 
_citation.book_publisher 
_citation.pdbx_database_id_PubMed 
_citation.pdbx_database_id_DOI 
primary 'Crystal structure of Epstein-Barr virus protein BCRF1, a homolog of cellular interleukin-10.' J.Mol.Biol.    268 460  467 
1997 JMOBAK UK 0022-2836 0070 ? 9159483 10.1006/jmbi.1997.0990 
1       'Crystal Structure of Human Interleukin-10 at 1.6 A Resolution and a Model of a Complex with its Soluble Receptor' 
'Protein Sci.' 5   1995 ?   1996 PRCIEI US 0961-8368 0795 ? ?       ?                      
2       
'Crystal Structure of Interleukin-10 Reveals the Functional Dimer with an Unexpected Topological Similarity to Interferon Gamma' 
Structure      3   591  ?   1995 STRUE6 UK 0969-2126 2005 ? ?       ?                      
# 
loop_
_citation_author.citation_id 
_citation_author.name 
_citation_author.ordinal 
_citation_author.identifier_ORCID 
primary 'Zdanov, A.'      1  ? 
primary 'Schalk-Hihi, C.' 2  ? 
primary 'Menon, S.'       3  ? 
primary 'Moore, K.W.'     4  ? 
primary 'Wlodawer, A.'    5  ? 
1       'Zdanov, A.'      6  ? 
1       'Schalk-Hihi, C.' 7  ? 
1       'Wlodawer, A.'    8  ? 
2       'Zdanov, A.'      9  ? 
2       'Schalk-Hihi, C.' 10 ? 
2       'Gustchina, A.'   11 ? 
2       'Tsang, M.'       12 ? 
2       'Weatherbee, J.'  13 ? 
2       'Wlodawer, A.'    14 ? 
# 
loop_
_entity.id 
_entity.type 
_entity.src_method 
_entity.pdbx_description 
_entity.formula_weight 
_entity.pdbx_number_of_molecules 
_entity.pdbx_ec 
_entity.pdbx_mutation 
_entity.pdbx_fragment 
_entity.details 
1 polymer man 'VIRAL INTERLEUKIN-10' 17162.711 1  ? ? ? ? 
2 water   nat water                  18.015    75 ? ? ? ? 
# 
_entity_name_com.entity_id   1 
_entity_name_com.name        'BCRF1 PROTEIN' 
# 
_entity_poly.entity_id                      1 
_entity_poly.type                           'polypeptide(L)' 
_entity_poly.nstd_linkage                   no 
_entity_poly.nstd_monomer                   no 
_entity_poly.pdbx_seq_one_letter_code       
;QCDNFPQMLRDLRDAFSRVKTFFQTKDEVDNLLLKESLLEDFKGYLGCQALSEMIQFYLEEVMPQAENQDPEAKDHVNSL
GENLKTLRLRLRRCHRFLPCENKSKAVEQIKNAFNKLQEKGIYKAMSEFDIFINYIEAYMTIKAR
;
_entity_poly.pdbx_seq_one_letter_code_can   
;QCDNFPQMLRDLRDAFSRVKTFFQTKDEVDNLLLKESLLEDFKGYLGCQALSEMIQFYLEEVMPQAENQDPEAKDHVNSL
GENLKTLRLRLRRCHRFLPCENKSKAVEQIKNAFNKLQEKGIYKAMSEFDIFINYIEAYMTIKAR
;
_entity_poly.pdbx_strand_id                 A 
_entity_poly.pdbx_target_identifier         ? 
# 
_pdbx_entity_nonpoly.entity_id   2 
_pdbx_entity_nonpoly.name        water 
_pdbx_entity_nonpoly.comp_id     HOH 
# 
loop_
_entity_poly_seq.entity_id 
_entity_poly_seq.num 
_entity_poly_seq.mon_id 
_entity_poly_seq.hetero 
1 1   GLN n 
1 2   CYS n 
1 3   ASP n 
1 4   ASN n 
1 5   PHE n 
1 6   PRO n 
1 7   GLN n 
1 8   MET n 
1 9   LEU n 
1 10  ARG n 
1 11  ASP n 
1 12  LEU n 
1 13  ARG n 
1 14  ASP n 
1 15  ALA n 
1 16  PHE n 
1 17  SER n 
1 18  ARG n 
1 19  VAL n 
1 20  LYS n 
1 21  THR n 
1 22  PHE n 
1 23  PHE n 
1 24  GLN n 
1 25  THR n 
1 26  LYS n 
1 27  ASP n 
1 28  GLU n 
1 29  VAL n 
1 30  ASP n 
1 31  ASN n 
1 32  LEU n 
1 33  LEU n 
1 34  LEU n 
1 35  LYS n 
1 36  GLU n 
1 37  SER n 
1 38  LEU n 
1 39  LEU n 
1 40  GLU n 
1 41  ASP n 
1 42  PHE n 
1 43  LYS n 
1 44  GLY n 
1 45  TYR n 
1 46  LEU n 
1 47  GLY n 
1 48  CYS n 
1 49  GLN n 
1 50  ALA n 
1 51  LEU n 
1 52  SER n 
1 53  GLU n 
1 54  MET n 
1 55  ILE n 
1 56  GLN n 
1 57  PHE n 
1 58  TYR n 
1 59  LEU n 
1 60  GLU n 
1 61  GLU n 
1 62  VAL n 
1 63  MET n 
1 64  PRO n 
1 65  GLN n 
1 66  ALA n 
1 67  GLU n 
1 68  ASN n 
1 69  GLN n 
1 70  ASP n 
1 71  PRO n 
1 72  GLU n 
1 73  ALA n 
1 74  LYS n 
1 75  ASP n 
1 76  HIS n 
1 77  VAL n 
1 78  ASN n 
1 79  SER n 
1 80  LEU n 
1 81  GLY n 
1 82  GLU n 
1 83  ASN n 
1 84  LEU n 
1 85  LYS n 
1 86  THR n 
1 87  LEU n 
1 88  ARG n 
1 89  LEU n 
1 90  ARG n 
1 91  LEU n 
1 92  ARG n 
1 93  ARG n 
1 94  CYS n 
1 95  HIS n 
1 96  ARG n 
1 97  PHE n 
1 98  LEU n 
1 99  PRO n 
1 100 CYS n 
1 101 GLU n 
1 102 ASN n 
1 103 LYS n 
1 104 SER n 
1 105 LYS n 
1 106 ALA n 
1 107 VAL n 
1 108 GLU n 
1 109 GLN n 
1 110 ILE n 
1 111 LYS n 
1 112 ASN n 
1 113 ALA n 
1 114 PHE n 
1 115 ASN n 
1 116 LYS n 
1 117 LEU n 
1 118 GLN n 
1 119 GLU n 
1 120 LYS n 
1 121 GLY n 
1 122 ILE n 
1 123 TYR n 
1 124 LYS n 
1 125 ALA n 
1 126 MET n 
1 127 SER n 
1 128 GLU n 
1 129 PHE n 
1 130 ASP n 
1 131 ILE n 
1 132 PHE n 
1 133 ILE n 
1 134 ASN n 
1 135 TYR n 
1 136 ILE n 
1 137 GLU n 
1 138 ALA n 
1 139 TYR n 
1 140 MET n 
1 141 THR n 
1 142 ILE n 
1 143 LYS n 
1 144 ALA n 
1 145 ARG n 
# 
_entity_src_gen.entity_id                          1 
_entity_src_gen.pdbx_src_id                        1 
_entity_src_gen.pdbx_alt_source_flag               sample 
_entity_src_gen.pdbx_seq_type                      ? 
_entity_src_gen.pdbx_beg_seq_num                   ? 
_entity_src_gen.pdbx_end_seq_num                   ? 
_entity_src_gen.gene_src_common_name               'Epstein-Barr virus' 
_entity_src_gen.gene_src_genus                     Lymphocryptovirus 
_entity_src_gen.pdbx_gene_src_gene                 ? 
_entity_src_gen.gene_src_species                   ? 
_entity_src_gen.gene_src_strain                    GD1 
_entity_src_gen.gene_src_tissue                    ? 
_entity_src_gen.gene_src_tissue_fraction           ? 
_entity_src_gen.gene_src_details                   ? 
_entity_src_gen.pdbx_gene_src_fragment             ? 
_entity_src_gen.pdbx_gene_src_scientific_name      'Human herpesvirus 4' 
_entity_src_gen.pdbx_gene_src_ncbi_taxonomy_id     10376 
_entity_src_gen.pdbx_gene_src_variant              ? 
_entity_src_gen.pdbx_gene_src_cell_line            ? 
_entity_src_gen.pdbx_gene_src_atcc                 ? 
_entity_src_gen.pdbx_gene_src_organ                ? 
_entity_src_gen.pdbx_gene_src_organelle            ? 
_entity_src_gen.pdbx_gene_src_cell                 ? 
_entity_src_gen.pdbx_gene_src_cellular_location    ? 
_entity_src_gen.host_org_common_name               ? 
_entity_src_gen.pdbx_host_org_scientific_name      'Escherichia coli' 
_entity_src_gen.pdbx_host_org_ncbi_taxonomy_id     562 
_entity_src_gen.host_org_genus                     Escherichia 
_entity_src_gen.pdbx_host_org_gene                 ? 
_entity_src_gen.pdbx_host_org_organ                ? 
_entity_src_gen.host_org_species                   ? 
_entity_src_gen.pdbx_host_org_tissue               ? 
_entity_src_gen.pdbx_host_org_tissue_fraction      ? 
_entity_src_gen.pdbx_host_org_strain               ? 
_entity_src_gen.pdbx_host_org_variant              ? 
_entity_src_gen.pdbx_host_org_cell_line            ? 
_entity_src_gen.pdbx_host_org_atcc                 ? 
_entity_src_gen.pdbx_host_org_culture_collection   ? 
_entity_src_gen.pdbx_host_org_cell                 ? 
_entity_src_gen.pdbx_host_org_organelle            ? 
_entity_src_gen.pdbx_host_org_cellular_location    ? 
_entity_src_gen.pdbx_host_org_vector_type          ? 
_entity_src_gen.pdbx_host_org_vector               ? 
_entity_src_gen.host_org_details                   ? 
_entity_src_gen.expression_system_id               ? 
_entity_src_gen.plasmid_name                       ? 
_entity_src_gen.plasmid_details                    ? 
_entity_src_gen.pdbx_description                   ? 
# 
loop_
_chem_comp.id 
_chem_comp.type 
_chem_comp.mon_nstd_flag 
_chem_comp.name 
_chem_comp.pdbx_synonyms 
_chem_comp.formula 
_chem_comp.formula_weight 
ALA 'L-peptide linking' y ALANINE         ? 'C3 H7 N O2'     89.093  
ARG 'L-peptide linking' y ARGININE        ? 'C6 H15 N4 O2 1' 175.209 
ASN 'L-peptide linking' y ASPARAGINE      ? 'C4 H8 N2 O3'    132.118 
ASP 'L-peptide linking' y 'ASPARTIC ACID' ? 'C4 H7 N O4'     133.103 
CYS 'L-peptide linking' y CYSTEINE        ? 'C3 H7 N O2 S'   121.158 
GLN 'L-peptide linking' y GLUTAMINE       ? 'C5 H10 N2 O3'   146.144 
GLU 'L-peptide linking' y 'GLUTAMIC ACID' ? 'C5 H9 N O4'     147.129 
GLY 'peptide linking'   y GLYCINE         ? 'C2 H5 N O2'     75.067  
HIS 'L-peptide linking' y HISTIDINE       ? 'C6 H10 N3 O2 1' 156.162 
HOH non-polymer         . WATER           ? 'H2 O'           18.015  
ILE 'L-peptide linking' y ISOLEUCINE      ? 'C6 H13 N O2'    131.173 
LEU 'L-peptide linking' y LEUCINE         ? 'C6 H13 N O2'    131.173 
LYS 'L-peptide linking' y LYSINE          ? 'C6 H15 N2 O2 1' 147.195 
MET 'L-peptide linking' y METHIONINE      ? 'C5 H11 N O2 S'  149.211 
PHE 'L-peptide linking' y PHENYLALANINE   ? 'C9 H11 N O2'    165.189 
PRO 'L-peptide linking' y PROLINE         ? 'C5 H9 N O2'     115.130 
SER 'L-peptide linking' y SERINE          ? 'C3 H7 N O3'     105.093 
THR 'L-peptide linking' y THREONINE       ? 'C4 H9 N O3'     119.119 
TYR 'L-peptide linking' y TYROSINE        ? 'C9 H11 N O3'    181.189 
VAL 'L-peptide linking' y VALINE          ? 'C5 H11 N O2'    117.146 
# 
loop_
_pdbx_poly_seq_scheme.asym_id 
_pdbx_poly_seq_scheme.entity_id 
_pdbx_poly_seq_scheme.seq_id 
_pdbx_poly_seq_scheme.mon_id 
_pdbx_poly_seq_scheme.ndb_seq_num 
_pdbx_poly_seq_scheme.pdb_seq_num 
_pdbx_poly_seq_scheme.auth_seq_num 
_pdbx_poly_seq_scheme.pdb_mon_id 
_pdbx_poly_seq_scheme.auth_mon_id 
_pdbx_poly_seq_scheme.pdb_strand_id 
_pdbx_poly_seq_scheme.pdb_ins_code 
_pdbx_poly_seq_scheme.hetero 
A 1 1   GLN 1   11  ?   ?   ?   A . n 
A 1 2   CYS 2   12  12  CYS CYS A . n 
A 1 3   ASP 3   13  13  ASP ASP A . n 
A 1 4   ASN 4   14  14  ASN ASN A . n 
A 1 5   PHE 5   15  15  PHE PHE A . n 
A 1 6   PRO 6   16  16  PRO PRO A . n 
A 1 7   GLN 7   21  21  GLN GLN A . n 
A 1 8   MET 8   22  22  MET MET A . n 
A 1 9   LEU 9   23  23  LEU LEU A . n 
A 1 10  ARG 10  24  24  ARG ARG A . n 
A 1 11  ASP 11  25  25  ASP ASP A . n 
A 1 12  LEU 12  26  26  LEU LEU A . n 
A 1 13  ARG 13  27  27  ARG ARG A . n 
A 1 14  ASP 14  28  28  ASP ASP A . n 
A 1 15  ALA 15  29  29  ALA ALA A . n 
A 1 16  PHE 16  30  30  PHE PHE A . n 
A 1 17  SER 17  31  31  SER SER A . n 
A 1 18  ARG 18  32  32  ARG ARG A . n 
A 1 19  VAL 19  33  33  VAL VAL A . n 
A 1 20  LYS 20  34  34  LYS LYS A . n 
A 1 21  THR 21  35  35  THR THR A . n 
A 1 22  PHE 22  36  36  PHE PHE A . n 
A 1 23  PHE 23  37  37  PHE PHE A . n 
A 1 24  GLN 24  38  38  GLN GLN A . n 
A 1 25  THR 25  39  39  THR THR A . n 
A 1 26  LYS 26  40  40  LYS LYS A . n 
A 1 27  ASP 27  41  41  ASP ASP A . n 
A 1 28  GLU 28  42  42  GLU GLU A . n 
A 1 29  VAL 29  43  43  VAL VAL A . n 
A 1 30  ASP 30  44  44  ASP ASP A . n 
A 1 31  ASN 31  45  45  ASN ASN A . n 
A 1 32  LEU 32  46  46  LEU LEU A . n 
A 1 33  LEU 33  47  47  LEU LEU A . n 
A 1 34  LEU 34  48  48  LEU LEU A . n 
A 1 35  LYS 35  49  49  LYS LYS A . n 
A 1 36  GLU 36  50  50  GLU GLU A . n 
A 1 37  SER 37  51  51  SER SER A . n 
A 1 38  LEU 38  52  52  LEU LEU A . n 
A 1 39  LEU 39  53  53  LEU LEU A . n 
A 1 40  GLU 40  54  54  GLU GLU A . n 
A 1 41  ASP 41  55  55  ASP ASP A . n 
A 1 42  PHE 42  56  56  PHE PHE A . n 
A 1 43  LYS 43  57  57  LYS LYS A . n 
A 1 44  GLY 44  58  58  GLY GLY A . n 
A 1 45  TYR 45  59  59  TYR TYR A . n 
A 1 46  LEU 46  60  60  LEU LEU A . n 
A 1 47  GLY 47  61  61  GLY GLY A . n 
A 1 48  CYS 48  62  62  CYS CYS A . n 
A 1 49  GLN 49  63  63  GLN GLN A . n 
A 1 50  ALA 50  64  64  ALA ALA A . n 
A 1 51  LEU 51  65  65  LEU LEU A . n 
A 1 52  SER 52  66  66  SER SER A . n 
A 1 53  GLU 53  67  67  GLU GLU A . n 
A 1 54  MET 54  68  68  MET MET A . n 
A 1 55  ILE 55  69  69  ILE ILE A . n 
A 1 56  GLN 56  70  70  GLN GLN A . n 
A 1 57  PHE 57  71  71  PHE PHE A . n 
A 1 58  TYR 58  72  72  TYR TYR A . n 
A 1 59  LEU 59  73  73  LEU LEU A . n 
A 1 60  GLU 60  74  74  GLU GLU A . n 
A 1 61  GLU 61  75  75  GLU GLU A . n 
A 1 62  VAL 62  76  76  VAL VAL A . n 
A 1 63  MET 63  77  77  MET MET A . n 
A 1 64  PRO 64  78  78  PRO PRO A . n 
A 1 65  GLN 65  79  79  GLN GLN A . n 
A 1 66  ALA 66  80  80  ALA ALA A . n 
A 1 67  GLU 67  81  81  GLU GLU A . n 
A 1 68  ASN 68  82  82  ASN ASN A . n 
A 1 69  GLN 69  83  83  GLN GLN A . n 
A 1 70  ASP 70  84  84  ASP ASP A . n 
A 1 71  PRO 71  85  85  PRO PRO A . n 
A 1 72  GLU 72  86  86  GLU GLU A . n 
A 1 73  ALA 73  87  87  ALA ALA A . n 
A 1 74  LYS 74  88  88  LYS LYS A . n 
A 1 75  ASP 75  89  89  ASP ASP A . n 
A 1 76  HIS 76  90  90  HIS HIS A . n 
A 1 77  VAL 77  91  91  VAL VAL A . n 
A 1 78  ASN 78  92  92  ASN ASN A . n 
A 1 79  SER 79  93  93  SER SER A . n 
A 1 80  LEU 80  94  94  LEU LEU A . n 
A 1 81  GLY 81  95  95  GLY GLY A . n 
A 1 82  GLU 82  96  96  GLU GLU A . n 
A 1 83  ASN 83  97  97  ASN ASN A . n 
A 1 84  LEU 84  98  98  LEU LEU A . n 
A 1 85  LYS 85  99  99  LYS LYS A . n 
A 1 86  THR 86  100 100 THR THR A . n 
A 1 87  LEU 87  101 101 LEU LEU A . n 
A 1 88  ARG 88  102 102 ARG ARG A . n 
A 1 89  LEU 89  103 103 LEU LEU A . n 
A 1 90  ARG 90  104 104 ARG ARG A . n 
A 1 91  LEU 91  105 105 LEU LEU A . n 
A 1 92  ARG 92  106 106 ARG ARG A . n 
A 1 93  ARG 93  107 107 ARG ARG A . n 
A 1 94  CYS 94  108 108 CYS CYS A . n 
A 1 95  HIS 95  109 109 HIS HIS A . n 
A 1 96  ARG 96  110 110 ARG ARG A . n 
A 1 97  PHE 97  111 111 PHE PHE A . n 
A 1 98  LEU 98  112 112 LEU LEU A . n 
A 1 99  PRO 99  113 113 PRO PRO A . n 
A 1 100 CYS 100 114 114 CYS CYS A . n 
A 1 101 GLU 101 115 115 GLU GLU A . n 
A 1 102 ASN 102 116 116 ASN ASN A . n 
A 1 103 LYS 103 117 117 LYS LYS A . n 
A 1 104 SER 104 118 118 SER SER A . n 
A 1 105 LYS 105 119 119 LYS LYS A . n 
A 1 106 ALA 106 120 120 ALA ALA A . n 
A 1 107 VAL 107 121 121 VAL VAL A . n 
A 1 108 GLU 108 122 122 GLU GLU A . n 
A 1 109 GLN 109 123 123 GLN GLN A . n 
A 1 110 ILE 110 124 124 ILE ILE A . n 
A 1 111 LYS 111 125 125 LYS LYS A . n 
A 1 112 ASN 112 126 126 ASN ASN A . n 
A 1 113 ALA 113 127 127 ALA ALA A . n 
A 1 114 PHE 114 128 128 PHE PHE A . n 
A 1 115 ASN 115 129 129 ASN ASN A . n 
A 1 116 LYS 116 130 130 LYS LYS A . n 
A 1 117 LEU 117 131 131 LEU LEU A . n 
A 1 118 GLN 118 132 132 GLN GLN A . n 
A 1 119 GLU 119 133 133 GLU GLU A . n 
A 1 120 LYS 120 134 134 LYS LYS A . n 
A 1 121 GLY 121 135 135 GLY GLY A . n 
A 1 122 ILE 122 136 136 ILE ILE A . n 
A 1 123 TYR 123 137 137 TYR TYR A . n 
A 1 124 LYS 124 138 138 LYS LYS A . n 
A 1 125 ALA 125 139 139 ALA ALA A . n 
A 1 126 MET 126 140 140 MET MET A . n 
A 1 127 SER 127 141 141 SER SER A . n 
A 1 128 GLU 128 142 142 GLU GLU A . n 
A 1 129 PHE 129 143 143 PHE PHE A . n 
A 1 130 ASP 130 144 144 ASP ASP A . n 
A 1 131 ILE 131 145 145 ILE ILE A . n 
A 1 132 PHE 132 146 146 PHE PHE A . n 
A 1 133 ILE 133 147 147 ILE ILE A . n 
A 1 134 ASN 134 148 148 ASN ASN A . n 
A 1 135 TYR 135 149 149 TYR TYR A . n 
A 1 136 ILE 136 150 150 ILE ILE A . n 
A 1 137 GLU 137 151 151 GLU GLU A . n 
A 1 138 ALA 138 152 152 ALA ALA A . n 
A 1 139 TYR 139 153 153 TYR TYR A . n 
A 1 140 MET 140 154 154 MET MET A . n 
A 1 141 THR 141 155 155 THR THR A . n 
A 1 142 ILE 142 156 156 ILE ILE A . n 
A 1 143 LYS 143 157 157 LYS LYS A . n 
A 1 144 ALA 144 158 ?   ?   ?   A . n 
A 1 145 ARG 145 159 ?   ?   ?   A . n 
# 
loop_
_pdbx_nonpoly_scheme.asym_id 
_pdbx_nonpoly_scheme.entity_id 
_pdbx_nonpoly_scheme.mon_id 
_pdbx_nonpoly_scheme.ndb_seq_num 
_pdbx_nonpoly_scheme.pdb_seq_num 
_pdbx_nonpoly_scheme.auth_seq_num 
_pdbx_nonpoly_scheme.pdb_mon_id 
_pdbx_nonpoly_scheme.auth_mon_id 
_pdbx_nonpoly_scheme.pdb_strand_id 
_pdbx_nonpoly_scheme.pdb_ins_code 
B 2 HOH 1  201 201 HOH HOH A . 
B 2 HOH 2  202 202 HOH HOH A . 
B 2 HOH 3  203 203 HOH HOH A . 
B 2 HOH 4  204 204 HOH HOH A . 
B 2 HOH 5  205 205 HOH HOH A . 
B 2 HOH 6  206 206 HOH HOH A . 
B 2 HOH 7  207 207 HOH HOH A . 
B 2 HOH 8  208 208 HOH HOH A . 
B 2 HOH 9  209 209 HOH HOH A . 
B 2 HOH 10 210 210 HOH HOH A . 
B 2 HOH 11 211 211 HOH HOH A . 
B 2 HOH 12 212 212 HOH HOH A . 
B 2 HOH 13 213 213 HOH HOH A . 
B 2 HOH 14 214 214 HOH HOH A . 
B 2 HOH 15 215 215 HOH HOH A . 
B 2 HOH 16 216 216 HOH HOH A . 
B 2 HOH 17 217 217 HOH HOH A . 
B 2 HOH 18 218 218 HOH HOH A . 
B 2 HOH 19 219 219 HOH HOH A . 
B 2 HOH 20 220 220 HOH HOH A . 
B 2 HOH 21 221 221 HOH HOH A . 
B 2 HOH 22 222 222 HOH HOH A . 
B 2 HOH 23 223 223 HOH HOH A . 
B 2 HOH 24 224 224 HOH HOH A . 
B 2 HOH 25 225 225 HOH HOH A . 
B 2 HOH 26 226 226 HOH HOH A . 
B 2 HOH 27 227 227 HOH HOH A . 
B 2 HOH 28 228 228 HOH HOH A . 
B 2 HOH 29 229 229 HOH HOH A . 
B 2 HOH 30 230 230 HOH HOH A . 
B 2 HOH 31 231 231 HOH HOH A . 
B 2 HOH 32 232 232 HOH HOH A . 
B 2 HOH 33 233 233 HOH HOH A . 
B 2 HOH 34 234 234 HOH HOH A . 
B 2 HOH 35 235 235 HOH HOH A . 
B 2 HOH 36 236 236 HOH HOH A . 
B 2 HOH 37 237 237 HOH HOH A . 
B 2 HOH 38 238 238 HOH HOH A . 
B 2 HOH 39 239 239 HOH HOH A . 
B 2 HOH 40 240 240 HOH HOH A . 
B 2 HOH 41 241 241 HOH HOH A . 
B 2 HOH 42 242 242 HOH HOH A . 
B 2 HOH 43 243 243 HOH HOH A . 
B 2 HOH 44 244 244 HOH HOH A . 
B 2 HOH 45 245 245 HOH HOH A . 
B 2 HOH 46 246 246 HOH HOH A . 
B 2 HOH 47 247 247 HOH HOH A . 
B 2 HOH 48 248 248 HOH HOH A . 
B 2 HOH 49 249 249 HOH HOH A . 
B 2 HOH 50 250 250 HOH HOH A . 
B 2 HOH 51 251 251 HOH HOH A . 
B 2 HOH 52 252 252 HOH HOH A . 
B 2 HOH 53 253 253 HOH HOH A . 
B 2 HOH 54 254 254 HOH HOH A . 
B 2 HOH 55 255 255 HOH HOH A . 
B 2 HOH 56 256 256 HOH HOH A . 
B 2 HOH 57 257 257 HOH HOH A . 
B 2 HOH 58 258 258 HOH HOH A . 
B 2 HOH 59 259 259 HOH HOH A . 
B 2 HOH 60 260 260 HOH HOH A . 
B 2 HOH 61 261 261 HOH HOH A . 
B 2 HOH 62 262 262 HOH HOH A . 
B 2 HOH 63 263 263 HOH HOH A . 
B 2 HOH 64 264 264 HOH HOH A . 
B 2 HOH 65 265 265 HOH HOH A . 
B 2 HOH 66 266 266 HOH HOH A . 
B 2 HOH 67 267 267 HOH HOH A . 
B 2 HOH 68 268 268 HOH HOH A . 
B 2 HOH 69 269 269 HOH HOH A . 
B 2 HOH 70 270 270 HOH HOH A . 
B 2 HOH 71 271 271 HOH HOH A . 
B 2 HOH 72 272 272 HOH HOH A . 
B 2 HOH 73 273 273 HOH HOH A . 
B 2 HOH 74 274 274 HOH HOH A . 
B 2 HOH 75 275 275 HOH HOH A . 
# 
loop_
_pdbx_unobs_or_zero_occ_atoms.id 
_pdbx_unobs_or_zero_occ_atoms.PDB_model_num 
_pdbx_unobs_or_zero_occ_atoms.polymer_flag 
_pdbx_unobs_or_zero_occ_atoms.occupancy_flag 
_pdbx_unobs_or_zero_occ_atoms.auth_asym_id 
_pdbx_unobs_or_zero_occ_atoms.auth_comp_id 
_pdbx_unobs_or_zero_occ_atoms.auth_seq_id 
_pdbx_unobs_or_zero_occ_atoms.PDB_ins_code 
_pdbx_unobs_or_zero_occ_atoms.auth_atom_id 
_pdbx_unobs_or_zero_occ_atoms.label_alt_id 
_pdbx_unobs_or_zero_occ_atoms.label_asym_id 
_pdbx_unobs_or_zero_occ_atoms.label_comp_id 
_pdbx_unobs_or_zero_occ_atoms.label_seq_id 
_pdbx_unobs_or_zero_occ_atoms.label_atom_id 
1  1 Y 1 A ASP 13  ? CB  ? A ASP 3   CB  
2  1 Y 1 A ASP 13  ? CG  ? A ASP 3   CG  
3  1 Y 1 A ASP 13  ? OD1 ? A ASP 3   OD1 
4  1 Y 1 A ASP 13  ? OD2 ? A ASP 3   OD2 
5  1 Y 1 A ASN 14  ? CB  ? A ASN 4   CB  
6  1 Y 1 A ASN 14  ? CG  ? A ASN 4   CG  
7  1 Y 1 A ASN 14  ? OD1 ? A ASN 4   OD1 
8  1 Y 1 A ASN 14  ? ND2 ? A ASN 4   ND2 
9  1 Y 1 A GLN 21  ? CG  ? A GLN 7   CG  
10 1 Y 1 A GLN 21  ? CD  ? A GLN 7   CD  
11 1 Y 1 A GLN 21  ? OE1 ? A GLN 7   OE1 
12 1 Y 1 A GLN 21  ? NE2 ? A GLN 7   NE2 
13 1 Y 1 A MET 22  ? CG  ? A MET 8   CG  
14 1 Y 1 A MET 22  ? SD  ? A MET 8   SD  
15 1 Y 1 A MET 22  ? CE  ? A MET 8   CE  
16 1 Y 1 A GLN 38  ? CB  ? A GLN 24  CB  
17 1 Y 1 A GLN 38  ? CG  ? A GLN 24  CG  
18 1 Y 1 A GLN 38  ? CD  ? A GLN 24  CD  
19 1 Y 1 A GLN 38  ? OE1 ? A GLN 24  OE1 
20 1 Y 1 A GLN 38  ? NE2 ? A GLN 24  NE2 
21 1 Y 1 A LYS 40  ? CB  ? A LYS 26  CB  
22 1 Y 1 A LYS 40  ? CG  ? A LYS 26  CG  
23 1 Y 1 A LYS 40  ? CD  ? A LYS 26  CD  
24 1 Y 1 A LYS 40  ? CE  ? A LYS 26  CE  
25 1 Y 1 A LYS 40  ? NZ  ? A LYS 26  NZ  
26 1 Y 1 A ASP 41  ? CB  ? A ASP 27  CB  
27 1 Y 1 A ASP 41  ? CG  ? A ASP 27  CG  
28 1 Y 1 A ASP 41  ? OD1 ? A ASP 27  OD1 
29 1 Y 1 A ASP 41  ? OD2 ? A ASP 27  OD2 
30 1 Y 1 A GLU 42  ? CG  ? A GLU 28  CG  
31 1 Y 1 A GLU 42  ? CD  ? A GLU 28  CD  
32 1 Y 1 A GLU 42  ? OE1 ? A GLU 28  OE1 
33 1 Y 1 A GLU 42  ? OE2 ? A GLU 28  OE2 
34 1 Y 1 A VAL 43  ? CB  ? A VAL 29  CB  
35 1 Y 1 A VAL 43  ? CG1 ? A VAL 29  CG1 
36 1 Y 1 A VAL 43  ? CG2 ? A VAL 29  CG2 
37 1 Y 1 A ASP 44  ? CB  ? A ASP 30  CB  
38 1 Y 1 A ASP 44  ? CG  ? A ASP 30  CG  
39 1 Y 1 A ASP 44  ? OD1 ? A ASP 30  OD1 
40 1 Y 1 A ASP 44  ? OD2 ? A ASP 30  OD2 
41 1 Y 1 A ASN 45  ? CG  ? A ASN 31  CG  
42 1 Y 1 A ASN 45  ? OD1 ? A ASN 31  OD1 
43 1 Y 1 A ASN 45  ? ND2 ? A ASN 31  ND2 
44 1 Y 1 A GLU 74  ? CG  ? A GLU 60  CG  
45 1 Y 1 A GLU 74  ? CD  ? A GLU 60  CD  
46 1 Y 1 A GLU 74  ? OE1 ? A GLU 60  OE1 
47 1 Y 1 A GLU 74  ? OE2 ? A GLU 60  OE2 
48 1 Y 1 A LYS 119 ? CG  ? A LYS 105 CG  
49 1 Y 1 A LYS 119 ? CD  ? A LYS 105 CD  
50 1 Y 1 A LYS 119 ? CE  ? A LYS 105 CE  
51 1 Y 1 A LYS 119 ? NZ  ? A LYS 105 NZ  
52 1 Y 1 A ILE 156 ? CG1 ? A ILE 142 CG1 
53 1 Y 1 A ILE 156 ? CG2 ? A ILE 142 CG2 
54 1 Y 1 A ILE 156 ? CD1 ? A ILE 142 CD1 
55 1 Y 1 A LYS 157 ? CG  ? A LYS 143 CG  
56 1 Y 1 A LYS 157 ? CD  ? A LYS 143 CD  
57 1 Y 1 A LYS 157 ? CE  ? A LYS 143 CE  
58 1 Y 1 A LYS 157 ? NZ  ? A LYS 143 NZ  
# 
loop_
_software.name 
_software.classification 
_software.version 
_software.citation_id 
_software.pdbx_ordinal 
DENZO  'data reduction' . ? 1 
PROFFT refinement       . ? 2 
# 
_cell.entry_id           1VLK 
_cell.length_a           36.270 
_cell.length_b           36.270 
_cell.length_c           219.600 
_cell.angle_alpha        90.00 
_cell.angle_beta         90.00 
_cell.angle_gamma        90.00 
_cell.Z_PDB              8 
_cell.pdbx_unique_axis   ? 
# 
_symmetry.entry_id                         1VLK 
_symmetry.space_group_name_H-M             'P 43 21 2' 
_symmetry.pdbx_full_space_group_name_H-M   ? 
_symmetry.cell_setting                     ? 
_symmetry.Int_Tables_number                96 
# 
_exptl.entry_id          1VLK 
_exptl.method            'X-RAY DIFFRACTION' 
_exptl.crystals_number   ? 
# 
_exptl_crystal.id                    1 
_exptl_crystal.density_meas          ? 
_exptl_crystal.density_Matthews      2.10 
_exptl_crystal.density_percent_sol   41.53 
_exptl_crystal.description           ? 
# 
_diffrn.id                     1 
_diffrn.ambient_temp           ? 
_diffrn.ambient_temp_details   ? 
_diffrn.crystal_id             1 
# 
_diffrn_detector.diffrn_id              1 
_diffrn_detector.detector               'IMAGE PLATE' 
_diffrn_detector.type                   RIGAKU 
_diffrn_detector.pdbx_collection_date   1996-05-04 
_diffrn_detector.details                ? 
# 
_diffrn_radiation.diffrn_id                        1 
_diffrn_radiation.wavelength_id                    1 
_diffrn_radiation.pdbx_monochromatic_or_laue_m_l   M 
_diffrn_radiation.monochromator                    ? 
_diffrn_radiation.pdbx_diffrn_protocol             ? 
_diffrn_radiation.pdbx_scattering_type             x-ray 
# 
_diffrn_radiation_wavelength.id           1 
_diffrn_radiation_wavelength.wavelength   1.5418 
_diffrn_radiation_wavelength.wt           1.0 
# 
_diffrn_source.diffrn_id                   1 
_diffrn_source.source                      ? 
_diffrn_source.type                        ? 
_diffrn_source.pdbx_synchrotron_site       ? 
_diffrn_source.pdbx_synchrotron_beamline   ? 
_diffrn_source.pdbx_wavelength             1.5418 
_diffrn_source.pdbx_wavelength_list        ? 
# 
_reflns.entry_id                     1VLK 
_reflns.observed_criterion_sigma_I   1.0 
_reflns.observed_criterion_sigma_F   ? 
_reflns.d_resolution_low             ? 
_reflns.d_resolution_high            ? 
_reflns.number_obs                   9860 
_reflns.number_all                   ? 
_reflns.percent_possible_obs         82.0 
_reflns.pdbx_Rmerge_I_obs            0.081 
_reflns.pdbx_Rsym_value              ? 
_reflns.pdbx_netI_over_sigmaI        ? 
_reflns.B_iso_Wilson_estimate        ? 
_reflns.pdbx_redundancy              5.2 
_reflns.pdbx_ordinal                 1 
_reflns.pdbx_diffrn_id               1 
# 
_refine.entry_id                                 1VLK 
_refine.ls_number_reflns_obs                     9860 
_refine.ls_number_reflns_all                     ? 
_refine.pdbx_ls_sigma_I                          ? 
_refine.pdbx_ls_sigma_F                          2.0 
_refine.pdbx_data_cutoff_high_absF               ? 
_refine.pdbx_data_cutoff_low_absF                ? 
_refine.pdbx_data_cutoff_high_rms_absF           ? 
_refine.ls_d_res_low                             10.0 
_refine.ls_d_res_high                            1.9 
_refine.ls_percent_reflns_obs                    ? 
_refine.ls_R_factor_obs                          ? 
_refine.ls_R_factor_all                          ? 
_refine.ls_R_factor_R_work                       0.191 
_refine.ls_R_factor_R_free                       ? 
_refine.ls_R_factor_R_free_error                 ? 
_refine.ls_R_factor_R_free_error_details         ? 
_refine.ls_percent_reflns_R_free                 ? 
_refine.ls_number_reflns_R_free                  ? 
_refine.ls_number_parameters                     ? 
_refine.ls_number_restraints                     ? 
_refine.occupancy_min                            ? 
_refine.occupancy_max                            ? 
_refine.B_iso_mean                               40.0 
_refine.aniso_B[1][1]                            ? 
_refine.aniso_B[2][2]                            ? 
_refine.aniso_B[3][3]                            ? 
_refine.aniso_B[1][2]                            ? 
_refine.aniso_B[1][3]                            ? 
_refine.aniso_B[2][3]                            ? 
_refine.solvent_model_details                    ? 
_refine.solvent_model_param_ksol                 ? 
_refine.solvent_model_param_bsol                 ? 
_refine.pdbx_ls_cross_valid_method               ? 
_refine.details                                  ? 
_refine.pdbx_starting_model                      ? 
_refine.pdbx_method_to_determine_struct          ? 
_refine.pdbx_isotropic_thermal_model             ? 
_refine.pdbx_stereochemistry_target_values       ? 
_refine.pdbx_stereochem_target_val_spec_case     ? 
_refine.pdbx_R_Free_selection_details            ? 
_refine.pdbx_overall_ESU_R                       ? 
_refine.pdbx_overall_ESU_R_Free                  ? 
_refine.overall_SU_ML                            ? 
_refine.overall_SU_B                             ? 
_refine.pdbx_refine_id                           'X-RAY DIFFRACTION' 
_refine.pdbx_diffrn_id                           1 
_refine.pdbx_TLS_residual_ADP_flag               ? 
_refine.correlation_coeff_Fo_to_Fc               ? 
_refine.correlation_coeff_Fo_to_Fc_free          ? 
_refine.pdbx_solvent_vdw_probe_radii             ? 
_refine.pdbx_solvent_ion_probe_radii             ? 
_refine.pdbx_solvent_shrinkage_radii             ? 
_refine.pdbx_overall_phase_error                 ? 
_refine.overall_SU_R_Cruickshank_DPI             ? 
_refine.pdbx_overall_SU_R_free_Cruickshank_DPI   ? 
_refine.pdbx_overall_SU_R_Blow_DPI               ? 
_refine.pdbx_overall_SU_R_free_Blow_DPI          ? 
# 
_refine_hist.pdbx_refine_id                   'X-RAY DIFFRACTION' 
_refine_hist.cycle_id                         LAST 
_refine_hist.pdbx_number_atoms_protein        1118 
_refine_hist.pdbx_number_atoms_nucleic_acid   0 
_refine_hist.pdbx_number_atoms_ligand         0 
_refine_hist.number_atoms_solvent             75 
_refine_hist.number_atoms_total               1193 
_refine_hist.d_res_high                       1.9 
_refine_hist.d_res_low                        10.0 
# 
loop_
_refine_ls_restr.type 
_refine_ls_restr.dev_ideal 
_refine_ls_restr.dev_ideal_target 
_refine_ls_restr.weight 
_refine_ls_restr.number 
_refine_ls_restr.pdbx_refine_id 
_refine_ls_restr.pdbx_restraint_function 
p_bond_d            0.014 0.052 ? ? 'X-RAY DIFFRACTION' ? 
p_angle_d           0.052 0.040 ? ? 'X-RAY DIFFRACTION' ? 
p_angle_deg         ?     ?     ? ? 'X-RAY DIFFRACTION' ? 
p_planar_d          0.062 0.055 ? ? 'X-RAY DIFFRACTION' ? 
p_hb_or_metal_coord ?     ?     ? ? 'X-RAY DIFFRACTION' ? 
p_mcbond_it         2.459 2.5   ? ? 'X-RAY DIFFRACTION' ? 
p_mcangle_it        4.075 3.5   ? ? 'X-RAY DIFFRACTION' ? 
p_scbond_it         5.938 4.0   ? ? 'X-RAY DIFFRACTION' ? 
p_scangle_it        9.287 7.0   ? ? 'X-RAY DIFFRACTION' ? 
p_plane_restr       0.012 0.022 ? ? 'X-RAY DIFFRACTION' ? 
p_chiral_restr      0.190 0.180 ? ? 'X-RAY DIFFRACTION' ? 
p_singtor_nbd       0.225 0.5   ? ? 'X-RAY DIFFRACTION' ? 
p_multtor_nbd       0.248 0.5   ? ? 'X-RAY DIFFRACTION' ? 
p_xhyhbond_nbd      ?     ?     ? ? 'X-RAY DIFFRACTION' ? 
p_xyhbond_nbd       0.250 0.5   ? ? 'X-RAY DIFFRACTION' ? 
p_planar_tor        2.1   3.5   ? ? 'X-RAY DIFFRACTION' ? 
p_staggered_tor     21.9  14.0  ? ? 'X-RAY DIFFRACTION' ? 
p_orthonormal_tor   ?     ?     ? ? 'X-RAY DIFFRACTION' ? 
p_transverse_tor    36.2  12.0  ? ? 'X-RAY DIFFRACTION' ? 
p_special_tor       ?     ?     ? ? 'X-RAY DIFFRACTION' ? 
# 
_struct.entry_id                  1VLK 
_struct.title                     'STRUCTURE OF VIRAL INTERLEUKIN-10' 
_struct.pdbx_model_details        ? 
_struct.pdbx_CASP_flag            ? 
_struct.pdbx_model_type_details   ? 
# 
_struct_keywords.entry_id        1VLK 
_struct_keywords.pdbx_keywords   CYTOKINE 
_struct_keywords.text            'CYTOKINE, GLYCOPROTEIN' 
# 
loop_
_struct_asym.id 
_struct_asym.pdbx_blank_PDB_chainid_flag 
_struct_asym.pdbx_modified 
_struct_asym.entity_id 
_struct_asym.details 
A N N 1 ? 
B N N 2 ? 
# 
_struct_ref.id                         1 
_struct_ref.db_name                    UNP 
_struct_ref.db_code                    IL10H_EBV 
_struct_ref.entity_id                  1 
_struct_ref.pdbx_db_accession          P03180 
_struct_ref.pdbx_align_begin           1 
_struct_ref.pdbx_seq_one_letter_code   
;MERRLVVTLQCLVLLYLAPECGGTDQCDNFPQMLRDLRDAFSRVKTFFQTKDEVDNLLLKESLLEDFKGYLGCQALSEMI
QFYLEEVMPQAENQDPEAKDHVNSLGENLKTLRLRLRRCHRFLPCENKSKAVEQIKNAFNKLQEKGIYKAMSEFDIFINY
IEAYMTIKAR
;
_struct_ref.pdbx_db_isoform            ? 
# 
_struct_ref_seq.align_id                      1 
_struct_ref_seq.ref_id                        1 
_struct_ref_seq.pdbx_PDB_id_code              1VLK 
_struct_ref_seq.pdbx_strand_id                A 
_struct_ref_seq.seq_align_beg                 1 
_struct_ref_seq.pdbx_seq_align_beg_ins_code   ? 
_struct_ref_seq.seq_align_end                 145 
_struct_ref_seq.pdbx_seq_align_end_ins_code   ? 
_struct_ref_seq.pdbx_db_accession             P03180 
_struct_ref_seq.db_align_beg                  26 
_struct_ref_seq.pdbx_db_align_beg_ins_code    ? 
_struct_ref_seq.db_align_end                  170 
_struct_ref_seq.pdbx_db_align_end_ins_code    ? 
_struct_ref_seq.pdbx_auth_seq_align_beg       11 
_struct_ref_seq.pdbx_auth_seq_align_end       159 
# 
_pdbx_struct_assembly.id                   1 
_pdbx_struct_assembly.details              author_and_software_defined_assembly 
_pdbx_struct_assembly.method_details       PISA,PQS 
_pdbx_struct_assembly.oligomeric_details   dimeric 
_pdbx_struct_assembly.oligomeric_count     2 
# 
loop_
_pdbx_struct_assembly_prop.biol_id 
_pdbx_struct_assembly_prop.type 
_pdbx_struct_assembly_prop.value 
_pdbx_struct_assembly_prop.details 
1 'ABSA (A^2)' 8700  ? 
1 MORE         -81   ? 
1 'SSA (A^2)'  13830 ? 
# 
_pdbx_struct_assembly_gen.assembly_id       1 
_pdbx_struct_assembly_gen.oper_expression   1,2 
_pdbx_struct_assembly_gen.asym_id_list      A,B 
# 
loop_
_pdbx_struct_oper_list.id 
_pdbx_struct_oper_list.type 
_pdbx_struct_oper_list.name 
_pdbx_struct_oper_list.symmetry_operation 
_pdbx_struct_oper_list.matrix[1][1] 
_pdbx_struct_oper_list.matrix[1][2] 
_pdbx_struct_oper_list.matrix[1][3] 
_pdbx_struct_oper_list.vector[1] 
_pdbx_struct_oper_list.matrix[2][1] 
_pdbx_struct_oper_list.matrix[2][2] 
_pdbx_struct_oper_list.matrix[2][3] 
_pdbx_struct_oper_list.vector[2] 
_pdbx_struct_oper_list.matrix[3][1] 
_pdbx_struct_oper_list.matrix[3][2] 
_pdbx_struct_oper_list.matrix[3][3] 
_pdbx_struct_oper_list.vector[3] 
1 'identity operation'         1_555 x,y,z            1.0000000000  0.0000000000 0.0000000000  0.0000000000  0.0000000000 1.0000000000 0.0000000000  0.0000000000 0.0000000000  0.0000000000  1.0000000000  0.0000000000  
2 'crystal symmetry operation' 8_775 -y+2,-x+2,-z+1/2 -0.7765071480 0.6300110281 -0.0110794186 -1.6765583399 0.6300110281 0.7759578977 -0.0312321215 0.8935055119 -0.0110794186 -0.0312321215 -0.9994507497 16.9882128470 
# 
_struct_biol.id        1 
_struct_biol.details   'THE FUNCTIONAL MOLECULE IS A DIMER.' 
# 
loop_
_struct_conf.conf_type_id 
_struct_conf.id 
_struct_conf.pdbx_PDB_helix_id 
_struct_conf.beg_label_comp_id 
_struct_conf.beg_label_asym_id 
_struct_conf.beg_label_seq_id 
_struct_conf.pdbx_beg_PDB_ins_code 
_struct_conf.end_label_comp_id 
_struct_conf.end_label_asym_id 
_struct_conf.end_label_seq_id 
_struct_conf.pdbx_end_PDB_ins_code 
_struct_conf.beg_auth_comp_id 
_struct_conf.beg_auth_asym_id 
_struct_conf.beg_auth_seq_id 
_struct_conf.end_auth_comp_id 
_struct_conf.end_auth_asym_id 
_struct_conf.end_auth_seq_id 
_struct_conf.pdbx_PDB_helix_class 
_struct_conf.details 
_struct_conf.pdbx_PDB_helix_length 
HELX_P HELX_P1 1 GLN A 7   ? PHE A 22  ? GLN A 21  PHE A 36  1 ? 16 
HELX_P HELX_P2 2 GLU A 36  ? LYS A 43  ? GLU A 50  LYS A 57  1 ? 8  
HELX_P HELX_P3 3 GLY A 47  ? GLU A 60  ? GLY A 61  GLU A 74  1 ? 14 
HELX_P HELX_P4 4 VAL A 62  ? GLN A 69  ? VAL A 76  GLN A 83  1 ? 8  
HELX_P HELX_P5 5 LYS A 74  ? ARG A 93  ? LYS A 88  ARG A 107 1 ? 20 
HELX_P HELX_P6 6 PRO A 99  ? GLU A 101 ? PRO A 113 GLU A 115 5 ? 3  
HELX_P HELX_P7 7 LYS A 105 ? LYS A 116 ? LYS A 119 LYS A 130 1 ? 12 
HELX_P HELX_P8 8 GLN A 118 ? SER A 127 ? GLN A 132 SER A 141 1 ? 10 
HELX_P HELX_P9 9 PHE A 129 ? THR A 141 ? PHE A 143 THR A 155 1 ? 13 
# 
_struct_conf_type.id          HELX_P 
_struct_conf_type.criteria    ? 
_struct_conf_type.reference   ? 
# 
loop_
_struct_conn.id 
_struct_conn.conn_type_id 
_struct_conn.pdbx_leaving_atom_flag 
_struct_conn.pdbx_PDB_id 
_struct_conn.ptnr1_label_asym_id 
_struct_conn.ptnr1_label_comp_id 
_struct_conn.ptnr1_label_seq_id 
_struct_conn.ptnr1_label_atom_id 
_struct_conn.pdbx_ptnr1_label_alt_id 
_struct_conn.pdbx_ptnr1_PDB_ins_code 
_struct_conn.pdbx_ptnr1_standard_comp_id 
_struct_conn.ptnr1_symmetry 
_struct_conn.ptnr2_label_asym_id 
_struct_conn.ptnr2_label_comp_id 
_struct_conn.ptnr2_label_seq_id 
_struct_conn.ptnr2_label_atom_id 
_struct_conn.pdbx_ptnr2_label_alt_id 
_struct_conn.pdbx_ptnr2_PDB_ins_code 
_struct_conn.ptnr1_auth_asym_id 
_struct_conn.ptnr1_auth_comp_id 
_struct_conn.ptnr1_auth_seq_id 
_struct_conn.ptnr2_auth_asym_id 
_struct_conn.ptnr2_auth_comp_id 
_struct_conn.ptnr2_auth_seq_id 
_struct_conn.ptnr2_symmetry 
_struct_conn.pdbx_ptnr3_label_atom_id 
_struct_conn.pdbx_ptnr3_label_seq_id 
_struct_conn.pdbx_ptnr3_label_comp_id 
_struct_conn.pdbx_ptnr3_label_asym_id 
_struct_conn.pdbx_ptnr3_label_alt_id 
_struct_conn.pdbx_ptnr3_PDB_ins_code 
_struct_conn.details 
_struct_conn.pdbx_dist_value 
_struct_conn.pdbx_value_order 
_struct_conn.pdbx_role 
disulf1 disulf ? ? A CYS 2  SG ? ? ? 1_555 A CYS 94  SG ? ? A CYS 12 A CYS 108 1_555 ? ? ? ? ? ? ? 2.064 ? ? 
disulf2 disulf ? ? A CYS 48 SG ? ? ? 1_555 A CYS 100 SG ? ? A CYS 62 A CYS 114 1_555 ? ? ? ? ? ? ? 1.941 ? ? 
# 
_struct_conn_type.id          disulf 
_struct_conn_type.criteria    ? 
_struct_conn_type.reference   ? 
# 
loop_
_pdbx_modification_feature.ordinal 
_pdbx_modification_feature.label_comp_id 
_pdbx_modification_feature.label_asym_id 
_pdbx_modification_feature.label_seq_id 
_pdbx_modification_feature.label_alt_id 
_pdbx_modification_feature.modified_residue_label_comp_id 
_pdbx_modification_feature.modified_residue_label_asym_id 
_pdbx_modification_feature.modified_residue_label_seq_id 
_pdbx_modification_feature.modified_residue_label_alt_id 
_pdbx_modification_feature.auth_comp_id 
_pdbx_modification_feature.auth_asym_id 
_pdbx_modification_feature.auth_seq_id 
_pdbx_modification_feature.PDB_ins_code 
_pdbx_modification_feature.symmetry 
_pdbx_modification_feature.modified_residue_auth_comp_id 
_pdbx_modification_feature.modified_residue_auth_asym_id 
_pdbx_modification_feature.modified_residue_auth_seq_id 
_pdbx_modification_feature.modified_residue_PDB_ins_code 
_pdbx_modification_feature.modified_residue_symmetry 
_pdbx_modification_feature.comp_id_linking_atom 
_pdbx_modification_feature.modified_residue_id_linking_atom 
_pdbx_modification_feature.modified_residue_id 
_pdbx_modification_feature.ref_pcm_id 
_pdbx_modification_feature.ref_comp_id 
_pdbx_modification_feature.type 
_pdbx_modification_feature.category 
1 CYS A 2  ? CYS A 94  ? CYS A 12 ? 1_555 CYS A 108 ? 1_555 SG SG . . . None 'Disulfide bridge' 
2 CYS A 48 ? CYS A 100 ? CYS A 62 ? 1_555 CYS A 114 ? 1_555 SG SG . . . None 'Disulfide bridge' 
# 
_struct_mon_prot_cis.pdbx_id                1 
_struct_mon_prot_cis.label_comp_id          PHE 
_struct_mon_prot_cis.label_seq_id           5 
_struct_mon_prot_cis.label_asym_id          A 
_struct_mon_prot_cis.label_alt_id           . 
_struct_mon_prot_cis.pdbx_PDB_ins_code      ? 
_struct_mon_prot_cis.auth_comp_id           PHE 
_struct_mon_prot_cis.auth_seq_id            15 
_struct_mon_prot_cis.auth_asym_id           A 
_struct_mon_prot_cis.pdbx_label_comp_id_2   PRO 
_struct_mon_prot_cis.pdbx_label_seq_id_2    6 
_struct_mon_prot_cis.pdbx_label_asym_id_2   A 
_struct_mon_prot_cis.pdbx_PDB_ins_code_2    ? 
_struct_mon_prot_cis.pdbx_auth_comp_id_2    PRO 
_struct_mon_prot_cis.pdbx_auth_seq_id_2     16 
_struct_mon_prot_cis.pdbx_auth_asym_id_2    A 
_struct_mon_prot_cis.pdbx_PDB_model_num     1 
_struct_mon_prot_cis.pdbx_omega_angle       2.44 
# 
_pdbx_entry_details.entry_id                   1VLK 
_pdbx_entry_details.compound_details           ? 
_pdbx_entry_details.source_details             ? 
_pdbx_entry_details.nonpolymer_details         ? 
_pdbx_entry_details.sequence_details           
;THE DEPOSITORS USE THE NUMBERING SCHEME OF HUMAN
INTERLEUKIN-10 IN ACCORDANCE WITH THE SEQUENCE ALIGNMENT
PROVIDED IN FIG.1 OF THEIR PAPER.
;
_pdbx_entry_details.has_ligand_of_interest     ? 
_pdbx_entry_details.has_protein_modification   Y 
# 
_pdbx_validate_close_contact.id               1 
_pdbx_validate_close_contact.PDB_model_num    1 
_pdbx_validate_close_contact.auth_atom_id_1   O 
_pdbx_validate_close_contact.auth_asym_id_1   A 
_pdbx_validate_close_contact.auth_comp_id_1   MET 
_pdbx_validate_close_contact.auth_seq_id_1    22 
_pdbx_validate_close_contact.PDB_ins_code_1   ? 
_pdbx_validate_close_contact.label_alt_id_1   ? 
_pdbx_validate_close_contact.auth_atom_id_2   O 
_pdbx_validate_close_contact.auth_asym_id_2   A 
_pdbx_validate_close_contact.auth_comp_id_2   HOH 
_pdbx_validate_close_contact.auth_seq_id_2    239 
_pdbx_validate_close_contact.PDB_ins_code_2   ? 
_pdbx_validate_close_contact.label_alt_id_2   ? 
_pdbx_validate_close_contact.dist             2.12 
# 
loop_
_pdbx_validate_rmsd_angle.id 
_pdbx_validate_rmsd_angle.PDB_model_num 
_pdbx_validate_rmsd_angle.auth_atom_id_1 
_pdbx_validate_rmsd_angle.auth_asym_id_1 
_pdbx_validate_rmsd_angle.auth_comp_id_1 
_pdbx_validate_rmsd_angle.auth_seq_id_1 
_pdbx_validate_rmsd_angle.PDB_ins_code_1 
_pdbx_validate_rmsd_angle.label_alt_id_1 
_pdbx_validate_rmsd_angle.auth_atom_id_2 
_pdbx_validate_rmsd_angle.auth_asym_id_2 
_pdbx_validate_rmsd_angle.auth_comp_id_2 
_pdbx_validate_rmsd_angle.auth_seq_id_2 
_pdbx_validate_rmsd_angle.PDB_ins_code_2 
_pdbx_validate_rmsd_angle.label_alt_id_2 
_pdbx_validate_rmsd_angle.auth_atom_id_3 
_pdbx_validate_rmsd_angle.auth_asym_id_3 
_pdbx_validate_rmsd_angle.auth_comp_id_3 
_pdbx_validate_rmsd_angle.auth_seq_id_3 
_pdbx_validate_rmsd_angle.PDB_ins_code_3 
_pdbx_validate_rmsd_angle.label_alt_id_3 
_pdbx_validate_rmsd_angle.angle_value 
_pdbx_validate_rmsd_angle.angle_target_value 
_pdbx_validate_rmsd_angle.angle_deviation 
_pdbx_validate_rmsd_angle.angle_standard_deviation 
_pdbx_validate_rmsd_angle.linker_flag 
1  1 CD  A ARG 27  ? ? NE A ARG 27  ? ? CZ  A ARG 27  ? ? 132.74 123.60 9.14   1.40 N 
2  1 CG  A ARG 32  ? ? CD A ARG 32  ? ? NE  A ARG 32  ? ? 128.14 111.80 16.34  2.10 N 
3  1 CD  A ARG 32  ? ? NE A ARG 32  ? ? CZ  A ARG 32  ? ? 155.81 123.60 32.21  1.40 N 
4  1 NH1 A ARG 32  ? ? CZ A ARG 32  ? ? NH2 A ARG 32  ? ? 112.69 119.40 -6.71  1.10 N 
5  1 NE  A ARG 32  ? ? CZ A ARG 32  ? ? NH1 A ARG 32  ? ? 127.06 120.30 6.76   0.50 N 
6  1 CA  A THR 35  ? ? CB A THR 35  ? ? CG2 A THR 35  ? ? 103.99 112.40 -8.41  1.40 N 
7  1 N   A THR 39  ? ? CA A THR 39  ? ? CB  A THR 39  ? ? 125.17 110.30 14.87  1.90 N 
8  1 C   A THR 39  ? ? N  A LYS 40  ? ? CA  A LYS 40  ? ? 137.78 121.70 16.08  2.50 Y 
9  1 N   A VAL 43  ? ? CA A VAL 43  ? ? C   A VAL 43  ? ? 127.70 111.00 16.70  2.70 N 
10 1 CB  A ASP 55  ? ? CG A ASP 55  ? ? OD2 A ASP 55  ? ? 127.83 118.30 9.53   0.90 N 
11 1 CA  A MET 77  ? ? CB A MET 77  ? ? CG  A MET 77  ? ? 102.39 113.30 -10.91 1.70 N 
12 1 O   A THR 100 ? ? C  A THR 100 ? ? N   A LEU 101 ? ? 112.18 122.70 -10.52 1.60 Y 
13 1 CB  A ARG 102 ? ? CG A ARG 102 ? ? CD  A ARG 102 ? ? 128.67 111.60 17.07  2.60 N 
14 1 NE  A ARG 102 ? ? CZ A ARG 102 ? ? NH1 A ARG 102 ? ? 127.51 120.30 7.21   0.50 N 
15 1 NE  A ARG 102 ? ? CZ A ARG 102 ? ? NH2 A ARG 102 ? ? 111.09 120.30 -9.21  0.50 N 
16 1 CB  A ASP 144 ? ? CG A ASP 144 ? ? OD1 A ASP 144 ? ? 127.40 118.30 9.10   0.90 N 
# 
loop_
_pdbx_validate_torsion.id 
_pdbx_validate_torsion.PDB_model_num 
_pdbx_validate_torsion.auth_comp_id 
_pdbx_validate_torsion.auth_asym_id 
_pdbx_validate_torsion.auth_seq_id 
_pdbx_validate_torsion.PDB_ins_code 
_pdbx_validate_torsion.label_alt_id 
_pdbx_validate_torsion.phi 
_pdbx_validate_torsion.psi 
1  1 ASP A 13  ? ? 114.13  -176.90 
2  1 ASN A 14  ? ? -32.19  -22.30  
3  1 PRO A 16  ? ? -2.62   -44.44  
4  1 GLN A 38  ? ? -147.18 -70.99  
5  1 THR A 39  ? ? 76.56   74.24   
6  1 LYS A 40  ? ? 160.25  -88.88  
7  1 ASP A 41  ? ? 136.22  90.17   
8  1 GLU A 42  ? ? 54.67   -89.25  
9  1 VAL A 43  ? ? 78.77   -14.40  
10 1 ASP A 44  ? ? -103.70 -104.54 
11 1 HIS A 109 ? ? -35.11  -34.99  
12 1 GLN A 132 ? ? 46.46   -134.41 
13 1 ILE A 156 ? ? -91.93  40.16   
# 
loop_
_pdbx_unobs_or_zero_occ_residues.id 
_pdbx_unobs_or_zero_occ_residues.PDB_model_num 
_pdbx_unobs_or_zero_occ_residues.polymer_flag 
_pdbx_unobs_or_zero_occ_residues.occupancy_flag 
_pdbx_unobs_or_zero_occ_residues.auth_asym_id 
_pdbx_unobs_or_zero_occ_residues.auth_comp_id 
_pdbx_unobs_or_zero_occ_residues.auth_seq_id 
_pdbx_unobs_or_zero_occ_residues.PDB_ins_code 
_pdbx_unobs_or_zero_occ_residues.label_asym_id 
_pdbx_unobs_or_zero_occ_residues.label_comp_id 
_pdbx_unobs_or_zero_occ_residues.label_seq_id 
1 1 Y 1 A GLN 11  ? A GLN 1   
2 1 Y 1 A ALA 158 ? A ALA 144 
3 1 Y 1 A ARG 159 ? A ARG 145 
# 
loop_
_chem_comp_atom.comp_id 
_chem_comp_atom.atom_id 
_chem_comp_atom.type_symbol 
_chem_comp_atom.pdbx_aromatic_flag 
_chem_comp_atom.pdbx_stereo_config 
_chem_comp_atom.pdbx_ordinal 
ALA N    N N N 1   
ALA CA   C N S 2   
ALA C    C N N 3   
ALA O    O N N 4   
ALA CB   C N N 5   
ALA OXT  O N N 6   
ALA H    H N N 7   
ALA H2   H N N 8   
ALA HA   H N N 9   
ALA HB1  H N N 10  
ALA HB2  H N N 11  
ALA HB3  H N N 12  
ALA HXT  H N N 13  
ARG N    N N N 14  
ARG CA   C N S 15  
ARG C    C N N 16  
ARG O    O N N 17  
ARG CB   C N N 18  
ARG CG   C N N 19  
ARG CD   C N N 20  
ARG NE   N N N 21  
ARG CZ   C N N 22  
ARG NH1  N N N 23  
ARG NH2  N N N 24  
ARG OXT  O N N 25  
ARG H    H N N 26  
ARG H2   H N N 27  
ARG HA   H N N 28  
ARG HB2  H N N 29  
ARG HB3  H N N 30  
ARG HG2  H N N 31  
ARG HG3  H N N 32  
ARG HD2  H N N 33  
ARG HD3  H N N 34  
ARG HE   H N N 35  
ARG HH11 H N N 36  
ARG HH12 H N N 37  
ARG HH21 H N N 38  
ARG HH22 H N N 39  
ARG HXT  H N N 40  
ASN N    N N N 41  
ASN CA   C N S 42  
ASN C    C N N 43  
ASN O    O N N 44  
ASN CB   C N N 45  
ASN CG   C N N 46  
ASN OD1  O N N 47  
ASN ND2  N N N 48  
ASN OXT  O N N 49  
ASN H    H N N 50  
ASN H2   H N N 51  
ASN HA   H N N 52  
ASN HB2  H N N 53  
ASN HB3  H N N 54  
ASN HD21 H N N 55  
ASN HD22 H N N 56  
ASN HXT  H N N 57  
ASP N    N N N 58  
ASP CA   C N S 59  
ASP C    C N N 60  
ASP O    O N N 61  
ASP CB   C N N 62  
ASP CG   C N N 63  
ASP OD1  O N N 64  
ASP OD2  O N N 65  
ASP OXT  O N N 66  
ASP H    H N N 67  
ASP H2   H N N 68  
ASP HA   H N N 69  
ASP HB2  H N N 70  
ASP HB3  H N N 71  
ASP HD2  H N N 72  
ASP HXT  H N N 73  
CYS N    N N N 74  
CYS CA   C N R 75  
CYS C    C N N 76  
CYS O    O N N 77  
CYS CB   C N N 78  
CYS SG   S N N 79  
CYS OXT  O N N 80  
CYS H    H N N 81  
CYS H2   H N N 82  
CYS HA   H N N 83  
CYS HB2  H N N 84  
CYS HB3  H N N 85  
CYS HG   H N N 86  
CYS HXT  H N N 87  
GLN N    N N N 88  
GLN CA   C N S 89  
GLN C    C N N 90  
GLN O    O N N 91  
GLN CB   C N N 92  
GLN CG   C N N 93  
GLN CD   C N N 94  
GLN OE1  O N N 95  
GLN NE2  N N N 96  
GLN OXT  O N N 97  
GLN H    H N N 98  
GLN H2   H N N 99  
GLN HA   H N N 100 
GLN HB2  H N N 101 
GLN HB3  H N N 102 
GLN HG2  H N N 103 
GLN HG3  H N N 104 
GLN HE21 H N N 105 
GLN HE22 H N N 106 
GLN HXT  H N N 107 
GLU N    N N N 108 
GLU CA   C N S 109 
GLU C    C N N 110 
GLU O    O N N 111 
GLU CB   C N N 112 
GLU CG   C N N 113 
GLU CD   C N N 114 
GLU OE1  O N N 115 
GLU OE2  O N N 116 
GLU OXT  O N N 117 
GLU H    H N N 118 
GLU H2   H N N 119 
GLU HA   H N N 120 
GLU HB2  H N N 121 
GLU HB3  H N N 122 
GLU HG2  H N N 123 
GLU HG3  H N N 124 
GLU HE2  H N N 125 
GLU HXT  H N N 126 
GLY N    N N N 127 
GLY CA   C N N 128 
GLY C    C N N 129 
GLY O    O N N 130 
GLY OXT  O N N 131 
GLY H    H N N 132 
GLY H2   H N N 133 
GLY HA2  H N N 134 
GLY HA3  H N N 135 
GLY HXT  H N N 136 
HIS N    N N N 137 
HIS CA   C N S 138 
HIS C    C N N 139 
HIS O    O N N 140 
HIS CB   C N N 141 
HIS CG   C Y N 142 
HIS ND1  N Y N 143 
HIS CD2  C Y N 144 
HIS CE1  C Y N 145 
HIS NE2  N Y N 146 
HIS OXT  O N N 147 
HIS H    H N N 148 
HIS H2   H N N 149 
HIS HA   H N N 150 
HIS HB2  H N N 151 
HIS HB3  H N N 152 
HIS HD1  H N N 153 
HIS HD2  H N N 154 
HIS HE1  H N N 155 
HIS HE2  H N N 156 
HIS HXT  H N N 157 
HOH O    O N N 158 
HOH H1   H N N 159 
HOH H2   H N N 160 
ILE N    N N N 161 
ILE CA   C N S 162 
ILE C    C N N 163 
ILE O    O N N 164 
ILE CB   C N S 165 
ILE CG1  C N N 166 
ILE CG2  C N N 167 
ILE CD1  C N N 168 
ILE OXT  O N N 169 
ILE H    H N N 170 
ILE H2   H N N 171 
ILE HA   H N N 172 
ILE HB   H N N 173 
ILE HG12 H N N 174 
ILE HG13 H N N 175 
ILE HG21 H N N 176 
ILE HG22 H N N 177 
ILE HG23 H N N 178 
ILE HD11 H N N 179 
ILE HD12 H N N 180 
ILE HD13 H N N 181 
ILE HXT  H N N 182 
LEU N    N N N 183 
LEU CA   C N S 184 
LEU C    C N N 185 
LEU O    O N N 186 
LEU CB   C N N 187 
LEU CG   C N N 188 
LEU CD1  C N N 189 
LEU CD2  C N N 190 
LEU OXT  O N N 191 
LEU H    H N N 192 
LEU H2   H N N 193 
LEU HA   H N N 194 
LEU HB2  H N N 195 
LEU HB3  H N N 196 
LEU HG   H N N 197 
LEU HD11 H N N 198 
LEU HD12 H N N 199 
LEU HD13 H N N 200 
LEU HD21 H N N 201 
LEU HD22 H N N 202 
LEU HD23 H N N 203 
LEU HXT  H N N 204 
LYS N    N N N 205 
LYS CA   C N S 206 
LYS C    C N N 207 
LYS O    O N N 208 
LYS CB   C N N 209 
LYS CG   C N N 210 
LYS CD   C N N 211 
LYS CE   C N N 212 
LYS NZ   N N N 213 
LYS OXT  O N N 214 
LYS H    H N N 215 
LYS H2   H N N 216 
LYS HA   H N N 217 
LYS HB2  H N N 218 
LYS HB3  H N N 219 
LYS HG2  H N N 220 
LYS HG3  H N N 221 
LYS HD2  H N N 222 
LYS HD3  H N N 223 
LYS HE2  H N N 224 
LYS HE3  H N N 225 
LYS HZ1  H N N 226 
LYS HZ2  H N N 227 
LYS HZ3  H N N 228 
LYS HXT  H N N 229 
MET N    N N N 230 
MET CA   C N S 231 
MET C    C N N 232 
MET O    O N N 233 
MET CB   C N N 234 
MET CG   C N N 235 
MET SD   S N N 236 
MET CE   C N N 237 
MET OXT  O N N 238 
MET H    H N N 239 
MET H2   H N N 240 
MET HA   H N N 241 
MET HB2  H N N 242 
MET HB3  H N N 243 
MET HG2  H N N 244 
MET HG3  H N N 245 
MET HE1  H N N 246 
MET HE2  H N N 247 
MET HE3  H N N 248 
MET HXT  H N N 249 
PHE N    N N N 250 
PHE CA   C N S 251 
PHE C    C N N 252 
PHE O    O N N 253 
PHE CB   C N N 254 
PHE CG   C Y N 255 
PHE CD1  C Y N 256 
PHE CD2  C Y N 257 
PHE CE1  C Y N 258 
PHE CE2  C Y N 259 
PHE CZ   C Y N 260 
PHE OXT  O N N 261 
PHE H    H N N 262 
PHE H2   H N N 263 
PHE HA   H N N 264 
PHE HB2  H N N 265 
PHE HB3  H N N 266 
PHE HD1  H N N 267 
PHE HD2  H N N 268 
PHE HE1  H N N 269 
PHE HE2  H N N 270 
PHE HZ   H N N 271 
PHE HXT  H N N 272 
PRO N    N N N 273 
PRO CA   C N S 274 
PRO C    C N N 275 
PRO O    O N N 276 
PRO CB   C N N 277 
PRO CG   C N N 278 
PRO CD   C N N 279 
PRO OXT  O N N 280 
PRO H    H N N 281 
PRO HA   H N N 282 
PRO HB2  H N N 283 
PRO HB3  H N N 284 
PRO HG2  H N N 285 
PRO HG3  H N N 286 
PRO HD2  H N N 287 
PRO HD3  H N N 288 
PRO HXT  H N N 289 
SER N    N N N 290 
SER CA   C N S 291 
SER C    C N N 292 
SER O    O N N 293 
SER CB   C N N 294 
SER OG   O N N 295 
SER OXT  O N N 296 
SER H    H N N 297 
SER H2   H N N 298 
SER HA   H N N 299 
SER HB2  H N N 300 
SER HB3  H N N 301 
SER HG   H N N 302 
SER HXT  H N N 303 
THR N    N N N 304 
THR CA   C N S 305 
THR C    C N N 306 
THR O    O N N 307 
THR CB   C N R 308 
THR OG1  O N N 309 
THR CG2  C N N 310 
THR OXT  O N N 311 
THR H    H N N 312 
THR H2   H N N 313 
THR HA   H N N 314 
THR HB   H N N 315 
THR HG1  H N N 316 
THR HG21 H N N 317 
THR HG22 H N N 318 
THR HG23 H N N 319 
THR HXT  H N N 320 
TYR N    N N N 321 
TYR CA   C N S 322 
TYR C    C N N 323 
TYR O    O N N 324 
TYR CB   C N N 325 
TYR CG   C Y N 326 
TYR CD1  C Y N 327 
TYR CD2  C Y N 328 
TYR CE1  C Y N 329 
TYR CE2  C Y N 330 
TYR CZ   C Y N 331 
TYR OH   O N N 332 
TYR OXT  O N N 333 
TYR H    H N N 334 
TYR H2   H N N 335 
TYR HA   H N N 336 
TYR HB2  H N N 337 
TYR HB3  H N N 338 
TYR HD1  H N N 339 
TYR HD2  H N N 340 
TYR HE1  H N N 341 
TYR HE2  H N N 342 
TYR HH   H N N 343 
TYR HXT  H N N 344 
VAL N    N N N 345 
VAL CA   C N S 346 
VAL C    C N N 347 
VAL O    O N N 348 
VAL CB   C N N 349 
VAL CG1  C N N 350 
VAL CG2  C N N 351 
VAL OXT  O N N 352 
VAL H    H N N 353 
VAL H2   H N N 354 
VAL HA   H N N 355 
VAL HB   H N N 356 
VAL HG11 H N N 357 
VAL HG12 H N N 358 
VAL HG13 H N N 359 
VAL HG21 H N N 360 
VAL HG22 H N N 361 
VAL HG23 H N N 362 
VAL HXT  H N N 363 
# 
loop_
_chem_comp_bond.comp_id 
_chem_comp_bond.atom_id_1 
_chem_comp_bond.atom_id_2 
_chem_comp_bond.value_order 
_chem_comp_bond.pdbx_aromatic_flag 
_chem_comp_bond.pdbx_stereo_config 
_chem_comp_bond.pdbx_ordinal 
ALA N   CA   sing N N 1   
ALA N   H    sing N N 2   
ALA N   H2   sing N N 3   
ALA CA  C    sing N N 4   
ALA CA  CB   sing N N 5   
ALA CA  HA   sing N N 6   
ALA C   O    doub N N 7   
ALA C   OXT  sing N N 8   
ALA CB  HB1  sing N N 9   
ALA CB  HB2  sing N N 10  
ALA CB  HB3  sing N N 11  
ALA OXT HXT  sing N N 12  
ARG N   CA   sing N N 13  
ARG N   H    sing N N 14  
ARG N   H2   sing N N 15  
ARG CA  C    sing N N 16  
ARG CA  CB   sing N N 17  
ARG CA  HA   sing N N 18  
ARG C   O    doub N N 19  
ARG C   OXT  sing N N 20  
ARG CB  CG   sing N N 21  
ARG CB  HB2  sing N N 22  
ARG CB  HB3  sing N N 23  
ARG CG  CD   sing N N 24  
ARG CG  HG2  sing N N 25  
ARG CG  HG3  sing N N 26  
ARG CD  NE   sing N N 27  
ARG CD  HD2  sing N N 28  
ARG CD  HD3  sing N N 29  
ARG NE  CZ   sing N N 30  
ARG NE  HE   sing N N 31  
ARG CZ  NH1  sing N N 32  
ARG CZ  NH2  doub N N 33  
ARG NH1 HH11 sing N N 34  
ARG NH1 HH12 sing N N 35  
ARG NH2 HH21 sing N N 36  
ARG NH2 HH22 sing N N 37  
ARG OXT HXT  sing N N 38  
ASN N   CA   sing N N 39  
ASN N   H    sing N N 40  
ASN N   H2   sing N N 41  
ASN CA  C    sing N N 42  
ASN CA  CB   sing N N 43  
ASN CA  HA   sing N N 44  
ASN C   O    doub N N 45  
ASN C   OXT  sing N N 46  
ASN CB  CG   sing N N 47  
ASN CB  HB2  sing N N 48  
ASN CB  HB3  sing N N 49  
ASN CG  OD1  doub N N 50  
ASN CG  ND2  sing N N 51  
ASN ND2 HD21 sing N N 52  
ASN ND2 HD22 sing N N 53  
ASN OXT HXT  sing N N 54  
ASP N   CA   sing N N 55  
ASP N   H    sing N N 56  
ASP N   H2   sing N N 57  
ASP CA  C    sing N N 58  
ASP CA  CB   sing N N 59  
ASP CA  HA   sing N N 60  
ASP C   O    doub N N 61  
ASP C   OXT  sing N N 62  
ASP CB  CG   sing N N 63  
ASP CB  HB2  sing N N 64  
ASP CB  HB3  sing N N 65  
ASP CG  OD1  doub N N 66  
ASP CG  OD2  sing N N 67  
ASP OD2 HD2  sing N N 68  
ASP OXT HXT  sing N N 69  
CYS N   CA   sing N N 70  
CYS N   H    sing N N 71  
CYS N   H2   sing N N 72  
CYS CA  C    sing N N 73  
CYS CA  CB   sing N N 74  
CYS CA  HA   sing N N 75  
CYS C   O    doub N N 76  
CYS C   OXT  sing N N 77  
CYS CB  SG   sing N N 78  
CYS CB  HB2  sing N N 79  
CYS CB  HB3  sing N N 80  
CYS SG  HG   sing N N 81  
CYS OXT HXT  sing N N 82  
GLN N   CA   sing N N 83  
GLN N   H    sing N N 84  
GLN N   H2   sing N N 85  
GLN CA  C    sing N N 86  
GLN CA  CB   sing N N 87  
GLN CA  HA   sing N N 88  
GLN C   O    doub N N 89  
GLN C   OXT  sing N N 90  
GLN CB  CG   sing N N 91  
GLN CB  HB2  sing N N 92  
GLN CB  HB3  sing N N 93  
GLN CG  CD   sing N N 94  
GLN CG  HG2  sing N N 95  
GLN CG  HG3  sing N N 96  
GLN CD  OE1  doub N N 97  
GLN CD  NE2  sing N N 98  
GLN NE2 HE21 sing N N 99  
GLN NE2 HE22 sing N N 100 
GLN OXT HXT  sing N N 101 
GLU N   CA   sing N N 102 
GLU N   H    sing N N 103 
GLU N   H2   sing N N 104 
GLU CA  C    sing N N 105 
GLU CA  CB   sing N N 106 
GLU CA  HA   sing N N 107 
GLU C   O    doub N N 108 
GLU C   OXT  sing N N 109 
GLU CB  CG   sing N N 110 
GLU CB  HB2  sing N N 111 
GLU CB  HB3  sing N N 112 
GLU CG  CD   sing N N 113 
GLU CG  HG2  sing N N 114 
GLU CG  HG3  sing N N 115 
GLU CD  OE1  doub N N 116 
GLU CD  OE2  sing N N 117 
GLU OE2 HE2  sing N N 118 
GLU OXT HXT  sing N N 119 
GLY N   CA   sing N N 120 
GLY N   H    sing N N 121 
GLY N   H2   sing N N 122 
GLY CA  C    sing N N 123 
GLY CA  HA2  sing N N 124 
GLY CA  HA3  sing N N 125 
GLY C   O    doub N N 126 
GLY C   OXT  sing N N 127 
GLY OXT HXT  sing N N 128 
HIS N   CA   sing N N 129 
HIS N   H    sing N N 130 
HIS N   H2   sing N N 131 
HIS CA  C    sing N N 132 
HIS CA  CB   sing N N 133 
HIS CA  HA   sing N N 134 
HIS C   O    doub N N 135 
HIS C   OXT  sing N N 136 
HIS CB  CG   sing N N 137 
HIS CB  HB2  sing N N 138 
HIS CB  HB3  sing N N 139 
HIS CG  ND1  sing Y N 140 
HIS CG  CD2  doub Y N 141 
HIS ND1 CE1  doub Y N 142 
HIS ND1 HD1  sing N N 143 
HIS CD2 NE2  sing Y N 144 
HIS CD2 HD2  sing N N 145 
HIS CE1 NE2  sing Y N 146 
HIS CE1 HE1  sing N N 147 
HIS NE2 HE2  sing N N 148 
HIS OXT HXT  sing N N 149 
HOH O   H1   sing N N 150 
HOH O   H2   sing N N 151 
ILE N   CA   sing N N 152 
ILE N   H    sing N N 153 
ILE N   H2   sing N N 154 
ILE CA  C    sing N N 155 
ILE CA  CB   sing N N 156 
ILE CA  HA   sing N N 157 
ILE C   O    doub N N 158 
ILE C   OXT  sing N N 159 
ILE CB  CG1  sing N N 160 
ILE CB  CG2  sing N N 161 
ILE CB  HB   sing N N 162 
ILE CG1 CD1  sing N N 163 
ILE CG1 HG12 sing N N 164 
ILE CG1 HG13 sing N N 165 
ILE CG2 HG21 sing N N 166 
ILE CG2 HG22 sing N N 167 
ILE CG2 HG23 sing N N 168 
ILE CD1 HD11 sing N N 169 
ILE CD1 HD12 sing N N 170 
ILE CD1 HD13 sing N N 171 
ILE OXT HXT  sing N N 172 
LEU N   CA   sing N N 173 
LEU N   H    sing N N 174 
LEU N   H2   sing N N 175 
LEU CA  C    sing N N 176 
LEU CA  CB   sing N N 177 
LEU CA  HA   sing N N 178 
LEU C   O    doub N N 179 
LEU C   OXT  sing N N 180 
LEU CB  CG   sing N N 181 
LEU CB  HB2  sing N N 182 
LEU CB  HB3  sing N N 183 
LEU CG  CD1  sing N N 184 
LEU CG  CD2  sing N N 185 
LEU CG  HG   sing N N 186 
LEU CD1 HD11 sing N N 187 
LEU CD1 HD12 sing N N 188 
LEU CD1 HD13 sing N N 189 
LEU CD2 HD21 sing N N 190 
LEU CD2 HD22 sing N N 191 
LEU CD2 HD23 sing N N 192 
LEU OXT HXT  sing N N 193 
LYS N   CA   sing N N 194 
LYS N   H    sing N N 195 
LYS N   H2   sing N N 196 
LYS CA  C    sing N N 197 
LYS CA  CB   sing N N 198 
LYS CA  HA   sing N N 199 
LYS C   O    doub N N 200 
LYS C   OXT  sing N N 201 
LYS CB  CG   sing N N 202 
LYS CB  HB2  sing N N 203 
LYS CB  HB3  sing N N 204 
LYS CG  CD   sing N N 205 
LYS CG  HG2  sing N N 206 
LYS CG  HG3  sing N N 207 
LYS CD  CE   sing N N 208 
LYS CD  HD2  sing N N 209 
LYS CD  HD3  sing N N 210 
LYS CE  NZ   sing N N 211 
LYS CE  HE2  sing N N 212 
LYS CE  HE3  sing N N 213 
LYS NZ  HZ1  sing N N 214 
LYS NZ  HZ2  sing N N 215 
LYS NZ  HZ3  sing N N 216 
LYS OXT HXT  sing N N 217 
MET N   CA   sing N N 218 
MET N   H    sing N N 219 
MET N   H2   sing N N 220 
MET CA  C    sing N N 221 
MET CA  CB   sing N N 222 
MET CA  HA   sing N N 223 
MET C   O    doub N N 224 
MET C   OXT  sing N N 225 
MET CB  CG   sing N N 226 
MET CB  HB2  sing N N 227 
MET CB  HB3  sing N N 228 
MET CG  SD   sing N N 229 
MET CG  HG2  sing N N 230 
MET CG  HG3  sing N N 231 
MET SD  CE   sing N N 232 
MET CE  HE1  sing N N 233 
MET CE  HE2  sing N N 234 
MET CE  HE3  sing N N 235 
MET OXT HXT  sing N N 236 
PHE N   CA   sing N N 237 
PHE N   H    sing N N 238 
PHE N   H2   sing N N 239 
PHE CA  C    sing N N 240 
PHE CA  CB   sing N N 241 
PHE CA  HA   sing N N 242 
PHE C   O    doub N N 243 
PHE C   OXT  sing N N 244 
PHE CB  CG   sing N N 245 
PHE CB  HB2  sing N N 246 
PHE CB  HB3  sing N N 247 
PHE CG  CD1  doub Y N 248 
PHE CG  CD2  sing Y N 249 
PHE CD1 CE1  sing Y N 250 
PHE CD1 HD1  sing N N 251 
PHE CD2 CE2  doub Y N 252 
PHE CD2 HD2  sing N N 253 
PHE CE1 CZ   doub Y N 254 
PHE CE1 HE1  sing N N 255 
PHE CE2 CZ   sing Y N 256 
PHE CE2 HE2  sing N N 257 
PHE CZ  HZ   sing N N 258 
PHE OXT HXT  sing N N 259 
PRO N   CA   sing N N 260 
PRO N   CD   sing N N 261 
PRO N   H    sing N N 262 
PRO CA  C    sing N N 263 
PRO CA  CB   sing N N 264 
PRO CA  HA   sing N N 265 
PRO C   O    doub N N 266 
PRO C   OXT  sing N N 267 
PRO CB  CG   sing N N 268 
PRO CB  HB2  sing N N 269 
PRO CB  HB3  sing N N 270 
PRO CG  CD   sing N N 271 
PRO CG  HG2  sing N N 272 
PRO CG  HG3  sing N N 273 
PRO CD  HD2  sing N N 274 
PRO CD  HD3  sing N N 275 
PRO OXT HXT  sing N N 276 
SER N   CA   sing N N 277 
SER N   H    sing N N 278 
SER N   H2   sing N N 279 
SER CA  C    sing N N 280 
SER CA  CB   sing N N 281 
SER CA  HA   sing N N 282 
SER C   O    doub N N 283 
SER C   OXT  sing N N 284 
SER CB  OG   sing N N 285 
SER CB  HB2  sing N N 286 
SER CB  HB3  sing N N 287 
SER OG  HG   sing N N 288 
SER OXT HXT  sing N N 289 
THR N   CA   sing N N 290 
THR N   H    sing N N 291 
THR N   H2   sing N N 292 
THR CA  C    sing N N 293 
THR CA  CB   sing N N 294 
THR CA  HA   sing N N 295 
THR C   O    doub N N 296 
THR C   OXT  sing N N 297 
THR CB  OG1  sing N N 298 
THR CB  CG2  sing N N 299 
THR CB  HB   sing N N 300 
THR OG1 HG1  sing N N 301 
THR CG2 HG21 sing N N 302 
THR CG2 HG22 sing N N 303 
THR CG2 HG23 sing N N 304 
THR OXT HXT  sing N N 305 
TYR N   CA   sing N N 306 
TYR N   H    sing N N 307 
TYR N   H2   sing N N 308 
TYR CA  C    sing N N 309 
TYR CA  CB   sing N N 310 
TYR CA  HA   sing N N 311 
TYR C   O    doub N N 312 
TYR C   OXT  sing N N 313 
TYR CB  CG   sing N N 314 
TYR CB  HB2  sing N N 315 
TYR CB  HB3  sing N N 316 
TYR CG  CD1  doub Y N 317 
TYR CG  CD2  sing Y N 318 
TYR CD1 CE1  sing Y N 319 
TYR CD1 HD1  sing N N 320 
TYR CD2 CE2  doub Y N 321 
TYR CD2 HD2  sing N N 322 
TYR CE1 CZ   doub Y N 323 
TYR CE1 HE1  sing N N 324 
TYR CE2 CZ   sing Y N 325 
TYR CE2 HE2  sing N N 326 
TYR CZ  OH   sing N N 327 
TYR OH  HH   sing N N 328 
TYR OXT HXT  sing N N 329 
VAL N   CA   sing N N 330 
VAL N   H    sing N N 331 
VAL N   H2   sing N N 332 
VAL CA  C    sing N N 333 
VAL CA  CB   sing N N 334 
VAL CA  HA   sing N N 335 
VAL C   O    doub N N 336 
VAL C   OXT  sing N N 337 
VAL CB  CG1  sing N N 338 
VAL CB  CG2  sing N N 339 
VAL CB  HB   sing N N 340 
VAL CG1 HG11 sing N N 341 
VAL CG1 HG12 sing N N 342 
VAL CG1 HG13 sing N N 343 
VAL CG2 HG21 sing N N 344 
VAL CG2 HG22 sing N N 345 
VAL CG2 HG23 sing N N 346 
VAL OXT HXT  sing N N 347 
# 
_atom_sites.entry_id                    1VLK 
_atom_sites.fract_transf_matrix[1][1]   -0.00421977 
_atom_sites.fract_transf_matrix[1][2]   0.02190074 
_atom_sites.fract_transf_matrix[1][3]   -0.01620837 
_atom_sites.fract_transf_matrix[2][1]   -0.01725397 
_atom_sites.fract_transf_matrix[2][2]   -0.01484177 
_atom_sites.fract_transf_matrix[2][3]   -0.01556221 
_atom_sites.fract_transf_matrix[3][1]   -0.00348299 
_atom_sites.fract_transf_matrix[3][2]   0.00128198 
_atom_sites.fract_transf_matrix[3][3]   0.00263899 
_atom_sites.fract_transf_vector[1]      2.157598 
_atom_sites.fract_transf_vector[2]      0.091110 
_atom_sites.fract_transf_vector[3]      0.224106 
# 
loop_
_atom_type.symbol 
C 
N 
O 
S 
# 
loop_
_atom_site.group_PDB 
_atom_site.id 
_atom_site.type_symbol 
_atom_site.label_atom_id 
_atom_site.label_alt_id 
_atom_site.label_comp_id 
_atom_site.label_asym_id 
_atom_site.label_entity_id 
_atom_site.label_seq_id 
_atom_site.pdbx_PDB_ins_code 
_atom_site.Cartn_x 
_atom_site.Cartn_y 
_atom_site.Cartn_z 
_atom_site.occupancy 
_atom_site.B_iso_or_equiv 
_atom_site.pdbx_formal_charge 
_atom_site.auth_seq_id 
_atom_site.auth_comp_id 
_atom_site.auth_asym_id 
_atom_site.auth_atom_id 
_atom_site.pdbx_PDB_model_num 
ATOM   1    N N   . CYS A 1 2   ? -9.477  -10.853 -5.518  1.00 90.41 ? 12  CYS A N   1 
ATOM   2    C CA  . CYS A 1 2   ? -10.609 -10.427 -6.308  1.00 90.38 ? 12  CYS A CA  1 
ATOM   3    C C   . CYS A 1 2   ? -10.551 -10.909 -7.764  1.00 90.99 ? 12  CYS A C   1 
ATOM   4    O O   . CYS A 1 2   ? -11.073 -10.186 -8.633  1.00 90.42 ? 12  CYS A O   1 
ATOM   5    C CB  . CYS A 1 2   ? -10.769 -8.929  -6.535  1.00 86.65 ? 12  CYS A CB  1 
ATOM   6    S SG  . CYS A 1 2   ? -11.018 -7.932  -5.068  1.00 82.36 ? 12  CYS A SG  1 
ATOM   7    N N   . ASP A 1 3   ? -9.909  -12.053 -7.961  1.00 91.90 ? 13  ASP A N   1 
ATOM   8    C CA  . ASP A 1 3   ? -9.840  -12.591 -9.293  1.00 92.47 ? 13  ASP A CA  1 
ATOM   9    C C   . ASP A 1 3   ? -8.570  -12.730 -10.081 1.00 91.99 ? 13  ASP A C   1 
ATOM   10   O O   . ASP A 1 3   ? -7.426  -12.453 -9.736  1.00 93.11 ? 13  ASP A O   1 
ATOM   11   N N   . ASN A 1 4   ? -8.791  -13.194 -11.308 1.00 91.45 ? 14  ASN A N   1 
ATOM   12   C CA  . ASN A 1 4   ? -7.892  -13.475 -12.350 1.00 90.48 ? 14  ASN A CA  1 
ATOM   13   C C   . ASN A 1 4   ? -6.628  -12.704 -12.559 1.00 89.87 ? 14  ASN A C   1 
ATOM   14   O O   . ASN A 1 4   ? -5.824  -13.338 -13.301 1.00 90.82 ? 14  ASN A O   1 
ATOM   15   N N   . PHE A 1 5   ? -6.409  -11.465 -12.108 1.00 88.54 ? 15  PHE A N   1 
ATOM   16   C CA  . PHE A 1 5   ? -5.037  -10.953 -12.447 1.00 89.02 ? 15  PHE A CA  1 
ATOM   17   C C   . PHE A 1 5   ? -4.193  -12.153 -12.014 1.00 89.19 ? 15  PHE A C   1 
ATOM   18   O O   . PHE A 1 5   ? -4.414  -12.625 -10.885 1.00 89.18 ? 15  PHE A O   1 
ATOM   19   C CB  . PHE A 1 5   ? -4.670  -9.650  -11.843 1.00 87.27 ? 15  PHE A CB  1 
ATOM   20   C CG  . PHE A 1 5   ? -5.529  -9.053  -10.782 1.00 86.24 ? 15  PHE A CG  1 
ATOM   21   C CD1 . PHE A 1 5   ? -6.905  -9.196  -10.796 1.00 85.15 ? 15  PHE A CD1 1 
ATOM   22   C CD2 . PHE A 1 5   ? -4.985  -8.189  -9.849  1.00 86.22 ? 15  PHE A CD2 1 
ATOM   23   C CE1 . PHE A 1 5   ? -7.683  -8.597  -9.826  1.00 84.86 ? 15  PHE A CE1 1 
ATOM   24   C CE2 . PHE A 1 5   ? -5.777  -7.559  -8.902  1.00 84.80 ? 15  PHE A CE2 1 
ATOM   25   C CZ  . PHE A 1 5   ? -7.137  -7.759  -8.878  1.00 82.93 ? 15  PHE A CZ  1 
ATOM   26   N N   . PRO A 1 6   ? -3.400  -12.677 -12.925 1.00 88.00 ? 16  PRO A N   1 
ATOM   27   C CA  . PRO A 1 6   ? -3.118  -12.313 -14.288 1.00 85.72 ? 16  PRO A CA  1 
ATOM   28   C C   . PRO A 1 6   ? -3.788  -11.179 -15.008 1.00 82.09 ? 16  PRO A C   1 
ATOM   29   O O   . PRO A 1 6   ? -3.140  -10.424 -15.748 1.00 81.80 ? 16  PRO A O   1 
ATOM   30   C CB  . PRO A 1 6   ? -3.383  -13.673 -15.011 1.00 86.66 ? 16  PRO A CB  1 
ATOM   31   C CG  . PRO A 1 6   ? -2.999  -14.676 -13.980 1.00 87.61 ? 16  PRO A CG  1 
ATOM   32   C CD  . PRO A 1 6   ? -2.605  -13.925 -12.721 1.00 88.36 ? 16  PRO A CD  1 
ATOM   33   N N   . GLN A 1 7   ? -5.083  -11.057 -14.877 1.00 77.57 ? 21  GLN A N   1 
ATOM   34   C CA  . GLN A 1 7   ? -5.847  -10.003 -15.477 1.00 73.53 ? 21  GLN A CA  1 
ATOM   35   C C   . GLN A 1 7   ? -5.280  -8.628  -15.166 1.00 70.12 ? 21  GLN A C   1 
ATOM   36   O O   . GLN A 1 7   ? -4.838  -7.952  -16.117 1.00 71.71 ? 21  GLN A O   1 
ATOM   37   C CB  . GLN A 1 7   ? -7.245  -10.069 -14.854 1.00 81.07 ? 21  GLN A CB  1 
ATOM   38   N N   . MET A 1 8   ? -5.294  -8.194  -13.896 1.00 65.66 ? 22  MET A N   1 
ATOM   39   C CA  . MET A 1 8   ? -4.797  -6.825  -13.646 1.00 60.65 ? 22  MET A CA  1 
ATOM   40   C C   . MET A 1 8   ? -3.293  -6.740  -13.901 1.00 55.43 ? 22  MET A C   1 
ATOM   41   O O   . MET A 1 8   ? -2.901  -5.810  -14.605 1.00 56.04 ? 22  MET A O   1 
ATOM   42   C CB  . MET A 1 8   ? -5.036  -6.252  -12.276 1.00 64.22 ? 22  MET A CB  1 
ATOM   43   N N   . LEU A 1 9   ? -2.588  -7.718  -13.361 1.00 46.77 ? 23  LEU A N   1 
ATOM   44   C CA  . LEU A 1 9   ? -1.158  -7.692  -13.573 1.00 44.50 ? 23  LEU A CA  1 
ATOM   45   C C   . LEU A 1 9   ? -0.683  -7.474  -14.974 1.00 44.37 ? 23  LEU A C   1 
ATOM   46   O O   . LEU A 1 9   ? 0.260   -6.711  -15.186 1.00 42.89 ? 23  LEU A O   1 
ATOM   47   C CB  . LEU A 1 9   ? -0.641  -8.978  -12.937 1.00 37.51 ? 23  LEU A CB  1 
ATOM   48   C CG  . LEU A 1 9   ? -0.725  -8.838  -11.417 1.00 42.88 ? 23  LEU A CG  1 
ATOM   49   C CD1 . LEU A 1 9   ? 0.048   -9.921  -10.692 1.00 47.37 ? 23  LEU A CD1 1 
ATOM   50   C CD2 . LEU A 1 9   ? -0.067  -7.525  -11.001 1.00 38.56 ? 23  LEU A CD2 1 
ATOM   51   N N   . ARG A 1 10  ? -1.292  -7.982  -16.028 1.00 48.50 ? 24  ARG A N   1 
ATOM   52   C CA  . ARG A 1 10  ? -0.899  -7.850  -17.415 1.00 48.27 ? 24  ARG A CA  1 
ATOM   53   C C   . ARG A 1 10  ? -0.530  -6.450  -17.886 1.00 47.30 ? 24  ARG A C   1 
ATOM   54   O O   . ARG A 1 10  ? 0.550   -6.273  -18.467 1.00 46.49 ? 24  ARG A O   1 
ATOM   55   C CB  . ARG A 1 10  ? -2.003  -8.353  -18.355 1.00 58.29 ? 24  ARG A CB  1 
ATOM   56   C CG  . ARG A 1 10  ? -1.389  -9.290  -19.422 1.00 69.29 ? 24  ARG A CG  1 
ATOM   57   C CD  . ARG A 1 10  ? -2.165  -9.254  -20.732 1.00 81.03 ? 24  ARG A CD  1 
ATOM   58   N NE  . ARG A 1 10  ? -3.612  -9.310  -20.504 1.00 92.43 ? 24  ARG A NE  1 
ATOM   59   C CZ  . ARG A 1 10  ? -4.614  -8.973  -21.316 1.00 96.87 ? 24  ARG A CZ  1 
ATOM   60   N NH1 . ARG A 1 10  ? -4.375  -8.532  -22.553 1.00 98.05 ? 24  ARG A NH1 1 
ATOM   61   N NH2 . ARG A 1 10  ? -5.874  -9.025  -20.858 1.00 98.24 ? 24  ARG A NH2 1 
ATOM   62   N N   . ASP A 1 11  ? -1.371  -5.450  -17.673 1.00 45.38 ? 25  ASP A N   1 
ATOM   63   C CA  . ASP A 1 11  ? -1.013  -4.107  -18.095 1.00 44.65 ? 25  ASP A CA  1 
ATOM   64   C C   . ASP A 1 11  ? 0.367   -3.651  -17.597 1.00 39.06 ? 25  ASP A C   1 
ATOM   65   O O   . ASP A 1 11  ? 1.212   -2.957  -18.169 1.00 39.98 ? 25  ASP A O   1 
ATOM   66   C CB  . ASP A 1 11  ? -2.031  -3.096  -17.484 1.00 47.16 ? 25  ASP A CB  1 
ATOM   67   C CG  . ASP A 1 11  ? -3.317  -3.038  -18.277 1.00 51.43 ? 25  ASP A CG  1 
ATOM   68   O OD1 . ASP A 1 11  ? -3.339  -3.661  -19.360 1.00 55.42 ? 25  ASP A OD1 1 
ATOM   69   O OD2 . ASP A 1 11  ? -4.262  -2.396  -17.806 1.00 54.56 ? 25  ASP A OD2 1 
ATOM   70   N N   . LEU A 1 12  ? 0.495   -3.983  -16.317 1.00 38.39 ? 26  LEU A N   1 
ATOM   71   C CA  . LEU A 1 12  ? 1.667   -3.659  -15.524 1.00 33.58 ? 26  LEU A CA  1 
ATOM   72   C C   . LEU A 1 12  ? 2.847   -4.460  -16.118 1.00 31.79 ? 26  LEU A C   1 
ATOM   73   O O   . LEU A 1 12  ? 3.897   -3.806  -16.200 1.00 29.96 ? 26  LEU A O   1 
ATOM   74   C CB  . LEU A 1 12  ? 1.418   -3.885  -14.027 1.00 32.13 ? 26  LEU A CB  1 
ATOM   75   C CG  . LEU A 1 12  ? 2.484   -3.216  -13.130 1.00 26.99 ? 26  LEU A CG  1 
ATOM   76   C CD1 . LEU A 1 12  ? 2.387   -1.708  -13.135 1.00 20.58 ? 26  LEU A CD1 1 
ATOM   77   C CD2 . LEU A 1 12  ? 2.366   -3.678  -11.706 1.00 29.65 ? 26  LEU A CD2 1 
ATOM   78   N N   . ARG A 1 13  ? 2.680   -5.683  -16.586 1.00 28.50 ? 27  ARG A N   1 
ATOM   79   C CA  . ARG A 1 13  ? 3.843   -6.335  -17.192 1.00 29.77 ? 27  ARG A CA  1 
ATOM   80   C C   . ARG A 1 13  ? 4.043   -5.692  -18.565 1.00 32.39 ? 27  ARG A C   1 
ATOM   81   O O   . ARG A 1 13  ? 5.195   -5.565  -19.010 1.00 30.40 ? 27  ARG A O   1 
ATOM   82   C CB  . ARG A 1 13  ? 3.654   -7.831  -17.459 1.00 33.36 ? 27  ARG A CB  1 
ATOM   83   C CG  . ARG A 1 13  ? 3.881   -8.617  -16.202 1.00 39.68 ? 27  ARG A CG  1 
ATOM   84   C CD  . ARG A 1 13  ? 3.199   -9.987  -16.144 1.00 40.25 ? 27  ARG A CD  1 
ATOM   85   N NE  . ARG A 1 13  ? 3.806   -10.616 -14.969 1.00 38.43 ? 27  ARG A NE  1 
ATOM   86   C CZ  . ARG A 1 13  ? 3.375   -11.506 -14.121 1.00 42.78 ? 27  ARG A CZ  1 
ATOM   87   N NH1 . ARG A 1 13  ? 2.109   -11.957 -14.268 1.00 45.74 ? 27  ARG A NH1 1 
ATOM   88   N NH2 . ARG A 1 13  ? 4.202   -11.919 -13.161 1.00 40.38 ? 27  ARG A NH2 1 
ATOM   89   N N   . ASP A 1 14  ? 2.934   -5.378  -19.224 1.00 33.84 ? 28  ASP A N   1 
ATOM   90   C CA  . ASP A 1 14  ? 3.109   -4.732  -20.528 1.00 33.14 ? 28  ASP A CA  1 
ATOM   91   C C   . ASP A 1 14  ? 3.857   -3.418  -20.396 1.00 34.32 ? 28  ASP A C   1 
ATOM   92   O O   . ASP A 1 14  ? 4.648   -3.167  -21.309 1.00 36.49 ? 28  ASP A O   1 
ATOM   93   C CB  . ASP A 1 14  ? 1.781   -4.325  -21.119 1.00 42.04 ? 28  ASP A CB  1 
ATOM   94   C CG  . ASP A 1 14  ? 1.164   -5.610  -21.662 1.00 49.70 ? 28  ASP A CG  1 
ATOM   95   O OD1 . ASP A 1 14  ? 1.896   -6.632  -21.662 1.00 49.67 ? 28  ASP A OD1 1 
ATOM   96   O OD2 . ASP A 1 14  ? -0.018  -5.472  -22.028 1.00 55.03 ? 28  ASP A OD2 1 
ATOM   97   N N   . ALA A 1 15  ? 3.474   -2.577  -19.464 1.00 31.34 ? 29  ALA A N   1 
ATOM   98   C CA  . ALA A 1 15  ? 4.179   -1.315  -19.270 1.00 30.03 ? 29  ALA A CA  1 
ATOM   99   C C   . ALA A 1 15  ? 5.629   -1.564  -18.919 1.00 29.26 ? 29  ALA A C   1 
ATOM   100  O O   . ALA A 1 15  ? 6.506   -0.815  -19.388 1.00 32.52 ? 29  ALA A O   1 
ATOM   101  C CB  . ALA A 1 15  ? 3.493   -0.520  -18.157 1.00 31.53 ? 29  ALA A CB  1 
ATOM   102  N N   . PHE A 1 16  ? 6.008   -2.583  -18.128 1.00 26.30 ? 30  PHE A N   1 
ATOM   103  C CA  . PHE A 1 16  ? 7.401   -2.828  -17.822 1.00 25.17 ? 30  PHE A CA  1 
ATOM   104  C C   . PHE A 1 16  ? 8.096   -3.352  -19.099 1.00 25.33 ? 30  PHE A C   1 
ATOM   105  O O   . PHE A 1 16  ? 9.265   -3.052  -19.247 1.00 23.73 ? 30  PHE A O   1 
ATOM   106  C CB  . PHE A 1 16  ? 7.626   -3.923  -16.797 1.00 20.29 ? 30  PHE A CB  1 
ATOM   107  C CG  . PHE A 1 16  ? 9.030   -4.161  -16.435 1.00 20.52 ? 30  PHE A CG  1 
ATOM   108  C CD1 . PHE A 1 16  ? 9.784   -3.127  -15.951 1.00 25.41 ? 30  PHE A CD1 1 
ATOM   109  C CD2 . PHE A 1 16  ? 9.615   -5.403  -16.724 1.00 23.76 ? 30  PHE A CD2 1 
ATOM   110  C CE1 . PHE A 1 16  ? 11.154  -3.230  -15.667 1.00 28.45 ? 30  PHE A CE1 1 
ATOM   111  C CE2 . PHE A 1 16  ? 10.953  -5.548  -16.335 1.00 23.04 ? 30  PHE A CE2 1 
ATOM   112  C CZ  . PHE A 1 16  ? 11.657  -4.482  -15.861 1.00 22.55 ? 30  PHE A CZ  1 
ATOM   113  N N   . SER A 1 17  ? 7.456   -4.130  -19.960 1.00 25.63 ? 31  SER A N   1 
ATOM   114  C CA  . SER A 1 17  ? 8.237   -4.536  -21.160 1.00 29.91 ? 31  SER A CA  1 
ATOM   115  C C   . SER A 1 17  ? 8.688   -3.353  -22.029 1.00 31.46 ? 31  SER A C   1 
ATOM   116  O O   . SER A 1 17  ? 9.738   -3.466  -22.677 1.00 33.01 ? 31  SER A O   1 
ATOM   117  C CB  . SER A 1 17  ? 7.291   -5.325  -22.088 1.00 32.54 ? 31  SER A CB  1 
ATOM   118  O OG  . SER A 1 17  ? 6.859   -6.438  -21.333 1.00 53.43 ? 31  SER A OG  1 
ATOM   119  N N   . ARG A 1 18  ? 7.908   -2.265  -22.090 1.00 34.67 ? 32  ARG A N   1 
ATOM   120  C CA  . ARG A 1 18  ? 8.303   -1.102  -22.896 1.00 38.09 ? 32  ARG A CA  1 
ATOM   121  C C   . ARG A 1 18  ? 9.413   -0.294  -22.267 1.00 38.53 ? 32  ARG A C   1 
ATOM   122  O O   . ARG A 1 18  ? 10.117  0.429   -22.991 1.00 43.14 ? 32  ARG A O   1 
ATOM   123  C CB  . ARG A 1 18  ? 7.188   -0.083  -23.277 1.00 37.45 ? 32  ARG A CB  1 
ATOM   124  C CG  . ARG A 1 18  ? 6.301   -0.664  -24.404 1.00 44.52 ? 32  ARG A CG  1 
ATOM   125  C CD  . ARG A 1 18  ? 6.015   0.373   -25.424 1.00 48.50 ? 32  ARG A CD  1 
ATOM   126  N NE  . ARG A 1 18  ? 6.943   1.198   -26.125 1.00 49.38 ? 32  ARG A NE  1 
ATOM   127  C CZ  . ARG A 1 18  ? 8.079   1.795   -26.330 1.00 41.75 ? 32  ARG A CZ  1 
ATOM   128  N NH1 . ARG A 1 18  ? 9.192   1.692   -25.588 1.00 40.99 ? 32  ARG A NH1 1 
ATOM   129  N NH2 . ARG A 1 18  ? 8.173   2.750   -27.280 1.00 39.62 ? 32  ARG A NH2 1 
ATOM   130  N N   . VAL A 1 19  ? 9.694   -0.387  -20.984 1.00 37.28 ? 33  VAL A N   1 
ATOM   131  C CA  . VAL A 1 19  ? 10.722  0.329   -20.288 1.00 33.18 ? 33  VAL A CA  1 
ATOM   132  C C   . VAL A 1 19  ? 11.927  -0.514  -19.911 1.00 33.03 ? 33  VAL A C   1 
ATOM   133  O O   . VAL A 1 19  ? 12.995  0.037   -19.566 1.00 32.51 ? 33  VAL A O   1 
ATOM   134  C CB  . VAL A 1 19  ? 10.164  1.071   -19.034 1.00 37.52 ? 33  VAL A CB  1 
ATOM   135  C CG1 . VAL A 1 19  ? 10.419  0.341   -17.754 1.00 32.81 ? 33  VAL A CG1 1 
ATOM   136  C CG2 . VAL A 1 19  ? 11.008  2.367   -18.954 1.00 32.53 ? 33  VAL A CG2 1 
ATOM   137  N N   . LYS A 1 20  ? 11.862  -1.850  -19.972 1.00 31.50 ? 34  LYS A N   1 
ATOM   138  C CA  . LYS A 1 20  ? 12.949  -2.777  -19.643 1.00 32.33 ? 34  LYS A CA  1 
ATOM   139  C C   . LYS A 1 20  ? 14.268  -2.496  -20.326 1.00 32.87 ? 34  LYS A C   1 
ATOM   140  O O   . LYS A 1 20  ? 15.375  -2.393  -19.764 1.00 33.29 ? 34  LYS A O   1 
ATOM   141  C CB  . LYS A 1 20  ? 12.483  -4.221  -20.039 1.00 31.73 ? 34  LYS A CB  1 
ATOM   142  C CG  . LYS A 1 20  ? 13.347  -5.400  -19.681 1.00 36.42 ? 34  LYS A CG  1 
ATOM   143  C CD  . LYS A 1 20  ? 12.767  -6.709  -20.147 1.00 37.61 ? 34  LYS A CD  1 
ATOM   144  C CE  . LYS A 1 20  ? 13.511  -7.935  -19.618 1.00 49.60 ? 34  LYS A CE  1 
ATOM   145  N NZ  . LYS A 1 20  ? 13.341  -8.219  -18.159 1.00 54.27 ? 34  LYS A NZ  1 
ATOM   146  N N   . THR A 1 21  ? 14.159  -2.224  -21.631 1.00 32.65 ? 35  THR A N   1 
ATOM   147  C CA  . THR A 1 21  ? 15.325  -1.980  -22.491 1.00 31.45 ? 35  THR A CA  1 
ATOM   148  C C   . THR A 1 21  ? 16.106  -0.787  -22.080 1.00 32.99 ? 35  THR A C   1 
ATOM   149  O O   . THR A 1 21  ? 17.281  -0.706  -22.479 1.00 35.64 ? 35  THR A O   1 
ATOM   150  C CB  . THR A 1 21  ? 14.865  -1.848  -23.951 1.00 34.12 ? 35  THR A CB  1 
ATOM   151  O OG1 . THR A 1 21  ? 13.885  -0.831  -24.182 1.00 33.89 ? 35  THR A OG1 1 
ATOM   152  C CG2 . THR A 1 21  ? 14.090  -3.160  -24.218 1.00 34.15 ? 35  THR A CG2 1 
ATOM   153  N N   . PHE A 1 22  ? 15.578  0.189   -21.356 1.00 30.63 ? 36  PHE A N   1 
ATOM   154  C CA  . PHE A 1 22  ? 16.354  1.370   -20.958 1.00 29.65 ? 36  PHE A CA  1 
ATOM   155  C C   . PHE A 1 22  ? 17.093  1.157   -19.669 1.00 32.62 ? 36  PHE A C   1 
ATOM   156  O O   . PHE A 1 22  ? 17.898  2.030   -19.300 1.00 36.50 ? 36  PHE A O   1 
ATOM   157  C CB  . PHE A 1 22  ? 15.373  2.538   -20.676 1.00 28.88 ? 36  PHE A CB  1 
ATOM   158  C CG  . PHE A 1 22  ? 14.592  3.101   -21.833 1.00 26.18 ? 36  PHE A CG  1 
ATOM   159  C CD1 . PHE A 1 22  ? 13.434  2.538   -22.283 1.00 25.66 ? 36  PHE A CD1 1 
ATOM   160  C CD2 . PHE A 1 22  ? 15.144  4.224   -22.490 1.00 23.77 ? 36  PHE A CD2 1 
ATOM   161  C CE1 . PHE A 1 22  ? 12.790  3.049   -23.431 1.00 28.03 ? 36  PHE A CE1 1 
ATOM   162  C CE2 . PHE A 1 22  ? 14.498  4.739   -23.611 1.00 21.33 ? 36  PHE A CE2 1 
ATOM   163  C CZ  . PHE A 1 22  ? 13.326  4.133   -24.055 1.00 26.72 ? 36  PHE A CZ  1 
ATOM   164  N N   . PHE A 1 23  ? 16.798  0.104   -18.919 1.00 39.27 ? 37  PHE A N   1 
ATOM   165  C CA  . PHE A 1 23  ? 17.397  -0.015  -17.561 1.00 46.63 ? 37  PHE A CA  1 
ATOM   166  C C   . PHE A 1 23  ? 18.448  -1.052  -17.529 1.00 55.33 ? 37  PHE A C   1 
ATOM   167  O O   . PHE A 1 23  ? 19.526  -0.681  -17.021 1.00 58.67 ? 37  PHE A O   1 
ATOM   168  C CB  . PHE A 1 23  ? 16.358  -0.130  -16.434 1.00 34.21 ? 37  PHE A CB  1 
ATOM   169  C CG  . PHE A 1 23  ? 15.852  1.314   -16.307 1.00 33.82 ? 37  PHE A CG  1 
ATOM   170  C CD1 . PHE A 1 23  ? 16.665  2.246   -15.650 1.00 29.72 ? 37  PHE A CD1 1 
ATOM   171  C CD2 . PHE A 1 23  ? 14.705  1.747   -16.945 1.00 32.82 ? 37  PHE A CD2 1 
ATOM   172  C CE1 . PHE A 1 23  ? 16.312  3.575   -15.672 1.00 30.08 ? 37  PHE A CE1 1 
ATOM   173  C CE2 . PHE A 1 23  ? 14.378  3.107   -16.934 1.00 25.36 ? 37  PHE A CE2 1 
ATOM   174  C CZ  . PHE A 1 23  ? 15.201  4.038   -16.313 1.00 27.05 ? 37  PHE A CZ  1 
ATOM   175  N N   . GLN A 1 24  ? 18.203  -2.213  -18.117 1.00 60.68 ? 38  GLN A N   1 
ATOM   176  C CA  . GLN A 1 24  ? 19.298  -3.216  -18.191 1.00 66.47 ? 38  GLN A CA  1 
ATOM   177  C C   . GLN A 1 24  ? 19.112  -3.996  -19.497 1.00 70.46 ? 38  GLN A C   1 
ATOM   178  O O   . GLN A 1 24  ? 19.788  -3.815  -20.495 1.00 69.21 ? 38  GLN A O   1 
ATOM   179  N N   . THR A 1 25  ? 18.069  -4.804  -19.476 1.00 75.89 ? 39  THR A N   1 
ATOM   180  C CA  . THR A 1 25  ? 17.546  -5.759  -20.416 1.00 81.21 ? 39  THR A CA  1 
ATOM   181  C C   . THR A 1 25  ? 18.462  -7.014  -20.321 1.00 84.37 ? 39  THR A C   1 
ATOM   182  O O   . THR A 1 25  ? 19.367  -7.424  -21.025 1.00 85.07 ? 39  THR A O   1 
ATOM   183  C CB  . THR A 1 25  ? 17.181  -5.457  -21.852 1.00 83.15 ? 39  THR A CB  1 
ATOM   184  O OG1 . THR A 1 25  ? 16.342  -6.552  -22.338 1.00 83.00 ? 39  THR A OG1 1 
ATOM   185  C CG2 . THR A 1 25  ? 18.367  -5.304  -22.788 1.00 86.91 ? 39  THR A CG2 1 
ATOM   186  N N   . LYS A 1 26  ? 18.172  -7.638  -19.199 1.00 86.83 ? 40  LYS A N   1 
ATOM   187  C CA  . LYS A 1 26  ? 18.642  -8.783  -18.462 1.00 88.79 ? 40  LYS A CA  1 
ATOM   188  C C   . LYS A 1 26  ? 18.051  -8.404  -17.067 1.00 89.97 ? 40  LYS A C   1 
ATOM   189  O O   . LYS A 1 26  ? 16.878  -8.683  -16.873 1.00 90.13 ? 40  LYS A O   1 
ATOM   190  N N   . ASP A 1 27  ? 18.817  -7.657  -16.275 1.00 91.68 ? 41  ASP A N   1 
ATOM   191  C CA  . ASP A 1 27  ? 18.359  -7.154  -14.990 1.00 92.96 ? 41  ASP A CA  1 
ATOM   192  C C   . ASP A 1 27  ? 19.237  -7.202  -13.764 1.00 92.96 ? 41  ASP A C   1 
ATOM   193  O O   . ASP A 1 27  ? 19.069  -8.179  -13.006 1.00 92.96 ? 41  ASP A O   1 
ATOM   194  N N   . GLU A 1 28  ? 20.067  -6.205  -13.422 1.00 92.77 ? 42  GLU A N   1 
ATOM   195  C CA  . GLU A 1 28  ? 20.914  -6.366  -12.204 1.00 92.01 ? 42  GLU A CA  1 
ATOM   196  C C   . GLU A 1 28  ? 21.662  -7.686  -12.447 1.00 91.74 ? 42  GLU A C   1 
ATOM   197  O O   . GLU A 1 28  ? 22.752  -7.600  -13.058 1.00 92.36 ? 42  GLU A O   1 
ATOM   198  C CB  . GLU A 1 28  ? 20.102  -6.337  -10.949 1.00 89.48 ? 42  GLU A CB  1 
ATOM   199  N N   . VAL A 1 29  ? 21.176  -8.879  -12.070 1.00 89.67 ? 43  VAL A N   1 
ATOM   200  C CA  . VAL A 1 29  ? 21.829  -10.115 -12.416 1.00 85.37 ? 43  VAL A CA  1 
ATOM   201  C C   . VAL A 1 29  ? 23.034  -10.729 -11.767 1.00 81.29 ? 43  VAL A C   1 
ATOM   202  O O   . VAL A 1 29  ? 23.352  -11.898 -12.058 1.00 79.64 ? 43  VAL A O   1 
ATOM   203  N N   . ASP A 1 30  ? 23.739  -9.945  -10.968 1.00 77.28 ? 44  ASP A N   1 
ATOM   204  C CA  . ASP A 1 30  ? 24.891  -10.285 -10.135 1.00 70.26 ? 44  ASP A CA  1 
ATOM   205  C C   . ASP A 1 30  ? 24.245  -10.345 -8.713  1.00 66.09 ? 44  ASP A C   1 
ATOM   206  O O   . ASP A 1 30  ? 23.453  -11.298 -8.529  1.00 65.31 ? 44  ASP A O   1 
ATOM   207  N N   . ASN A 1 31  ? 24.432  -9.357  -7.829  1.00 60.76 ? 45  ASN A N   1 
ATOM   208  C CA  . ASN A 1 31  ? 23.768  -9.420  -6.506  1.00 54.10 ? 45  ASN A CA  1 
ATOM   209  C C   . ASN A 1 31  ? 22.413  -8.704  -6.464  1.00 46.37 ? 45  ASN A C   1 
ATOM   210  O O   . ASN A 1 31  ? 22.462  -7.473  -6.452  1.00 48.70 ? 45  ASN A O   1 
ATOM   211  C CB  . ASN A 1 31  ? 24.569  -8.663  -5.436  1.00 56.42 ? 45  ASN A CB  1 
ATOM   212  N N   . LEU A 1 32  ? 21.297  -9.382  -6.425  1.00 39.14 ? 46  LEU A N   1 
ATOM   213  C CA  . LEU A 1 32  ? 19.991  -8.758  -6.404  1.00 34.52 ? 46  LEU A CA  1 
ATOM   214  C C   . LEU A 1 32  ? 19.732  -7.751  -5.282  1.00 32.59 ? 46  LEU A C   1 
ATOM   215  O O   . LEU A 1 32  ? 20.131  -7.788  -4.146  1.00 29.95 ? 46  LEU A O   1 
ATOM   216  C CB  . LEU A 1 32  ? 18.951  -9.860  -6.390  1.00 27.78 ? 46  LEU A CB  1 
ATOM   217  C CG  . LEU A 1 32  ? 18.278  -10.350 -7.637  1.00 37.45 ? 46  LEU A CG  1 
ATOM   218  C CD1 . LEU A 1 32  ? 19.376  -10.754 -8.642  1.00 42.11 ? 46  LEU A CD1 1 
ATOM   219  C CD2 . LEU A 1 32  ? 17.310  -11.495 -7.466  1.00 34.27 ? 46  LEU A CD2 1 
ATOM   220  N N   . LEU A 1 33  ? 18.936  -6.704  -5.603  1.00 34.15 ? 47  LEU A N   1 
ATOM   221  C CA  . LEU A 1 33  ? 18.478  -5.673  -4.680  1.00 30.38 ? 47  LEU A CA  1 
ATOM   222  C C   . LEU A 1 33  ? 17.236  -6.199  -3.957  1.00 26.97 ? 47  LEU A C   1 
ATOM   223  O O   . LEU A 1 33  ? 17.005  -6.125  -2.773  1.00 28.68 ? 47  LEU A O   1 
ATOM   224  C CB  . LEU A 1 33  ? 18.078  -4.402  -5.441  1.00 31.63 ? 47  LEU A CB  1 
ATOM   225  C CG  . LEU A 1 33  ? 17.598  -3.184  -4.639  1.00 28.76 ? 47  LEU A CG  1 
ATOM   226  C CD1 . LEU A 1 33  ? 18.739  -2.587  -3.827  1.00 28.09 ? 47  LEU A CD1 1 
ATOM   227  C CD2 . LEU A 1 33  ? 17.095  -2.077  -5.523  1.00 27.87 ? 47  LEU A CD2 1 
ATOM   228  N N   . LEU A 1 34  ? 16.287  -6.711  -4.737  1.00 24.49 ? 48  LEU A N   1 
ATOM   229  C CA  . LEU A 1 34  ? 15.037  -7.266  -4.236  1.00 24.10 ? 48  LEU A CA  1 
ATOM   230  C C   . LEU A 1 34  ? 15.245  -8.786  -3.969  1.00 25.85 ? 48  LEU A C   1 
ATOM   231  O O   . LEU A 1 34  ? 14.803  -9.599  -4.827  1.00 20.74 ? 48  LEU A O   1 
ATOM   232  C CB  . LEU A 1 34  ? 13.957  -7.338  -5.355  1.00 22.88 ? 48  LEU A CB  1 
ATOM   233  C CG  . LEU A 1 34  ? 13.558  -5.912  -5.831  1.00 30.05 ? 48  LEU A CG  1 
ATOM   234  C CD1 . LEU A 1 34  ? 12.172  -5.930  -6.458  1.00 29.30 ? 48  LEU A CD1 1 
ATOM   235  C CD2 . LEU A 1 34  ? 13.726  -4.968  -4.672  1.00 26.18 ? 48  LEU A CD2 1 
ATOM   236  N N   . LYS A 1 35  ? 15.828  -9.085  -2.831  1.00 28.31 ? 49  LYS A N   1 
ATOM   237  C CA  . LYS A 1 35  ? 16.062  -10.551 -2.619  1.00 30.67 ? 49  LYS A CA  1 
ATOM   238  C C   . LYS A 1 35  ? 14.898  -11.287 -2.025  1.00 32.16 ? 49  LYS A C   1 
ATOM   239  O O   . LYS A 1 35  ? 13.846  -10.664 -1.905  1.00 32.32 ? 49  LYS A O   1 
ATOM   240  C CB  . LYS A 1 35  ? 17.315  -10.609 -1.784  1.00 36.00 ? 49  LYS A CB  1 
ATOM   241  C CG  . LYS A 1 35  ? 17.215  -10.027 -0.434  1.00 36.07 ? 49  LYS A CG  1 
ATOM   242  C CD  . LYS A 1 35  ? 18.489  -9.199  -0.198  1.00 41.35 ? 49  LYS A CD  1 
ATOM   243  C CE  . LYS A 1 35  ? 19.607  -9.646  -1.128  1.00 41.81 ? 49  LYS A CE  1 
ATOM   244  N NZ  . LYS A 1 35  ? 20.609  -8.547  -1.360  1.00 49.69 ? 49  LYS A NZ  1 
ATOM   245  N N   . GLU A 1 36  ? 14.923  -12.587 -1.821  1.00 29.41 ? 50  GLU A N   1 
ATOM   246  C CA  . GLU A 1 36  ? 13.902  -13.462 -1.359  1.00 30.50 ? 50  GLU A CA  1 
ATOM   247  C C   . GLU A 1 36  ? 13.442  -13.093 0.061   1.00 26.63 ? 50  GLU A C   1 
ATOM   248  O O   . GLU A 1 36  ? 12.352  -13.494 0.324   1.00 28.81 ? 50  GLU A O   1 
ATOM   249  C CB  . GLU A 1 36  ? 14.327  -14.951 -1.165  1.00 30.03 ? 50  GLU A CB  1 
ATOM   250  C CG  . GLU A 1 36  ? 14.442  -15.623 -2.522  1.00 43.55 ? 50  GLU A CG  1 
ATOM   251  C CD  . GLU A 1 36  ? 14.414  -17.145 -2.513  1.00 45.76 ? 50  GLU A CD  1 
ATOM   252  O OE1 . GLU A 1 36  ? 15.095  -17.752 -1.628  1.00 49.15 ? 50  GLU A OE1 1 
ATOM   253  O OE2 . GLU A 1 36  ? 13.704  -17.694 -3.386  1.00 41.73 ? 50  GLU A OE2 1 
ATOM   254  N N   . SER A 1 37  ? 14.207  -12.346 0.774   1.00 24.96 ? 51  SER A N   1 
ATOM   255  C CA  . SER A 1 37  ? 13.847  -11.829 2.083   1.00 30.08 ? 51  SER A CA  1 
ATOM   256  C C   . SER A 1 37  ? 12.539  -11.040 1.923   1.00 29.20 ? 51  SER A C   1 
ATOM   257  O O   . SER A 1 37  ? 11.670  -11.147 2.781   1.00 28.84 ? 51  SER A O   1 
ATOM   258  C CB  . SER A 1 37  ? 14.857  -10.831 2.634   1.00 27.82 ? 51  SER A CB  1 
ATOM   259  O OG  . SER A 1 37  ? 15.319  -9.990  1.615   1.00 42.95 ? 51  SER A OG  1 
ATOM   260  N N   . LEU A 1 38  ? 12.410  -10.291 0.844   1.00 27.85 ? 52  LEU A N   1 
ATOM   261  C CA  . LEU A 1 38  ? 11.188  -9.540  0.617   1.00 26.93 ? 52  LEU A CA  1 
ATOM   262  C C   . LEU A 1 38  ? 10.014  -10.440 0.435   1.00 27.50 ? 52  LEU A C   1 
ATOM   263  O O   . LEU A 1 38  ? 8.875   -10.236 0.809   1.00 29.02 ? 52  LEU A O   1 
ATOM   264  C CB  . LEU A 1 38  ? 11.349  -8.749  -0.730  1.00 29.22 ? 52  LEU A CB  1 
ATOM   265  C CG  . LEU A 1 38  ? 10.116  -7.863  -1.049  1.00 32.27 ? 52  LEU A CG  1 
ATOM   266  C CD1 . LEU A 1 38  ? 9.984   -6.721  -0.015  1.00 25.95 ? 52  LEU A CD1 1 
ATOM   267  C CD2 . LEU A 1 38  ? 10.106  -7.275  -2.451  1.00 27.68 ? 52  LEU A CD2 1 
ATOM   268  N N   . LEU A 1 39  ? 10.220  -11.554 -0.221  1.00 28.74 ? 53  LEU A N   1 
ATOM   269  C CA  . LEU A 1 39  ? 9.164   -12.508 -0.542  1.00 29.86 ? 53  LEU A CA  1 
ATOM   270  C C   . LEU A 1 39  ? 8.782   -13.226 0.759   1.00 28.85 ? 53  LEU A C   1 
ATOM   271  O O   . LEU A 1 39  ? 7.623   -13.557 0.840   1.00 27.46 ? 53  LEU A O   1 
ATOM   272  C CB  . LEU A 1 39  ? 9.650   -13.574 -1.538  1.00 33.50 ? 53  LEU A CB  1 
ATOM   273  C CG  . LEU A 1 39  ? 8.684   -14.725 -1.854  1.00 33.57 ? 53  LEU A CG  1 
ATOM   274  C CD1 . LEU A 1 39  ? 7.401   -14.337 -2.560  1.00 34.24 ? 53  LEU A CD1 1 
ATOM   275  C CD2 . LEU A 1 39  ? 9.417   -15.752 -2.727  1.00 36.43 ? 53  LEU A CD2 1 
ATOM   276  N N   . GLU A 1 40  ? 9.718   -13.316 1.690   1.00 29.37 ? 54  GLU A N   1 
ATOM   277  C CA  . GLU A 1 40  ? 9.292   -14.030 2.950   1.00 26.85 ? 54  GLU A CA  1 
ATOM   278  C C   . GLU A 1 40  ? 8.381   -13.055 3.730   1.00 30.17 ? 54  GLU A C   1 
ATOM   279  O O   . GLU A 1 40  ? 7.304   -13.448 4.165   1.00 30.63 ? 54  GLU A O   1 
ATOM   280  C CB  . GLU A 1 40  ? 10.433  -14.521 3.699   1.00 28.97 ? 54  GLU A CB  1 
ATOM   281  C CG  . GLU A 1 40  ? 11.561  -15.362 3.081   1.00 35.21 ? 54  GLU A CG  1 
ATOM   282  C CD  . GLU A 1 40  ? 11.047  -16.444 2.166   1.00 40.36 ? 54  GLU A CD  1 
ATOM   283  O OE1 . GLU A 1 40  ? 10.225  -17.229 2.705   1.00 45.18 ? 54  GLU A OE1 1 
ATOM   284  O OE2 . GLU A 1 40  ? 11.431  -16.571 0.986   1.00 47.42 ? 54  GLU A OE2 1 
ATOM   285  N N   . ASP A 1 41  ? 8.764   -11.797 3.920   1.00 28.20 ? 55  ASP A N   1 
ATOM   286  C CA  . ASP A 1 41  ? 7.882   -10.835 4.560   1.00 29.67 ? 55  ASP A CA  1 
ATOM   287  C C   . ASP A 1 41  ? 6.573   -10.831 3.809   1.00 32.93 ? 55  ASP A C   1 
ATOM   288  O O   . ASP A 1 41  ? 5.470   -10.962 4.372   1.00 36.16 ? 55  ASP A O   1 
ATOM   289  C CB  . ASP A 1 41  ? 8.495   -9.441  4.574   1.00 31.61 ? 55  ASP A CB  1 
ATOM   290  C CG  . ASP A 1 41  ? 9.581   -9.191  5.578   1.00 30.41 ? 55  ASP A CG  1 
ATOM   291  O OD1 . ASP A 1 41  ? 9.989   -10.217 6.181   1.00 31.72 ? 55  ASP A OD1 1 
ATOM   292  O OD2 . ASP A 1 41  ? 10.185  -8.112  5.808   1.00 32.51 ? 55  ASP A OD2 1 
ATOM   293  N N   . PHE A 1 42  ? 6.505   -10.731 2.475   1.00 34.34 ? 56  PHE A N   1 
ATOM   294  C CA  . PHE A 1 42  ? 5.233   -10.748 1.719   1.00 33.97 ? 56  PHE A CA  1 
ATOM   295  C C   . PHE A 1 42  ? 4.386   -11.952 2.107   1.00 32.92 ? 56  PHE A C   1 
ATOM   296  O O   . PHE A 1 42  ? 3.153   -11.976 2.073   1.00 31.83 ? 56  PHE A O   1 
ATOM   297  C CB  . PHE A 1 42  ? 5.444   -10.839 0.185   1.00 29.93 ? 56  PHE A CB  1 
ATOM   298  C CG  . PHE A 1 42  ? 5.618   -9.517  -0.549  1.00 27.40 ? 56  PHE A CG  1 
ATOM   299  C CD1 . PHE A 1 42  ? 6.175   -8.416  0.067   1.00 28.07 ? 56  PHE A CD1 1 
ATOM   300  C CD2 . PHE A 1 42  ? 5.352   -9.466  -1.898  1.00 28.26 ? 56  PHE A CD2 1 
ATOM   301  C CE1 . PHE A 1 42  ? 6.376   -7.245  -0.651  1.00 32.72 ? 56  PHE A CE1 1 
ATOM   302  C CE2 . PHE A 1 42  ? 5.567   -8.315  -2.610  1.00 29.46 ? 56  PHE A CE2 1 
ATOM   303  C CZ  . PHE A 1 42  ? 6.061   -7.201  -2.006  1.00 26.54 ? 56  PHE A CZ  1 
ATOM   304  N N   . LYS A 1 43  ? 5.135   -13.041 2.415   1.00 34.63 ? 57  LYS A N   1 
ATOM   305  C CA  . LYS A 1 43  ? 4.368   -14.260 2.741   1.00 37.80 ? 57  LYS A CA  1 
ATOM   306  C C   . LYS A 1 43  ? 4.010   -14.276 4.248   1.00 39.82 ? 57  LYS A C   1 
ATOM   307  O O   . LYS A 1 43  ? 3.074   -15.037 4.568   1.00 40.26 ? 57  LYS A O   1 
ATOM   308  C CB  . LYS A 1 43  ? 5.069   -15.538 2.369   1.00 42.47 ? 57  LYS A CB  1 
ATOM   309  C CG  . LYS A 1 43  ? 5.119   -16.004 0.912   1.00 44.00 ? 57  LYS A CG  1 
ATOM   310  C CD  . LYS A 1 43  ? 6.043   -17.201 0.870   1.00 48.87 ? 57  LYS A CD  1 
ATOM   311  C CE  . LYS A 1 43  ? 6.194   -17.948 -0.446  1.00 55.91 ? 57  LYS A CE  1 
ATOM   312  N NZ  . LYS A 1 43  ? 7.379   -18.911 -0.340  1.00 54.00 ? 57  LYS A NZ  1 
ATOM   313  N N   . GLY A 1 44  ? 4.694   -13.530 5.089   1.00 36.30 ? 58  GLY A N   1 
ATOM   314  C CA  . GLY A 1 44  ? 4.392   -13.526 6.504   1.00 38.92 ? 58  GLY A CA  1 
ATOM   315  C C   . GLY A 1 44  ? 3.178   -12.689 6.937   1.00 39.74 ? 58  GLY A C   1 
ATOM   316  O O   . GLY A 1 44  ? 2.310   -12.263 6.197   1.00 38.91 ? 58  GLY A O   1 
ATOM   317  N N   . TYR A 1 45  ? 3.157   -12.424 8.270   1.00 40.24 ? 59  TYR A N   1 
ATOM   318  C CA  . TYR A 1 45  ? 2.101   -11.667 8.933   1.00 40.88 ? 59  TYR A CA  1 
ATOM   319  C C   . TYR A 1 45  ? 2.346   -10.171 8.650   1.00 38.80 ? 59  TYR A C   1 
ATOM   320  O O   . TYR A 1 45  ? 1.376   -9.443  8.845   1.00 41.01 ? 59  TYR A O   1 
ATOM   321  C CB  . TYR A 1 45  ? 2.024   -11.793 10.454  1.00 40.90 ? 59  TYR A CB  1 
ATOM   322  C CG  . TYR A 1 45  ? 3.169   -11.092 11.142  1.00 44.26 ? 59  TYR A CG  1 
ATOM   323  C CD1 . TYR A 1 45  ? 4.404   -11.697 11.271  1.00 48.11 ? 59  TYR A CD1 1 
ATOM   324  C CD2 . TYR A 1 45  ? 3.022   -9.843  11.713  1.00 49.74 ? 59  TYR A CD2 1 
ATOM   325  C CE1 . TYR A 1 45  ? 5.454   -11.067 11.930  1.00 54.82 ? 59  TYR A CE1 1 
ATOM   326  C CE2 . TYR A 1 45  ? 4.047   -9.188  12.396  1.00 55.79 ? 59  TYR A CE2 1 
ATOM   327  C CZ  . TYR A 1 45  ? 5.279   -9.812  12.487  1.00 55.77 ? 59  TYR A CZ  1 
ATOM   328  O OH  . TYR A 1 45  ? 6.332   -9.186  13.122  1.00 58.72 ? 59  TYR A OH  1 
ATOM   329  N N   . LEU A 1 46  ? 3.534   -9.771  8.243   1.00 33.18 ? 60  LEU A N   1 
ATOM   330  C CA  . LEU A 1 46  ? 3.769   -8.385  7.904   1.00 31.78 ? 60  LEU A CA  1 
ATOM   331  C C   . LEU A 1 46  ? 3.540   -8.161  6.414   1.00 30.80 ? 60  LEU A C   1 
ATOM   332  O O   . LEU A 1 46  ? 3.802   -7.084  5.852   1.00 29.83 ? 60  LEU A O   1 
ATOM   333  C CB  . LEU A 1 46  ? 5.243   -8.172  8.259   1.00 37.25 ? 60  LEU A CB  1 
ATOM   334  C CG  . LEU A 1 46  ? 5.581   -7.155  9.327   1.00 42.20 ? 60  LEU A CG  1 
ATOM   335  C CD1 . LEU A 1 46  ? 4.526   -7.170  10.428  1.00 45.41 ? 60  LEU A CD1 1 
ATOM   336  C CD2 . LEU A 1 46  ? 6.964   -7.406  9.920   1.00 38.58 ? 60  LEU A CD2 1 
ATOM   337  N N   . GLY A 1 47  ? 2.863   -9.047  5.720   1.00 30.32 ? 61  GLY A N   1 
ATOM   338  C CA  . GLY A 1 47  ? 2.593   -8.981  4.308   1.00 32.19 ? 61  GLY A CA  1 
ATOM   339  C C   . GLY A 1 47  ? 2.106   -7.750  3.618   1.00 32.59 ? 61  GLY A C   1 
ATOM   340  O O   . GLY A 1 47  ? 2.634   -7.239  2.603   1.00 32.38 ? 61  GLY A O   1 
ATOM   341  N N   . CYS A 1 48  ? 0.990   -7.198  4.092   1.00 29.81 ? 62  CYS A N   1 
ATOM   342  C CA  . CYS A 1 48  ? 0.399   -5.998  3.549   1.00 27.80 ? 62  CYS A CA  1 
ATOM   343  C C   . CYS A 1 48  ? 1.261   -4.776  3.717   1.00 27.44 ? 62  CYS A C   1 
ATOM   344  O O   . CYS A 1 48  ? 1.406   -3.853  2.906   1.00 25.55 ? 62  CYS A O   1 
ATOM   345  C CB  . CYS A 1 48  ? -0.929  -5.789  4.345   1.00 29.37 ? 62  CYS A CB  1 
ATOM   346  S SG  . CYS A 1 48  ? -1.975  -4.519  3.591   1.00 29.58 ? 62  CYS A SG  1 
ATOM   347  N N   . GLN A 1 49  ? 1.871   -4.679  4.910   1.00 25.12 ? 63  GLN A N   1 
ATOM   348  C CA  . GLN A 1 49  ? 2.704   -3.506  5.196   1.00 29.21 ? 63  GLN A CA  1 
ATOM   349  C C   . GLN A 1 49  ? 3.910   -3.475  4.252   1.00 25.39 ? 63  GLN A C   1 
ATOM   350  O O   . GLN A 1 49  ? 4.360   -2.461  3.771   1.00 23.12 ? 63  GLN A O   1 
ATOM   351  C CB  . GLN A 1 49  ? 3.175   -3.565  6.654   1.00 30.53 ? 63  GLN A CB  1 
ATOM   352  C CG  . GLN A 1 49  ? 2.088   -3.419  7.711   1.00 37.72 ? 63  GLN A CG  1 
ATOM   353  C CD  . GLN A 1 49  ? 1.103   -4.524  7.871   1.00 43.51 ? 63  GLN A CD  1 
ATOM   354  O OE1 . GLN A 1 49  ? -0.123  -4.326  8.127   1.00 53.86 ? 63  GLN A OE1 1 
ATOM   355  N NE2 . GLN A 1 49  ? 1.486   -5.772  7.756   1.00 40.51 ? 63  GLN A NE2 1 
ATOM   356  N N   . ALA A 1 50  ? 4.469   -4.692  4.078   1.00 27.13 ? 64  ALA A N   1 
ATOM   357  C CA  . ALA A 1 50  ? 5.676   -4.852  3.209   1.00 27.32 ? 64  ALA A CA  1 
ATOM   358  C C   . ALA A 1 50  ? 5.306   -4.488  1.791   1.00 26.00 ? 64  ALA A C   1 
ATOM   359  O O   . ALA A 1 50  ? 6.036   -3.696  1.187   1.00 30.62 ? 64  ALA A O   1 
ATOM   360  C CB  . ALA A 1 50  ? 6.197   -6.286  3.379   1.00 24.30 ? 64  ALA A CB  1 
ATOM   361  N N   . LEU A 1 51  ? 4.176   -4.874  1.256   1.00 26.19 ? 65  LEU A N   1 
ATOM   362  C CA  . LEU A 1 51  ? 3.749   -4.569  -0.090  1.00 27.70 ? 65  LEU A CA  1 
ATOM   363  C C   . LEU A 1 51  ? 3.434   -3.088  -0.296  1.00 26.84 ? 65  LEU A C   1 
ATOM   364  O O   . LEU A 1 51  ? 3.936   -2.379  -1.150  1.00 25.68 ? 65  LEU A O   1 
ATOM   365  C CB  . LEU A 1 51  ? 2.508   -5.372  -0.448  1.00 22.16 ? 65  LEU A CB  1 
ATOM   366  C CG  . LEU A 1 51  ? 1.942   -5.077  -1.849  1.00 30.84 ? 65  LEU A CG  1 
ATOM   367  C CD1 . LEU A 1 51  ? 2.992   -5.210  -2.937  1.00 28.78 ? 65  LEU A CD1 1 
ATOM   368  C CD2 . LEU A 1 51  ? 0.855   -6.097  -2.108  1.00 25.75 ? 65  LEU A CD2 1 
ATOM   369  N N   . SER A 1 52  ? 2.702   -2.561  0.658   1.00 27.97 ? 66  SER A N   1 
ATOM   370  C CA  . SER A 1 52  ? 2.298   -1.124  0.659   1.00 25.18 ? 66  SER A CA  1 
ATOM   371  C C   . SER A 1 52  ? 3.532   -0.281  0.735   1.00 25.91 ? 66  SER A C   1 
ATOM   372  O O   . SER A 1 52  ? 3.727   0.761   0.045   1.00 24.58 ? 66  SER A O   1 
ATOM   373  C CB  . SER A 1 52  ? 1.328   -0.991  1.850   1.00 29.01 ? 66  SER A CB  1 
ATOM   374  O OG  . SER A 1 52  ? 1.348   0.294   2.367   1.00 25.46 ? 66  SER A OG  1 
ATOM   375  N N   . GLU A 1 53  ? 4.485   -0.683  1.601   1.00 24.54 ? 67  GLU A N   1 
ATOM   376  C CA  . GLU A 1 53  ? 5.737   0.043   1.712   1.00 25.10 ? 67  GLU A CA  1 
ATOM   377  C C   . GLU A 1 53  ? 6.546   -0.092  0.405   1.00 25.58 ? 67  GLU A C   1 
ATOM   378  O O   . GLU A 1 53  ? 7.120   0.942   0.037   1.00 25.67 ? 67  GLU A O   1 
ATOM   379  C CB  . GLU A 1 53  ? 6.553   -0.445  2.888   1.00 29.39 ? 67  GLU A CB  1 
ATOM   380  C CG  . GLU A 1 53  ? 7.562   0.592   3.362   1.00 41.70 ? 67  GLU A CG  1 
ATOM   381  C CD  . GLU A 1 53  ? 8.154   0.231   4.735   1.00 48.35 ? 67  GLU A CD  1 
ATOM   382  O OE1 . GLU A 1 53  ? 7.654   -0.723  5.395   1.00 48.66 ? 67  GLU A OE1 1 
ATOM   383  O OE2 . GLU A 1 53  ? 9.114   0.981   5.055   1.00 48.62 ? 67  GLU A OE2 1 
ATOM   384  N N   . MET A 1 54  ? 6.492   -1.239  -0.268  1.00 25.00 ? 68  MET A N   1 
ATOM   385  C CA  . MET A 1 54  ? 7.342   -1.310  -1.499  1.00 26.05 ? 68  MET A CA  1 
ATOM   386  C C   . MET A 1 54  ? 6.683   -0.469  -2.588  1.00 27.92 ? 68  MET A C   1 
ATOM   387  O O   . MET A 1 54  ? 7.414   0.183   -3.370  1.00 27.09 ? 68  MET A O   1 
ATOM   388  C CB  . MET A 1 54  ? 7.431   -2.759  -1.998  1.00 31.25 ? 68  MET A CB  1 
ATOM   389  C CG  . MET A 1 54  ? 8.608   -3.555  -1.425  1.00 32.57 ? 68  MET A CG  1 
ATOM   390  S SD  . MET A 1 54  ? 10.213  -2.716  -1.467  1.00 31.55 ? 68  MET A SD  1 
ATOM   391  C CE  . MET A 1 54  ? 10.539  -3.035  -3.217  1.00 27.74 ? 68  MET A CE  1 
ATOM   392  N N   . ILE A 1 55  ? 5.332   -0.503  -2.699  1.00 28.34 ? 69  ILE A N   1 
ATOM   393  C CA  . ILE A 1 55  ? 4.639   0.272   -3.699  1.00 28.34 ? 69  ILE A CA  1 
ATOM   394  C C   . ILE A 1 55  ? 4.984   1.752   -3.592  1.00 30.60 ? 69  ILE A C   1 
ATOM   395  O O   . ILE A 1 55  ? 5.188   2.526   -4.549  1.00 31.13 ? 69  ILE A O   1 
ATOM   396  C CB  . ILE A 1 55  ? 3.111   0.141   -3.687  1.00 27.46 ? 69  ILE A CB  1 
ATOM   397  C CG1 . ILE A 1 55  ? 2.745   -1.253  -4.193  1.00 25.66 ? 69  ILE A CG1 1 
ATOM   398  C CG2 . ILE A 1 55  ? 2.439   1.080   -4.670  1.00 22.64 ? 69  ILE A CG2 1 
ATOM   399  C CD1 . ILE A 1 55  ? 1.338   -1.717  -4.107  1.00 31.49 ? 69  ILE A CD1 1 
ATOM   400  N N   . GLN A 1 56  ? 4.990   2.235   -2.380  1.00 26.09 ? 70  GLN A N   1 
ATOM   401  C CA  . GLN A 1 56  ? 5.266   3.584   -2.028  1.00 26.56 ? 70  GLN A CA  1 
ATOM   402  C C   . GLN A 1 56  ? 6.696   3.923   -2.337  1.00 22.62 ? 70  GLN A C   1 
ATOM   403  O O   . GLN A 1 56  ? 6.972   5.062   -2.769  1.00 25.70 ? 70  GLN A O   1 
ATOM   404  C CB  . GLN A 1 56  ? 4.973   3.688   -0.492  1.00 33.57 ? 70  GLN A CB  1 
ATOM   405  C CG  . GLN A 1 56  ? 5.071   5.125   0.000   1.00 48.16 ? 70  GLN A CG  1 
ATOM   406  C CD  . GLN A 1 56  ? 4.137   6.105   -0.703  1.00 59.33 ? 70  GLN A CD  1 
ATOM   407  O OE1 . GLN A 1 56  ? 3.151   5.681   -1.353  1.00 65.34 ? 70  GLN A OE1 1 
ATOM   408  N NE2 . GLN A 1 56  ? 4.389   7.428   -0.635  1.00 60.15 ? 70  GLN A NE2 1 
ATOM   409  N N   . PHE A 1 57  ? 7.600   3.008   -2.076  1.00 22.08 ? 71  PHE A N   1 
ATOM   410  C CA  . PHE A 1 57  ? 9.045   3.155   -2.420  1.00 23.66 ? 71  PHE A CA  1 
ATOM   411  C C   . PHE A 1 57  ? 9.246   3.392   -3.905  1.00 20.58 ? 71  PHE A C   1 
ATOM   412  O O   . PHE A 1 57  ? 9.913   4.359   -4.325  1.00 25.23 ? 71  PHE A O   1 
ATOM   413  C CB  . PHE A 1 57  ? 9.722   1.882   -1.909  1.00 25.75 ? 71  PHE A CB  1 
ATOM   414  C CG  . PHE A 1 57  ? 11.177  1.797   -2.293  1.00 28.18 ? 71  PHE A CG  1 
ATOM   415  C CD1 . PHE A 1 57  ? 12.072  2.724   -1.865  1.00 30.44 ? 71  PHE A CD1 1 
ATOM   416  C CD2 . PHE A 1 57  ? 11.603  0.773   -3.126  1.00 31.70 ? 71  PHE A CD2 1 
ATOM   417  C CE1 . PHE A 1 57  ? 13.410  2.697   -2.276  1.00 28.80 ? 71  PHE A CE1 1 
ATOM   418  C CE2 . PHE A 1 57  ? 12.934  0.691   -3.568  1.00 33.76 ? 71  PHE A CE2 1 
ATOM   419  C CZ  . PHE A 1 57  ? 13.835  1.674   -3.100  1.00 26.36 ? 71  PHE A CZ  1 
ATOM   420  N N   . TYR A 1 58  ? 8.664   2.619   -4.823  1.00 23.82 ? 72  TYR A N   1 
ATOM   421  C CA  . TYR A 1 58  ? 8.776   2.829   -6.248  1.00 23.73 ? 72  TYR A CA  1 
ATOM   422  C C   . TYR A 1 58  ? 8.166   4.097   -6.764  1.00 26.49 ? 72  TYR A C   1 
ATOM   423  O O   . TYR A 1 58  ? 8.782   4.871   -7.499  1.00 25.88 ? 72  TYR A O   1 
ATOM   424  C CB  . TYR A 1 58  ? 8.030   1.728   -7.015  1.00 21.48 ? 72  TYR A CB  1 
ATOM   425  C CG  . TYR A 1 58  ? 9.037   0.576   -7.235  1.00 22.40 ? 72  TYR A CG  1 
ATOM   426  C CD1 . TYR A 1 58  ? 9.989   0.661   -8.259  1.00 26.01 ? 72  TYR A CD1 1 
ATOM   427  C CD2 . TYR A 1 58  ? 9.023   -0.576  -6.490  1.00 21.28 ? 72  TYR A CD2 1 
ATOM   428  C CE1 . TYR A 1 58  ? 10.898  -0.343  -8.494  1.00 24.94 ? 72  TYR A CE1 1 
ATOM   429  C CE2 . TYR A 1 58  ? 9.910   -1.618  -6.707  1.00 28.32 ? 72  TYR A CE2 1 
ATOM   430  C CZ  . TYR A 1 58  ? 10.891  -1.485  -7.694  1.00 31.42 ? 72  TYR A CZ  1 
ATOM   431  O OH  . TYR A 1 58  ? 11.735  -2.536  -7.958  1.00 29.50 ? 72  TYR A OH  1 
ATOM   432  N N   . LEU A 1 59  ? 6.929   4.388   -6.334  1.00 25.86 ? 73  LEU A N   1 
ATOM   433  C CA  . LEU A 1 59  ? 6.229   5.597   -6.779  1.00 25.62 ? 73  LEU A CA  1 
ATOM   434  C C   . LEU A 1 59  ? 6.853   6.879   -6.363  1.00 25.57 ? 73  LEU A C   1 
ATOM   435  O O   . LEU A 1 59  ? 6.956   7.931   -7.045  1.00 26.75 ? 73  LEU A O   1 
ATOM   436  C CB  . LEU A 1 59  ? 4.784   5.476   -6.182  1.00 25.46 ? 73  LEU A CB  1 
ATOM   437  C CG  . LEU A 1 59  ? 4.004   4.446   -6.974  1.00 19.95 ? 73  LEU A CG  1 
ATOM   438  C CD1 . LEU A 1 59  ? 2.591   4.342   -6.403  1.00 28.37 ? 73  LEU A CD1 1 
ATOM   439  C CD2 . LEU A 1 59  ? 3.871   4.980   -8.401  1.00 28.35 ? 73  LEU A CD2 1 
ATOM   440  N N   . GLU A 1 60  ? 7.326   6.984   -5.148  1.00 27.89 ? 74  GLU A N   1 
ATOM   441  C CA  . GLU A 1 60  ? 7.906   8.194   -4.615  1.00 29.51 ? 74  GLU A CA  1 
ATOM   442  C C   . GLU A 1 60  ? 9.413   8.196   -4.647  1.00 29.99 ? 74  GLU A C   1 
ATOM   443  O O   . GLU A 1 60  ? 9.881   9.332   -4.888  1.00 32.62 ? 74  GLU A O   1 
ATOM   444  C CB  . GLU A 1 60  ? 7.320   8.337   -3.156  1.00 36.71 ? 74  GLU A CB  1 
ATOM   445  N N   . GLU A 1 61  ? 10.217  7.166   -4.445  1.00 28.69 ? 75  GLU A N   1 
ATOM   446  C CA  . GLU A 1 61  ? 11.674  7.304   -4.456  1.00 29.88 ? 75  GLU A CA  1 
ATOM   447  C C   . GLU A 1 61  ? 12.361  6.843   -5.747  1.00 31.48 ? 75  GLU A C   1 
ATOM   448  O O   . GLU A 1 61  ? 13.164  7.508   -6.415  1.00 36.37 ? 75  GLU A O   1 
ATOM   449  C CB  . GLU A 1 61  ? 12.312  6.531   -3.296  1.00 29.14 ? 75  GLU A CB  1 
ATOM   450  C CG  . GLU A 1 61  ? 12.430  7.313   -1.968  1.00 42.75 ? 75  GLU A CG  1 
ATOM   451  C CD  . GLU A 1 61  ? 12.698  6.486   -0.725  1.00 47.01 ? 75  GLU A CD  1 
ATOM   452  O OE1 . GLU A 1 61  ? 11.683  6.003   -0.139  1.00 47.68 ? 75  GLU A OE1 1 
ATOM   453  O OE2 . GLU A 1 61  ? 13.873  6.222   -0.325  1.00 50.86 ? 75  GLU A OE2 1 
ATOM   454  N N   . VAL A 1 62  ? 12.046  5.689   -6.254  1.00 28.78 ? 76  VAL A N   1 
ATOM   455  C CA  . VAL A 1 62  ? 12.662  5.144   -7.458  1.00 26.31 ? 76  VAL A CA  1 
ATOM   456  C C   . VAL A 1 62  ? 12.107  5.771   -8.734  1.00 26.70 ? 76  VAL A C   1 
ATOM   457  O O   . VAL A 1 62  ? 12.990  6.393   -9.360  1.00 27.00 ? 76  VAL A O   1 
ATOM   458  C CB  . VAL A 1 62  ? 12.476  3.644   -7.546  1.00 23.80 ? 76  VAL A CB  1 
ATOM   459  C CG1 . VAL A 1 62  ? 13.226  3.233   -8.826  1.00 24.97 ? 76  VAL A CG1 1 
ATOM   460  C CG2 . VAL A 1 62  ? 13.016  2.913   -6.352  1.00 21.67 ? 76  VAL A CG2 1 
ATOM   461  N N   . MET A 1 63  ? 10.815  5.707   -9.120  1.00 25.54 ? 77  MET A N   1 
ATOM   462  C CA  . MET A 1 63  ? 10.518  6.298   -10.429 1.00 27.60 ? 77  MET A CA  1 
ATOM   463  C C   . MET A 1 63  ? 10.820  7.710   -10.760 1.00 27.96 ? 77  MET A C   1 
ATOM   464  O O   . MET A 1 63  ? 11.228  7.995   -11.882 1.00 31.23 ? 77  MET A O   1 
ATOM   465  C CB  . MET A 1 63  ? 9.071   5.996   -10.844 1.00 31.31 ? 77  MET A CB  1 
ATOM   466  C CG  . MET A 1 63  ? 8.960   4.468   -10.581 1.00 30.43 ? 77  MET A CG  1 
ATOM   467  S SD  . MET A 1 63  ? 7.448   3.912   -11.297 1.00 38.40 ? 77  MET A SD  1 
ATOM   468  C CE  . MET A 1 63  ? 7.222   2.260   -10.792 1.00 37.93 ? 77  MET A CE  1 
ATOM   469  N N   . PRO A 1 64  ? 10.586  8.678   -9.921  1.00 29.52 ? 78  PRO A N   1 
ATOM   470  C CA  . PRO A 1 64  ? 10.913  10.065  -10.215 1.00 29.17 ? 78  PRO A CA  1 
ATOM   471  C C   . PRO A 1 64  ? 12.431  10.188  -10.363 1.00 29.91 ? 78  PRO A C   1 
ATOM   472  O O   . PRO A 1 64  ? 12.897  11.030  -11.136 1.00 31.12 ? 78  PRO A O   1 
ATOM   473  C CB  . PRO A 1 64  ? 10.432  10.774  -8.923  1.00 31.84 ? 78  PRO A CB  1 
ATOM   474  C CG  . PRO A 1 64  ? 9.445   9.832   -8.292  1.00 30.10 ? 78  PRO A CG  1 
ATOM   475  C CD  . PRO A 1 64  ? 10.068  8.495   -8.548  1.00 29.03 ? 78  PRO A CD  1 
ATOM   476  N N   . GLN A 1 65  ? 13.153  9.369   -9.584  1.00 27.64 ? 79  GLN A N   1 
ATOM   477  C CA  . GLN A 1 65  ? 14.617  9.484   -9.676  1.00 29.03 ? 79  GLN A CA  1 
ATOM   478  C C   . GLN A 1 65  ? 15.096  8.901   -11.004 1.00 28.74 ? 79  GLN A C   1 
ATOM   479  O O   . GLN A 1 65  ? 16.043  9.380   -11.673 1.00 32.78 ? 79  GLN A O   1 
ATOM   480  C CB  . GLN A 1 65  ? 15.272  8.859   -8.471  1.00 31.36 ? 79  GLN A CB  1 
ATOM   481  C CG  . GLN A 1 65  ? 15.500  9.805   -7.279  1.00 37.02 ? 79  GLN A CG  1 
ATOM   482  C CD  . GLN A 1 65  ? 16.106  9.092   -6.088  1.00 42.37 ? 79  GLN A CD  1 
ATOM   483  O OE1 . GLN A 1 65  ? 17.255  8.651   -6.200  1.00 50.52 ? 79  GLN A OE1 1 
ATOM   484  N NE2 . GLN A 1 65  ? 15.497  8.888   -4.915  1.00 44.01 ? 79  GLN A NE2 1 
ATOM   485  N N   . ALA A 1 66  ? 14.470  7.863   -11.452 1.00 28.98 ? 80  ALA A N   1 
ATOM   486  C CA  . ALA A 1 66  ? 14.665  7.139   -12.703 1.00 30.94 ? 80  ALA A CA  1 
ATOM   487  C C   . ALA A 1 66  ? 14.314  8.029   -13.906 1.00 32.80 ? 80  ALA A C   1 
ATOM   488  O O   . ALA A 1 66  ? 14.806  7.809   -15.024 1.00 34.42 ? 80  ALA A O   1 
ATOM   489  C CB  . ALA A 1 66  ? 13.699  5.957   -12.845 1.00 24.79 ? 80  ALA A CB  1 
ATOM   490  N N   . GLU A 1 67  ? 13.289  8.843   -13.663 1.00 30.63 ? 81  GLU A N   1 
ATOM   491  C CA  . GLU A 1 67  ? 12.890  9.775   -14.717 1.00 32.99 ? 81  GLU A CA  1 
ATOM   492  C C   . GLU A 1 67  ? 13.923  10.849  -14.924 1.00 35.70 ? 81  GLU A C   1 
ATOM   493  O O   . GLU A 1 67  ? 14.014  11.450  -16.000 1.00 37.38 ? 81  GLU A O   1 
ATOM   494  C CB  . GLU A 1 67  ? 11.598  10.479  -14.247 1.00 29.55 ? 81  GLU A CB  1 
ATOM   495  C CG  . GLU A 1 67  ? 10.512  9.459   -14.597 1.00 32.32 ? 81  GLU A CG  1 
ATOM   496  C CD  . GLU A 1 67  ? 9.197   10.120  -14.214 1.00 38.30 ? 81  GLU A CD  1 
ATOM   497  O OE1 . GLU A 1 67  ? 9.322   11.358  -14.074 1.00 41.93 ? 81  GLU A OE1 1 
ATOM   498  O OE2 . GLU A 1 67  ? 8.191   9.415   -14.072 1.00 41.40 ? 81  GLU A OE2 1 
ATOM   499  N N   . ASN A 1 68  ? 14.665  11.158  -13.871 1.00 38.72 ? 82  ASN A N   1 
ATOM   500  C CA  . ASN A 1 68  ? 15.712  12.125  -13.863 1.00 41.76 ? 82  ASN A CA  1 
ATOM   501  C C   . ASN A 1 68  ? 17.072  11.673  -14.398 1.00 43.27 ? 82  ASN A C   1 
ATOM   502  O O   . ASN A 1 68  ? 17.768  12.581  -14.861 1.00 44.90 ? 82  ASN A O   1 
ATOM   503  C CB  . ASN A 1 68  ? 16.058  12.480  -12.390 1.00 51.40 ? 82  ASN A CB  1 
ATOM   504  C CG  . ASN A 1 68  ? 15.519  13.904  -12.266 1.00 64.36 ? 82  ASN A CG  1 
ATOM   505  O OD1 . ASN A 1 68  ? 14.325  14.025  -12.561 1.00 65.19 ? 82  ASN A OD1 1 
ATOM   506  N ND2 . ASN A 1 68  ? 16.503  14.750  -11.969 1.00 69.39 ? 82  ASN A ND2 1 
ATOM   507  N N   . GLN A 1 69  ? 17.430  10.403  -14.224 1.00 42.47 ? 83  GLN A N   1 
ATOM   508  C CA  . GLN A 1 69  ? 18.718  9.939   -14.673 1.00 39.78 ? 83  GLN A CA  1 
ATOM   509  C C   . GLN A 1 69  ? 18.662  9.711   -16.168 1.00 38.91 ? 83  GLN A C   1 
ATOM   510  O O   . GLN A 1 69  ? 19.652  9.947   -16.834 1.00 38.22 ? 83  GLN A O   1 
ATOM   511  C CB  . GLN A 1 69  ? 19.026  8.577   -14.012 1.00 43.32 ? 83  GLN A CB  1 
ATOM   512  C CG  . GLN A 1 69  ? 19.582  8.924   -12.627 1.00 56.30 ? 83  GLN A CG  1 
ATOM   513  C CD  . GLN A 1 69  ? 20.394  7.776   -12.049 1.00 64.58 ? 83  GLN A CD  1 
ATOM   514  O OE1 . GLN A 1 69  ? 20.566  6.735   -12.714 1.00 68.25 ? 83  GLN A OE1 1 
ATOM   515  N NE2 . GLN A 1 69  ? 20.853  8.020   -10.817 1.00 66.49 ? 83  GLN A NE2 1 
ATOM   516  N N   . ASP A 1 70  ? 17.474  9.282   -16.583 1.00 36.33 ? 84  ASP A N   1 
ATOM   517  C CA  . ASP A 1 70  ? 17.210  8.953   -17.964 1.00 38.02 ? 84  ASP A CA  1 
ATOM   518  C C   . ASP A 1 70  ? 16.056  9.699   -18.578 1.00 34.75 ? 84  ASP A C   1 
ATOM   519  O O   . ASP A 1 70  ? 14.990  9.081   -18.769 1.00 38.17 ? 84  ASP A O   1 
ATOM   520  C CB  . ASP A 1 70  ? 16.871  7.435   -18.040 1.00 41.03 ? 84  ASP A CB  1 
ATOM   521  C CG  . ASP A 1 70  ? 17.590  6.745   -19.222 1.00 47.51 ? 84  ASP A CG  1 
ATOM   522  O OD1 . ASP A 1 70  ? 17.836  7.484   -20.199 1.00 39.46 ? 84  ASP A OD1 1 
ATOM   523  O OD2 . ASP A 1 70  ? 17.920  5.519   -19.107 1.00 54.63 ? 84  ASP A OD2 1 
ATOM   524  N N   . PRO A 1 71  ? 16.220  10.940  -18.974 1.00 34.24 ? 85  PRO A N   1 
ATOM   525  C CA  . PRO A 1 71  ? 15.080  11.661  -19.552 1.00 33.55 ? 85  PRO A CA  1 
ATOM   526  C C   . PRO A 1 71  ? 14.514  10.973  -20.773 1.00 36.06 ? 85  PRO A C   1 
ATOM   527  O O   . PRO A 1 71  ? 13.305  11.223  -21.057 1.00 38.86 ? 85  PRO A O   1 
ATOM   528  C CB  . PRO A 1 71  ? 15.555  13.084  -19.724 1.00 33.01 ? 85  PRO A CB  1 
ATOM   529  C CG  . PRO A 1 71  ? 16.982  13.100  -19.361 1.00 36.96 ? 85  PRO A CG  1 
ATOM   530  C CD  . PRO A 1 71  ? 17.399  11.772  -18.798 1.00 36.11 ? 85  PRO A CD  1 
ATOM   531  N N   . GLU A 1 72  ? 15.204  10.152  -21.556 1.00 32.45 ? 86  GLU A N   1 
ATOM   532  C CA  . GLU A 1 72  ? 14.563  9.552   -22.737 1.00 32.40 ? 86  GLU A CA  1 
ATOM   533  C C   . GLU A 1 72  ? 13.511  8.512   -22.370 1.00 29.09 ? 86  GLU A C   1 
ATOM   534  O O   . GLU A 1 72  ? 12.660  8.094   -23.195 1.00 29.41 ? 86  GLU A O   1 
ATOM   535  C CB  . GLU A 1 72  ? 15.651  8.888   -23.594 1.00 40.45 ? 86  GLU A CB  1 
ATOM   536  C CG  . GLU A 1 72  ? 16.915  9.612   -23.935 1.00 48.51 ? 86  GLU A CG  1 
ATOM   537  C CD  . GLU A 1 72  ? 18.194  8.779   -23.765 1.00 59.79 ? 86  GLU A CD  1 
ATOM   538  O OE1 . GLU A 1 72  ? 18.198  7.577   -23.329 1.00 59.48 ? 86  GLU A OE1 1 
ATOM   539  O OE2 . GLU A 1 72  ? 19.299  9.356   -24.047 1.00 58.37 ? 86  GLU A OE2 1 
ATOM   540  N N   . ALA A 1 73  ? 13.608  7.973   -21.136 1.00 28.43 ? 87  ALA A N   1 
ATOM   541  C CA  . ALA A 1 73  ? 12.695  6.978   -20.580 1.00 29.57 ? 87  ALA A CA  1 
ATOM   542  C C   . ALA A 1 73  ? 11.491  7.600   -19.864 1.00 29.18 ? 87  ALA A C   1 
ATOM   543  O O   . ALA A 1 73  ? 10.473  6.976   -19.643 1.00 29.14 ? 87  ALA A O   1 
ATOM   544  C CB  . ALA A 1 73  ? 13.400  6.104   -19.530 1.00 25.87 ? 87  ALA A CB  1 
ATOM   545  N N   . LYS A 1 74  ? 11.507  8.835   -19.495 1.00 28.16 ? 88  LYS A N   1 
ATOM   546  C CA  . LYS A 1 74  ? 10.486  9.592   -18.769 1.00 33.35 ? 88  LYS A CA  1 
ATOM   547  C C   . LYS A 1 74  ? 9.043   9.201   -18.975 1.00 30.68 ? 88  LYS A C   1 
ATOM   548  O O   . LYS A 1 74  ? 8.335   8.703   -18.079 1.00 31.98 ? 88  LYS A O   1 
ATOM   549  C CB  . LYS A 1 74  ? 10.796  11.088  -19.034 1.00 35.86 ? 88  LYS A CB  1 
ATOM   550  C CG  . LYS A 1 74  ? 10.013  12.072  -18.197 1.00 39.87 ? 88  LYS A CG  1 
ATOM   551  C CD  . LYS A 1 74  ? 10.588  13.464  -18.164 1.00 43.15 ? 88  LYS A CD  1 
ATOM   552  C CE  . LYS A 1 74  ? 10.611  13.999  -16.717 1.00 51.69 ? 88  LYS A CE  1 
ATOM   553  N NZ  . LYS A 1 74  ? 9.221   14.309  -16.209 1.00 52.04 ? 88  LYS A NZ  1 
ATOM   554  N N   . ASP A 1 75  ? 8.507   9.269   -20.167 1.00 30.78 ? 89  ASP A N   1 
ATOM   555  C CA  . ASP A 1 75  ? 7.166   8.934   -20.573 1.00 29.91 ? 89  ASP A CA  1 
ATOM   556  C C   . ASP A 1 75  ? 7.001   7.449   -20.369 1.00 27.26 ? 89  ASP A C   1 
ATOM   557  O O   . ASP A 1 75  ? 5.921   7.050   -19.905 1.00 28.08 ? 89  ASP A O   1 
ATOM   558  C CB  . ASP A 1 75  ? 6.840   9.314   -22.041 1.00 29.60 ? 89  ASP A CB  1 
ATOM   559  C CG  . ASP A 1 75  ? 5.327   9.283   -22.233 1.00 39.65 ? 89  ASP A CG  1 
ATOM   560  O OD1 . ASP A 1 75  ? 4.611   10.030  -21.476 1.00 43.84 ? 89  ASP A OD1 1 
ATOM   561  O OD2 . ASP A 1 75  ? 4.869   8.502   -23.094 1.00 41.58 ? 89  ASP A OD2 1 
ATOM   562  N N   . HIS A 1 76  ? 7.994   6.574   -20.585 1.00 26.16 ? 90  HIS A N   1 
ATOM   563  C CA  . HIS A 1 76  ? 7.761   5.162   -20.319 1.00 24.09 ? 90  HIS A CA  1 
ATOM   564  C C   . HIS A 1 76  ? 7.667   4.895   -18.813 1.00 23.51 ? 90  HIS A C   1 
ATOM   565  O O   . HIS A 1 76  ? 6.814   4.105   -18.398 1.00 22.15 ? 90  HIS A O   1 
ATOM   566  C CB  . HIS A 1 76  ? 8.763   4.166   -20.884 1.00 32.37 ? 90  HIS A CB  1 
ATOM   567  C CG  . HIS A 1 76  ? 8.868   4.296   -22.376 1.00 32.65 ? 90  HIS A CG  1 
ATOM   568  N ND1 . HIS A 1 76  ? 7.777   4.128   -23.189 1.00 36.69 ? 90  HIS A ND1 1 
ATOM   569  C CD2 . HIS A 1 76  ? 9.914   4.706   -23.162 1.00 33.97 ? 90  HIS A CD2 1 
ATOM   570  C CE1 . HIS A 1 76  ? 8.145   4.369   -24.455 1.00 36.20 ? 90  HIS A CE1 1 
ATOM   571  N NE2 . HIS A 1 76  ? 9.438   4.699   -24.446 1.00 36.72 ? 90  HIS A NE2 1 
ATOM   572  N N   . VAL A 1 77  ? 8.581   5.416   -18.064 1.00 22.56 ? 91  VAL A N   1 
ATOM   573  C CA  . VAL A 1 77  ? 8.517   5.248   -16.620 1.00 22.07 ? 91  VAL A CA  1 
ATOM   574  C C   . VAL A 1 77  ? 7.192   5.845   -16.065 1.00 28.52 ? 91  VAL A C   1 
ATOM   575  O O   . VAL A 1 77  ? 6.540   5.190   -15.235 1.00 25.99 ? 91  VAL A O   1 
ATOM   576  C CB  . VAL A 1 77  ? 9.691   5.971   -16.012 1.00 20.27 ? 91  VAL A CB  1 
ATOM   577  C CG1 . VAL A 1 77  ? 9.567   5.955   -14.482 1.00 21.37 ? 91  VAL A CG1 1 
ATOM   578  C CG2 . VAL A 1 77  ? 10.966  5.161   -16.408 1.00 23.60 ? 91  VAL A CG2 1 
ATOM   579  N N   . ASN A 1 78  ? 6.784   7.026   -16.496 1.00 25.68 ? 92  ASN A N   1 
ATOM   580  C CA  . ASN A 1 78  ? 5.558   7.645   -15.971 1.00 27.52 ? 92  ASN A CA  1 
ATOM   581  C C   . ASN A 1 78  ? 4.360   6.766   -16.154 1.00 27.05 ? 92  ASN A C   1 
ATOM   582  O O   . ASN A 1 78  ? 3.573   6.603   -15.222 1.00 29.77 ? 92  ASN A O   1 
ATOM   583  C CB  . ASN A 1 78  ? 5.351   8.979   -16.737 1.00 33.12 ? 92  ASN A CB  1 
ATOM   584  C CG  . ASN A 1 78  ? 4.113   9.711   -16.267 1.00 38.67 ? 92  ASN A CG  1 
ATOM   585  O OD1 . ASN A 1 78  ? 4.274   10.460  -15.323 1.00 35.24 ? 92  ASN A OD1 1 
ATOM   586  N ND2 . ASN A 1 78  ? 2.970   9.475   -16.887 1.00 41.97 ? 92  ASN A ND2 1 
ATOM   587  N N   . SER A 1 79  ? 4.198   6.180   -17.339 1.00 25.56 ? 93  SER A N   1 
ATOM   588  C CA  . SER A 1 79  ? 3.122   5.255   -17.599 1.00 26.09 ? 93  SER A CA  1 
ATOM   589  C C   . SER A 1 79  ? 3.213   3.998   -16.711 1.00 28.16 ? 93  SER A C   1 
ATOM   590  O O   . SER A 1 79  ? 2.197   3.380   -16.386 1.00 29.20 ? 93  SER A O   1 
ATOM   591  C CB  . SER A 1 79  ? 3.075   4.775   -19.031 1.00 29.72 ? 93  SER A CB  1 
ATOM   592  O OG  . SER A 1 79  ? 3.098   5.893   -19.873 1.00 41.44 ? 93  SER A OG  1 
ATOM   593  N N   . LEU A 1 80  ? 4.453   3.574   -16.408 1.00 28.86 ? 94  LEU A N   1 
ATOM   594  C CA  . LEU A 1 80  ? 4.594   2.371   -15.585 1.00 28.03 ? 94  LEU A CA  1 
ATOM   595  C C   . LEU A 1 80  ? 4.043   2.808   -14.220 1.00 23.95 ? 94  LEU A C   1 
ATOM   596  O O   . LEU A 1 80  ? 3.374   2.068   -13.569 1.00 25.16 ? 94  LEU A O   1 
ATOM   597  C CB  . LEU A 1 80  ? 6.095   2.097   -15.398 1.00 21.48 ? 94  LEU A CB  1 
ATOM   598  C CG  . LEU A 1 80  ? 6.372   0.818   -14.523 1.00 20.81 ? 94  LEU A CG  1 
ATOM   599  C CD1 . LEU A 1 80  ? 5.715   -0.328  -15.244 1.00 22.98 ? 94  LEU A CD1 1 
ATOM   600  C CD2 . LEU A 1 80  ? 7.836   0.585   -14.331 1.00 21.86 ? 94  LEU A CD2 1 
ATOM   601  N N   . GLY A 1 81  ? 4.492   3.958   -13.750 1.00 24.98 ? 95  GLY A N   1 
ATOM   602  C CA  . GLY A 1 81  ? 4.023   4.456   -12.415 1.00 25.42 ? 95  GLY A CA  1 
ATOM   603  C C   . GLY A 1 81  ? 2.518   4.637   -12.507 1.00 25.73 ? 95  GLY A C   1 
ATOM   604  O O   . GLY A 1 81  ? 1.862   4.177   -11.571 1.00 28.42 ? 95  GLY A O   1 
ATOM   605  N N   . GLU A 1 82  ? 1.859   5.102   -13.533 1.00 26.56 ? 96  GLU A N   1 
ATOM   606  C CA  . GLU A 1 82  ? 0.387   5.188   -13.516 1.00 27.26 ? 96  GLU A CA  1 
ATOM   607  C C   . GLU A 1 82  ? -0.271  3.829   -13.453 1.00 26.01 ? 96  GLU A C   1 
ATOM   608  O O   . GLU A 1 82  ? -1.409  3.683   -12.941 1.00 22.77 ? 96  GLU A O   1 
ATOM   609  C CB  . GLU A 1 82  ? -0.084  5.833   -14.822 1.00 36.22 ? 96  GLU A CB  1 
ATOM   610  C CG  . GLU A 1 82  ? -1.084  6.926   -14.630 1.00 54.47 ? 96  GLU A CG  1 
ATOM   611  C CD  . GLU A 1 82  ? -0.985  7.779   -13.367 1.00 59.80 ? 96  GLU A CD  1 
ATOM   612  O OE1 . GLU A 1 82  ? 0.062   8.390   -13.003 1.00 63.57 ? 96  GLU A OE1 1 
ATOM   613  O OE2 . GLU A 1 82  ? -2.055  7.835   -12.684 1.00 60.96 ? 96  GLU A OE2 1 
ATOM   614  N N   . ASN A 1 83  ? 0.369   2.790   -14.032 1.00 25.55 ? 97  ASN A N   1 
ATOM   615  C CA  . ASN A 1 83  ? -0.305  1.485   -13.966 1.00 29.07 ? 97  ASN A CA  1 
ATOM   616  C C   . ASN A 1 83  ? -0.149  0.900   -12.571 1.00 27.44 ? 97  ASN A C   1 
ATOM   617  O O   . ASN A 1 83  ? -0.925  0.074   -12.130 1.00 28.23 ? 97  ASN A O   1 
ATOM   618  C CB  . ASN A 1 83  ? 0.155   0.407   -14.943 1.00 31.91 ? 97  ASN A CB  1 
ATOM   619  C CG  . ASN A 1 83  ? -0.249  0.761   -16.351 1.00 39.23 ? 97  ASN A CG  1 
ATOM   620  O OD1 . ASN A 1 83  ? 0.537   1.426   -17.063 1.00 49.48 ? 97  ASN A OD1 1 
ATOM   621  N ND2 . ASN A 1 83  ? -1.460  0.458   -16.765 1.00 36.83 ? 97  ASN A ND2 1 
ATOM   622  N N   . LEU A 1 84  ? 0.951   1.167   -11.930 1.00 28.79 ? 98  LEU A N   1 
ATOM   623  C CA  . LEU A 1 84  ? 1.192   0.802   -10.557 1.00 28.06 ? 98  LEU A CA  1 
ATOM   624  C C   . LEU A 1 84  ? 0.242   1.628   -9.640  1.00 29.13 ? 98  LEU A C   1 
ATOM   625  O O   . LEU A 1 84  ? -0.280  1.105   -8.652  1.00 26.60 ? 98  LEU A O   1 
ATOM   626  C CB  . LEU A 1 84  ? 2.651   1.078   -10.195 1.00 23.55 ? 98  LEU A CB  1 
ATOM   627  C CG  . LEU A 1 84  ? 2.994   0.618   -8.799  1.00 23.38 ? 98  LEU A CG  1 
ATOM   628  C CD1 . LEU A 1 84  ? 2.665   -0.861  -8.587  1.00 25.03 ? 98  LEU A CD1 1 
ATOM   629  C CD2 . LEU A 1 84  ? 4.404   0.897   -8.336  1.00 17.02 ? 98  LEU A CD2 1 
ATOM   630  N N   . LYS A 1 85  ? 0.064   2.939   -9.842  1.00 26.12 ? 99  LYS A N   1 
ATOM   631  C CA  . LYS A 1 85  ? -0.907  3.695   -9.041  1.00 28.30 ? 99  LYS A CA  1 
ATOM   632  C C   . LYS A 1 85  ? -2.265  3.043   -9.238  1.00 28.89 ? 99  LYS A C   1 
ATOM   633  O O   . LYS A 1 85  ? -3.041  2.636   -8.364  1.00 26.77 ? 99  LYS A O   1 
ATOM   634  C CB  . LYS A 1 85  ? -1.086  5.135   -9.478  1.00 24.10 ? 99  LYS A CB  1 
ATOM   635  C CG  . LYS A 1 85  ? 0.095   5.872   -8.825  1.00 30.92 ? 99  LYS A CG  1 
ATOM   636  C CD  . LYS A 1 85  ? 0.229   7.276   -9.444  1.00 42.12 ? 99  LYS A CD  1 
ATOM   637  C CE  . LYS A 1 85  ? 1.293   8.042   -8.627  1.00 54.04 ? 99  LYS A CE  1 
ATOM   638  N NZ  . LYS A 1 85  ? 1.348   9.500   -8.986  1.00 61.88 ? 99  LYS A NZ  1 
ATOM   639  N N   . THR A 1 86  ? -2.546  2.853   -10.502 1.00 28.06 ? 100 THR A N   1 
ATOM   640  C CA  . THR A 1 86  ? -3.837  2.133   -10.742 1.00 32.39 ? 100 THR A CA  1 
ATOM   641  C C   . THR A 1 86  ? -3.894  0.794   -10.101 1.00 34.13 ? 100 THR A C   1 
ATOM   642  O O   . THR A 1 86  ? -5.009  0.391   -9.670  1.00 35.79 ? 100 THR A O   1 
ATOM   643  C CB  . THR A 1 86  ? -4.095  2.225   -12.237 1.00 30.84 ? 100 THR A CB  1 
ATOM   644  O OG1 . THR A 1 86  ? -4.153  3.656   -12.552 1.00 36.49 ? 100 THR A OG1 1 
ATOM   645  C CG2 . THR A 1 86  ? -5.330  1.536   -12.710 1.00 31.34 ? 100 THR A CG2 1 
ATOM   646  N N   . LEU A 1 87  ? -2.974  -0.136  -10.037 1.00 34.79 ? 101 LEU A N   1 
ATOM   647  C CA  . LEU A 1 87  ? -3.116  -1.455  -9.390  1.00 33.44 ? 101 LEU A CA  1 
ATOM   648  C C   . LEU A 1 87  ? -3.371  -1.229  -7.874  1.00 33.63 ? 101 LEU A C   1 
ATOM   649  O O   . LEU A 1 87  ? -4.160  -1.904  -7.195  1.00 31.48 ? 101 LEU A O   1 
ATOM   650  C CB  . LEU A 1 87  ? -1.823  -2.278  -9.501  1.00 31.66 ? 101 LEU A CB  1 
ATOM   651  C CG  . LEU A 1 87  ? -1.604  -3.642  -8.833  1.00 27.03 ? 101 LEU A CG  1 
ATOM   652  C CD1 . LEU A 1 87  ? -2.513  -4.654  -9.529  1.00 21.06 ? 101 LEU A CD1 1 
ATOM   653  C CD2 . LEU A 1 87  ? -0.178  -4.105  -8.983  1.00 24.73 ? 101 LEU A CD2 1 
ATOM   654  N N   . ARG A 1 88  ? -2.604  -0.351  -7.269  1.00 30.29 ? 102 ARG A N   1 
ATOM   655  C CA  . ARG A 1 88  ? -2.775  -0.169  -5.810  1.00 30.93 ? 102 ARG A CA  1 
ATOM   656  C C   . ARG A 1 88  ? -4.237  0.176   -5.533  1.00 31.61 ? 102 ARG A C   1 
ATOM   657  O O   . ARG A 1 88  ? -4.931  -0.366  -4.680  1.00 30.79 ? 102 ARG A O   1 
ATOM   658  C CB  . ARG A 1 88  ? -1.812  0.930   -5.445  1.00 29.17 ? 102 ARG A CB  1 
ATOM   659  C CG  . ARG A 1 88  ? -2.043  1.480   -4.109  1.00 27.92 ? 102 ARG A CG  1 
ATOM   660  C CD  . ARG A 1 88  ? -1.076  1.936   -3.144  1.00 28.31 ? 102 ARG A CD  1 
ATOM   661  N NE  . ARG A 1 88  ? -0.461  3.227   -3.208  1.00 36.80 ? 102 ARG A NE  1 
ATOM   662  C CZ  . ARG A 1 88  ? 0.501   3.558   -2.297  1.00 41.66 ? 102 ARG A CZ  1 
ATOM   663  N NH1 . ARG A 1 88  ? 0.902   2.846   -1.247  1.00 40.99 ? 102 ARG A NH1 1 
ATOM   664  N NH2 . ARG A 1 88  ? 1.225   4.594   -2.719  1.00 34.24 ? 102 ARG A NH2 1 
ATOM   665  N N   . LEU A 1 89  ? -4.803  1.123   -6.279  1.00 34.32 ? 103 LEU A N   1 
ATOM   666  C CA  . LEU A 1 89  ? -6.234  1.423   -6.052  1.00 37.71 ? 103 LEU A CA  1 
ATOM   667  C C   . LEU A 1 89  ? -6.992  0.119   -6.153  1.00 38.35 ? 103 LEU A C   1 
ATOM   668  O O   . LEU A 1 89  ? -7.670  -0.141  -5.139  1.00 41.38 ? 103 LEU A O   1 
ATOM   669  C CB  . LEU A 1 89  ? -6.827  2.467   -6.944  1.00 45.62 ? 103 LEU A CB  1 
ATOM   670  C CG  . LEU A 1 89  ? -6.836  3.953   -6.645  1.00 47.27 ? 103 LEU A CG  1 
ATOM   671  C CD1 . LEU A 1 89  ? -5.768  4.392   -5.660  1.00 46.45 ? 103 LEU A CD1 1 
ATOM   672  C CD2 . LEU A 1 89  ? -6.529  4.731   -7.936  1.00 47.60 ? 103 LEU A CD2 1 
ATOM   673  N N   . ARG A 1 90  ? -6.987  -0.740  -7.155  1.00 37.61 ? 104 ARG A N   1 
ATOM   674  C CA  . ARG A 1 90  ? -7.842  -1.938  -7.070  1.00 40.87 ? 104 ARG A CA  1 
ATOM   675  C C   . ARG A 1 90  ? -7.548  -2.896  -5.910  1.00 40.89 ? 104 ARG A C   1 
ATOM   676  O O   . ARG A 1 90  ? -8.386  -3.681  -5.468  1.00 38.47 ? 104 ARG A O   1 
ATOM   677  C CB  . ARG A 1 90  ? -7.758  -2.799  -8.327  1.00 50.39 ? 104 ARG A CB  1 
ATOM   678  C CG  . ARG A 1 90  ? -7.960  -2.089  -9.662  1.00 67.37 ? 104 ARG A CG  1 
ATOM   679  C CD  . ARG A 1 90  ? -7.155  -2.786  -10.781 1.00 80.03 ? 104 ARG A CD  1 
ATOM   680  N NE  . ARG A 1 90  ? -7.457  -2.455  -12.168 1.00 85.27 ? 104 ARG A NE  1 
ATOM   681  C CZ  . ARG A 1 90  ? -6.814  -2.755  -13.298 1.00 86.18 ? 104 ARG A CZ  1 
ATOM   682  N NH1 . ARG A 1 90  ? -5.658  -3.413  -13.274 1.00 85.51 ? 104 ARG A NH1 1 
ATOM   683  N NH2 . ARG A 1 90  ? -7.353  -2.352  -14.458 1.00 86.26 ? 104 ARG A NH2 1 
ATOM   684  N N   . LEU A 1 91  ? -6.285  -2.977  -5.475  1.00 40.58 ? 105 LEU A N   1 
ATOM   685  C CA  . LEU A 1 91  ? -5.853  -3.849  -4.412  1.00 39.47 ? 105 LEU A CA  1 
ATOM   686  C C   . LEU A 1 91  ? -6.502  -3.323  -3.114  1.00 40.50 ? 105 LEU A C   1 
ATOM   687  O O   . LEU A 1 91  ? -6.903  -4.122  -2.274  1.00 42.32 ? 105 LEU A O   1 
ATOM   688  C CB  . LEU A 1 91  ? -4.349  -3.876  -4.202  1.00 35.36 ? 105 LEU A CB  1 
ATOM   689  C CG  . LEU A 1 91  ? -3.519  -4.487  -5.302  1.00 33.10 ? 105 LEU A CG  1 
ATOM   690  C CD1 . LEU A 1 91  ? -2.070  -4.721  -4.837  1.00 37.05 ? 105 LEU A CD1 1 
ATOM   691  C CD2 . LEU A 1 91  ? -4.151  -5.812  -5.717  1.00 31.75 ? 105 LEU A CD2 1 
ATOM   692  N N   . ARG A 1 92  ? -6.589  -2.023  -2.992  1.00 39.03 ? 106 ARG A N   1 
ATOM   693  C CA  . ARG A 1 92  ? -7.251  -1.527  -1.784  1.00 43.33 ? 106 ARG A CA  1 
ATOM   694  C C   . ARG A 1 92  ? -8.708  -2.021  -1.798  1.00 46.35 ? 106 ARG A C   1 
ATOM   695  O O   . ARG A 1 92  ? -9.243  -2.482  -0.794  1.00 45.70 ? 106 ARG A O   1 
ATOM   696  C CB  . ARG A 1 92  ? -7.203  -0.014  -1.738  1.00 40.54 ? 106 ARG A CB  1 
ATOM   697  C CG  . ARG A 1 92  ? -5.970  0.565   -1.057  1.00 37.23 ? 106 ARG A CG  1 
ATOM   698  C CD  . ARG A 1 92  ? -5.853  1.988   -1.589  1.00 41.78 ? 106 ARG A CD  1 
ATOM   699  N NE  . ARG A 1 92  ? -4.601  2.610   -1.200  1.00 40.06 ? 106 ARG A NE  1 
ATOM   700  C CZ  . ARG A 1 92  ? -4.393  3.926   -1.279  1.00 46.39 ? 106 ARG A CZ  1 
ATOM   701  N NH1 . ARG A 1 92  ? -5.330  4.673   -1.853  1.00 47.28 ? 106 ARG A NH1 1 
ATOM   702  N NH2 . ARG A 1 92  ? -3.226  4.386   -0.847  1.00 48.05 ? 106 ARG A NH2 1 
ATOM   703  N N   . ARG A 1 93  ? -9.396  -1.909  -2.933  1.00 48.13 ? 107 ARG A N   1 
ATOM   704  C CA  . ARG A 1 93  ? -10.788 -2.336  -2.987  1.00 49.85 ? 107 ARG A CA  1 
ATOM   705  C C   . ARG A 1 93  ? -10.913 -3.804  -2.623  1.00 50.27 ? 107 ARG A C   1 
ATOM   706  O O   . ARG A 1 93  ? -12.029 -4.150  -2.267  1.00 51.34 ? 107 ARG A O   1 
ATOM   707  C CB  . ARG A 1 93  ? -11.405 -2.153  -4.344  1.00 52.13 ? 107 ARG A CB  1 
ATOM   708  C CG  . ARG A 1 93  ? -11.070 -1.022  -5.234  1.00 61.36 ? 107 ARG A CG  1 
ATOM   709  C CD  . ARG A 1 93  ? -11.102 0.408   -4.835  1.00 66.96 ? 107 ARG A CD  1 
ATOM   710  N NE  . ARG A 1 93  ? -10.825 0.750   -3.452  1.00 71.92 ? 107 ARG A NE  1 
ATOM   711  C CZ  . ARG A 1 93  ? -10.149 1.851   -3.059  1.00 74.43 ? 107 ARG A CZ  1 
ATOM   712  N NH1 . ARG A 1 93  ? -9.507  2.549   -3.993  1.00 72.19 ? 107 ARG A NH1 1 
ATOM   713  N NH2 . ARG A 1 93  ? -10.040 2.197   -1.767  1.00 70.66 ? 107 ARG A NH2 1 
ATOM   714  N N   . CYS A 1 94  ? -9.892  -4.634  -2.710  1.00 52.10 ? 108 CYS A N   1 
ATOM   715  C CA  . CYS A 1 94  ? -9.957  -6.053  -2.402  1.00 54.41 ? 108 CYS A CA  1 
ATOM   716  C C   . CYS A 1 94  ? -9.620  -6.371  -0.946  1.00 55.78 ? 108 CYS A C   1 
ATOM   717  O O   . CYS A 1 94  ? -8.440  -6.627  -0.639  1.00 52.33 ? 108 CYS A O   1 
ATOM   718  C CB  . CYS A 1 94  ? -8.923  -6.897  -3.156  1.00 70.04 ? 108 CYS A CB  1 
ATOM   719  S SG  . CYS A 1 94  ? -9.206  -6.952  -4.934  1.00 82.28 ? 108 CYS A SG  1 
ATOM   720  N N   . HIS A 1 95  ? -10.683 -6.413  -0.118  1.00 55.13 ? 109 HIS A N   1 
ATOM   721  C CA  . HIS A 1 95  ? -10.446 -6.633  1.298   1.00 53.68 ? 109 HIS A CA  1 
ATOM   722  C C   . HIS A 1 95  ? -9.281  -7.569  1.561   1.00 53.22 ? 109 HIS A C   1 
ATOM   723  O O   . HIS A 1 95  ? -8.592  -7.392  2.566   1.00 50.95 ? 109 HIS A O   1 
ATOM   724  C CB  . HIS A 1 95  ? -11.629 -7.265  2.039   1.00 56.96 ? 109 HIS A CB  1 
ATOM   725  C CG  . HIS A 1 95  ? -12.856 -6.417  1.999   1.00 60.54 ? 109 HIS A CG  1 
ATOM   726  N ND1 . HIS A 1 95  ? -12.860 -5.174  1.378   1.00 61.80 ? 109 HIS A ND1 1 
ATOM   727  C CD2 . HIS A 1 95  ? -14.053 -6.559  2.623   1.00 63.33 ? 109 HIS A CD2 1 
ATOM   728  C CE1 . HIS A 1 95  ? -14.049 -4.619  1.512   1.00 64.98 ? 109 HIS A CE1 1 
ATOM   729  N NE2 . HIS A 1 95  ? -14.777 -5.424  2.282   1.00 67.94 ? 109 HIS A NE2 1 
ATOM   730  N N   . ARG A 1 96  ? -9.148  -8.562  0.649   1.00 51.87 ? 110 ARG A N   1 
ATOM   731  C CA  . ARG A 1 96  ? -8.071  -9.509  0.956   1.00 53.06 ? 110 ARG A CA  1 
ATOM   732  C C   . ARG A 1 96  ? -6.655  -9.109  0.589   1.00 50.03 ? 110 ARG A C   1 
ATOM   733  O O   . ARG A 1 96  ? -5.703  -9.653  1.221   1.00 47.32 ? 110 ARG A O   1 
ATOM   734  C CB  . ARG A 1 96  ? -8.418  -10.911 0.458   1.00 65.19 ? 110 ARG A CB  1 
ATOM   735  C CG  . ARG A 1 96  ? -8.957  -11.844 1.573   1.00 74.59 ? 110 ARG A CG  1 
ATOM   736  C CD  . ARG A 1 96  ? -8.584  -13.286 1.232   1.00 80.25 ? 110 ARG A CD  1 
ATOM   737  N NE  . ARG A 1 96  ? -9.267  -14.345 1.946   1.00 89.31 ? 110 ARG A NE  1 
ATOM   738  C CZ  . ARG A 1 96  ? -8.778  -15.521 2.346   1.00 93.60 ? 110 ARG A CZ  1 
ATOM   739  N NH1 . ARG A 1 96  ? -7.487  -15.850 2.226   1.00 94.46 ? 110 ARG A NH1 1 
ATOM   740  N NH2 . ARG A 1 96  ? -9.597  -16.393 2.957   1.00 95.71 ? 110 ARG A NH2 1 
ATOM   741  N N   . PHE A 1 97  ? -6.482  -8.108  -0.275  1.00 46.69 ? 111 PHE A N   1 
ATOM   742  C CA  . PHE A 1 97  ? -5.140  -7.681  -0.712  1.00 41.62 ? 111 PHE A CA  1 
ATOM   743  C C   . PHE A 1 97  ? -4.507  -6.491  -0.056  1.00 38.57 ? 111 PHE A C   1 
ATOM   744  O O   . PHE A 1 97  ? -3.331  -6.586  0.376   1.00 35.36 ? 111 PHE A O   1 
ATOM   745  C CB  . PHE A 1 97  ? -5.160  -7.546  -2.242  1.00 39.71 ? 111 PHE A CB  1 
ATOM   746  C CG  . PHE A 1 97  ? -5.615  -8.768  -2.981  1.00 40.35 ? 111 PHE A CG  1 
ATOM   747  C CD1 . PHE A 1 97  ? -5.108  -10.023 -2.675  1.00 38.47 ? 111 PHE A CD1 1 
ATOM   748  C CD2 . PHE A 1 97  ? -6.455  -8.684  -4.068  1.00 41.31 ? 111 PHE A CD2 1 
ATOM   749  C CE1 . PHE A 1 97  ? -5.492  -11.141 -3.360  1.00 40.08 ? 111 PHE A CE1 1 
ATOM   750  C CE2 . PHE A 1 97  ? -6.796  -9.807  -4.789  1.00 44.56 ? 111 PHE A CE2 1 
ATOM   751  C CZ  . PHE A 1 97  ? -6.326  -11.076 -4.461  1.00 41.78 ? 111 PHE A CZ  1 
ATOM   752  N N   . LEU A 1 98  ? -5.165  -5.355  0.159   1.00 36.34 ? 112 LEU A N   1 
ATOM   753  C CA  . LEU A 1 98  ? -4.402  -4.299  0.866   1.00 35.46 ? 112 LEU A CA  1 
ATOM   754  C C   . LEU A 1 98  ? -5.285  -3.692  1.940   1.00 37.85 ? 112 LEU A C   1 
ATOM   755  O O   . LEU A 1 98  ? -5.576  -2.489  2.005   1.00 36.45 ? 112 LEU A O   1 
ATOM   756  C CB  . LEU A 1 98  ? -3.944  -3.428  -0.294  1.00 33.90 ? 112 LEU A CB  1 
ATOM   757  C CG  . LEU A 1 98  ? -2.673  -2.602  -0.312  1.00 35.91 ? 112 LEU A CG  1 
ATOM   758  C CD1 . LEU A 1 98  ? -1.429  -3.432  -0.040  1.00 28.30 ? 112 LEU A CD1 1 
ATOM   759  C CD2 . LEU A 1 98  ? -2.353  -1.895  -1.642  1.00 26.72 ? 112 LEU A CD2 1 
ATOM   760  N N   . PRO A 1 99  ? -5.826  -4.492  2.885   1.00 38.50 ? 113 PRO A N   1 
ATOM   761  C CA  . PRO A 1 99  ? -6.679  -4.017  3.961   1.00 36.05 ? 113 PRO A CA  1 
ATOM   762  C C   . PRO A 1 99  ? -5.973  -2.917  4.712   1.00 34.72 ? 113 PRO A C   1 
ATOM   763  O O   . PRO A 1 99  ? -6.528  -1.884  5.006   1.00 37.98 ? 113 PRO A O   1 
ATOM   764  C CB  . PRO A 1 99  ? -6.822  -5.221  4.855   1.00 37.72 ? 113 PRO A CB  1 
ATOM   765  C CG  . PRO A 1 99  ? -5.758  -6.175  4.468   1.00 37.63 ? 113 PRO A CG  1 
ATOM   766  C CD  . PRO A 1 99  ? -5.580  -5.936  2.976   1.00 38.78 ? 113 PRO A CD  1 
ATOM   767  N N   . CYS A 1 100 ? -4.712  -3.137  4.985   1.00 33.26 ? 114 CYS A N   1 
ATOM   768  C CA  . CYS A 1 100 ? -3.829  -2.224  5.681   1.00 33.82 ? 114 CYS A CA  1 
ATOM   769  C C   . CYS A 1 100 ? -3.765  -0.822  5.077   1.00 34.83 ? 114 CYS A C   1 
ATOM   770  O O   . CYS A 1 100 ? -3.188  0.132   5.670   1.00 33.24 ? 114 CYS A O   1 
ATOM   771  C CB  . CYS A 1 100 ? -2.398  -2.710  5.882   1.00 32.74 ? 114 CYS A CB  1 
ATOM   772  S SG  . CYS A 1 100 ? -1.309  -2.881  4.392   1.00 31.47 ? 114 CYS A SG  1 
ATOM   773  N N   . GLU A 1 101 ? -4.264  -0.582  3.882   1.00 34.33 ? 115 GLU A N   1 
ATOM   774  C CA  . GLU A 1 101 ? -4.196  0.804   3.416   1.00 35.03 ? 115 GLU A CA  1 
ATOM   775  C C   . GLU A 1 101 ? -5.538  1.504   3.664   1.00 36.44 ? 115 GLU A C   1 
ATOM   776  O O   . GLU A 1 101 ? -5.740  2.703   3.405   1.00 34.78 ? 115 GLU A O   1 
ATOM   777  C CB  . GLU A 1 101 ? -3.736  0.874   1.942   1.00 37.19 ? 115 GLU A CB  1 
ATOM   778  C CG  . GLU A 1 101 ? -2.215  0.676   1.854   1.00 29.11 ? 115 GLU A CG  1 
ATOM   779  C CD  . GLU A 1 101 ? -1.543  1.310   0.632   1.00 33.70 ? 115 GLU A CD  1 
ATOM   780  O OE1 . GLU A 1 101 ? -2.253  1.613   -0.317  1.00 31.09 ? 115 GLU A OE1 1 
ATOM   781  O OE2 . GLU A 1 101 ? -0.286  1.423   0.616   1.00 36.01 ? 115 GLU A OE2 1 
ATOM   782  N N   . ASN A 1 102 ? -6.480  0.739   4.206   1.00 36.85 ? 116 ASN A N   1 
ATOM   783  C CA  . ASN A 1 102 ? -7.804  1.311   4.454   1.00 38.06 ? 116 ASN A CA  1 
ATOM   784  C C   . ASN A 1 102 ? -7.972  1.873   5.863   1.00 35.77 ? 116 ASN A C   1 
ATOM   785  O O   . ASN A 1 102 ? -7.359  1.465   6.815   1.00 33.99 ? 116 ASN A O   1 
ATOM   786  C CB  . ASN A 1 102 ? -8.825  0.198   4.244   1.00 45.02 ? 116 ASN A CB  1 
ATOM   787  C CG  . ASN A 1 102 ? -9.055  -0.313  2.859   1.00 49.37 ? 116 ASN A CG  1 
ATOM   788  O OD1 . ASN A 1 102 ? -9.601  0.422   2.028   1.00 52.51 ? 116 ASN A OD1 1 
ATOM   789  N ND2 . ASN A 1 102 ? -8.799  -1.582  2.562   1.00 50.26 ? 116 ASN A ND2 1 
ATOM   790  N N   . LYS A 1 103 ? -8.907  2.787   6.056   1.00 38.23 ? 117 LYS A N   1 
ATOM   791  C CA  . LYS A 1 103 ? -9.174  3.396   7.352   1.00 39.23 ? 117 LYS A CA  1 
ATOM   792  C C   . LYS A 1 103 ? -10.591 3.101   7.827   1.00 35.71 ? 117 LYS A C   1 
ATOM   793  O O   . LYS A 1 103 ? -11.506 3.103   7.057   1.00 35.64 ? 117 LYS A O   1 
ATOM   794  C CB  . LYS A 1 103 ? -8.949  4.901   7.287   1.00 49.88 ? 117 LYS A CB  1 
ATOM   795  C CG  . LYS A 1 103 ? -7.489  5.350   7.174   1.00 54.58 ? 117 LYS A CG  1 
ATOM   796  C CD  . LYS A 1 103 ? -7.343  6.866   7.158   1.00 62.14 ? 117 LYS A CD  1 
ATOM   797  C CE  . LYS A 1 103 ? -6.052  7.387   7.793   1.00 65.13 ? 117 LYS A CE  1 
ATOM   798  N NZ  . LYS A 1 103 ? -5.900  8.883   7.739   1.00 62.34 ? 117 LYS A NZ  1 
ATOM   799  N N   . SER A 1 104 ? -10.766 2.926   9.119   1.00 34.71 ? 118 SER A N   1 
ATOM   800  C CA  . SER A 1 104 ? -11.981 2.659   9.827   1.00 33.62 ? 118 SER A CA  1 
ATOM   801  C C   . SER A 1 104 ? -12.990 3.839   9.755   1.00 32.55 ? 118 SER A C   1 
ATOM   802  O O   . SER A 1 104 ? -12.676 4.884   10.313  1.00 30.26 ? 118 SER A O   1 
ATOM   803  C CB  . SER A 1 104 ? -11.718 2.480   11.340  1.00 30.85 ? 118 SER A CB  1 
ATOM   804  O OG  . SER A 1 104 ? -12.851 2.022   12.052  1.00 31.84 ? 118 SER A OG  1 
ATOM   805  N N   . LYS A 1 105 ? -14.146 3.548   9.128   1.00 31.98 ? 119 LYS A N   1 
ATOM   806  C CA  . LYS A 1 105 ? -15.172 4.599   9.065   1.00 30.57 ? 119 LYS A CA  1 
ATOM   807  C C   . LYS A 1 105 ? -15.735 4.808   10.477  1.00 26.26 ? 119 LYS A C   1 
ATOM   808  O O   . LYS A 1 105 ? -16.157 5.889   10.695  1.00 30.96 ? 119 LYS A O   1 
ATOM   809  C CB  . LYS A 1 105 ? -16.424 4.206   8.301   1.00 33.38 ? 119 LYS A CB  1 
ATOM   810  N N   . ALA A 1 106 ? -15.808 3.836   11.312  1.00 26.12 ? 120 ALA A N   1 
ATOM   811  C CA  . ALA A 1 106 ? -16.350 3.975   12.653  1.00 25.33 ? 120 ALA A CA  1 
ATOM   812  C C   . ALA A 1 106 ? -15.440 4.987   13.389  1.00 27.10 ? 120 ALA A C   1 
ATOM   813  O O   . ALA A 1 106 ? -15.933 6.020   13.902  1.00 24.78 ? 120 ALA A O   1 
ATOM   814  C CB  . ALA A 1 106 ? -16.223 2.662   13.318  1.00 21.62 ? 120 ALA A CB  1 
ATOM   815  N N   . VAL A 1 107 ? -14.107 4.784   13.310  1.00 27.00 ? 121 VAL A N   1 
ATOM   816  C CA  . VAL A 1 107 ? -13.210 5.740   13.983  1.00 26.15 ? 121 VAL A CA  1 
ATOM   817  C C   . VAL A 1 107 ? -13.338 7.135   13.389  1.00 29.11 ? 121 VAL A C   1 
ATOM   818  O O   . VAL A 1 107 ? -13.161 8.154   14.100  1.00 28.89 ? 121 VAL A O   1 
ATOM   819  C CB  . VAL A 1 107 ? -11.727 5.369   13.998  1.00 27.16 ? 121 VAL A CB  1 
ATOM   820  C CG1 . VAL A 1 107 ? -10.955 6.371   14.876  1.00 25.99 ? 121 VAL A CG1 1 
ATOM   821  C CG2 . VAL A 1 107 ? -11.560 4.022   14.640  1.00 26.54 ? 121 VAL A CG2 1 
ATOM   822  N N   . GLU A 1 108 ? -13.535 7.258   12.065  1.00 26.87 ? 122 GLU A N   1 
ATOM   823  C CA  . GLU A 1 108 ? -13.669 8.619   11.503  1.00 31.74 ? 122 GLU A CA  1 
ATOM   824  C C   . GLU A 1 108 ? -14.893 9.358   12.056  1.00 33.24 ? 122 GLU A C   1 
ATOM   825  O O   . GLU A 1 108 ? -14.805 10.565  12.165  1.00 35.01 ? 122 GLU A O   1 
ATOM   826  C CB  . GLU A 1 108 ? -14.073 8.469   10.037  1.00 35.26 ? 122 GLU A CB  1 
ATOM   827  C CG  . GLU A 1 108 ? -13.860 9.647   9.108   1.00 50.42 ? 122 GLU A CG  1 
ATOM   828  C CD  . GLU A 1 108 ? -13.484 8.959   7.761   1.00 60.22 ? 122 GLU A CD  1 
ATOM   829  O OE1 . GLU A 1 108 ? -12.558 8.106   7.796   1.00 65.67 ? 122 GLU A OE1 1 
ATOM   830  O OE2 . GLU A 1 108 ? -14.127 9.180   6.724   1.00 63.08 ? 122 GLU A OE2 1 
ATOM   831  N N   . GLN A 1 109 ? -15.990 8.631   12.255  1.00 32.94 ? 123 GLN A N   1 
ATOM   832  C CA  . GLN A 1 109 ? -17.201 9.262   12.772  1.00 36.06 ? 123 GLN A CA  1 
ATOM   833  C C   . GLN A 1 109 ? -17.017 9.670   14.245  1.00 33.19 ? 123 GLN A C   1 
ATOM   834  O O   . GLN A 1 109 ? -17.444 10.766  14.559  1.00 33.89 ? 123 GLN A O   1 
ATOM   835  C CB  . GLN A 1 109 ? -18.286 8.174   12.803  1.00 42.06 ? 123 GLN A CB  1 
ATOM   836  C CG  . GLN A 1 109 ? -18.575 7.753   11.386  1.00 54.31 ? 123 GLN A CG  1 
ATOM   837  C CD  . GLN A 1 109 ? -19.639 6.747   11.047  1.00 60.56 ? 123 GLN A CD  1 
ATOM   838  O OE1 . GLN A 1 109 ? -20.193 5.917   11.771  1.00 62.75 ? 123 GLN A OE1 1 
ATOM   839  N NE2 . GLN A 1 109 ? -19.973 6.812   9.735   1.00 62.50 ? 123 GLN A NE2 1 
ATOM   840  N N   . ILE A 1 110 ? -16.467 8.769   15.031  1.00 31.55 ? 124 ILE A N   1 
ATOM   841  C CA  . ILE A 1 110 ? -16.177 8.992   16.423  1.00 29.86 ? 124 ILE A CA  1 
ATOM   842  C C   . ILE A 1 110 ? -15.335 10.254  16.498  1.00 31.49 ? 124 ILE A C   1 
ATOM   843  O O   . ILE A 1 110 ? -15.567 11.141  17.295  1.00 31.90 ? 124 ILE A O   1 
ATOM   844  C CB  . ILE A 1 110 ? -15.381 7.871   17.101  1.00 30.03 ? 124 ILE A CB  1 
ATOM   845  C CG1 . ILE A 1 110 ? -16.240 6.669   17.390  1.00 31.00 ? 124 ILE A CG1 1 
ATOM   846  C CG2 . ILE A 1 110 ? -14.736 8.446   18.372  1.00 30.11 ? 124 ILE A CG2 1 
ATOM   847  C CD1 . ILE A 1 110 ? -15.626 5.339   17.736  1.00 31.68 ? 124 ILE A CD1 1 
ATOM   848  N N   . LYS A 1 111 ? -14.311 10.418  15.637  1.00 31.05 ? 125 LYS A N   1 
ATOM   849  C CA  . LYS A 1 111 ? -13.423 11.557  15.663  1.00 30.06 ? 125 LYS A CA  1 
ATOM   850  C C   . LYS A 1 111 ? -14.130 12.844  15.268  1.00 33.06 ? 125 LYS A C   1 
ATOM   851  O O   . LYS A 1 111 ? -13.735 13.890  15.718  1.00 33.92 ? 125 LYS A O   1 
ATOM   852  C CB  . LYS A 1 111 ? -12.291 11.452  14.620  1.00 30.56 ? 125 LYS A CB  1 
ATOM   853  C CG  . LYS A 1 111 ? -11.160 10.531  15.124  1.00 34.94 ? 125 LYS A CG  1 
ATOM   854  C CD  . LYS A 1 111 ? -10.033 10.804  14.132  1.00 32.93 ? 125 LYS A CD  1 
ATOM   855  C CE  . LYS A 1 111 ? -8.734  10.139  14.481  1.00 36.60 ? 125 LYS A CE  1 
ATOM   856  N NZ  . LYS A 1 111 ? -7.720  10.702  13.486  1.00 43.29 ? 125 LYS A NZ  1 
ATOM   857  N N   . ASN A 1 112 ? -15.129 12.681  14.417  1.00 34.89 ? 126 ASN A N   1 
ATOM   858  C CA  . ASN A 1 112 ? -15.923 13.778  13.882  1.00 38.57 ? 126 ASN A CA  1 
ATOM   859  C C   . ASN A 1 112 ? -16.967 14.215  14.911  1.00 38.15 ? 126 ASN A C   1 
ATOM   860  O O   . ASN A 1 112 ? -17.189 15.416  15.018  1.00 42.02 ? 126 ASN A O   1 
ATOM   861  C CB  . ASN A 1 112 ? -16.648 13.438  12.563  1.00 47.06 ? 126 ASN A CB  1 
ATOM   862  C CG  . ASN A 1 112 ? -15.765 13.642  11.333  1.00 57.23 ? 126 ASN A CG  1 
ATOM   863  O OD1 . ASN A 1 112 ? -16.061 14.563  10.538  1.00 64.38 ? 126 ASN A OD1 1 
ATOM   864  N ND2 . ASN A 1 112 ? -14.677 12.901  11.107  1.00 56.65 ? 126 ASN A ND2 1 
ATOM   865  N N   . ALA A 1 113 ? -17.512 13.296  15.674  1.00 36.10 ? 127 ALA A N   1 
ATOM   866  C CA  . ALA A 1 113 ? -18.431 13.739  16.734  1.00 35.99 ? 127 ALA A CA  1 
ATOM   867  C C   . ALA A 1 113 ? -17.589 14.402  17.816  1.00 37.16 ? 127 ALA A C   1 
ATOM   868  O O   . ALA A 1 113 ? -17.919 15.541  18.234  1.00 39.64 ? 127 ALA A O   1 
ATOM   869  C CB  . ALA A 1 113 ? -19.138 12.526  17.287  1.00 27.27 ? 127 ALA A CB  1 
ATOM   870  N N   . PHE A 1 114 ? -16.538 13.748  18.259  1.00 35.49 ? 128 PHE A N   1 
ATOM   871  C CA  . PHE A 1 114 ? -15.631 14.238  19.271  1.00 35.47 ? 128 PHE A CA  1 
ATOM   872  C C   . PHE A 1 114 ? -15.235 15.658  18.942  1.00 38.54 ? 128 PHE A C   1 
ATOM   873  O O   . PHE A 1 114 ? -15.253 16.485  19.821  1.00 37.88 ? 128 PHE A O   1 
ATOM   874  C CB  . PHE A 1 114 ? -14.409 13.362  19.504  1.00 30.45 ? 128 PHE A CB  1 
ATOM   875  C CG  . PHE A 1 114 ? -13.283 13.972  20.318  1.00 26.20 ? 128 PHE A CG  1 
ATOM   876  C CD1 . PHE A 1 114 ? -12.395 14.849  19.728  1.00 26.56 ? 128 PHE A CD1 1 
ATOM   877  C CD2 . PHE A 1 114 ? -13.110 13.658  21.635  1.00 27.56 ? 128 PHE A CD2 1 
ATOM   878  C CE1 . PHE A 1 114 ? -11.359 15.448  20.425  1.00 25.18 ? 128 PHE A CE1 1 
ATOM   879  C CE2 . PHE A 1 114 ? -12.080 14.231  22.344  1.00 23.70 ? 128 PHE A CE2 1 
ATOM   880  C CZ  . PHE A 1 114 ? -11.212 15.121  21.763  1.00 24.56 ? 128 PHE A CZ  1 
ATOM   881  N N   . ASN A 1 115 ? -14.914 16.033  17.711  1.00 41.68 ? 129 ASN A N   1 
ATOM   882  C CA  . ASN A 1 115 ? -14.596 17.408  17.369  1.00 43.72 ? 129 ASN A CA  1 
ATOM   883  C C   . ASN A 1 115 ? -15.844 18.291  17.538  1.00 44.03 ? 129 ASN A C   1 
ATOM   884  O O   . ASN A 1 115 ? -15.689 19.321  18.240  1.00 47.66 ? 129 ASN A O   1 
ATOM   885  C CB  . ASN A 1 115 ? -14.011 17.593  15.954  1.00 50.70 ? 129 ASN A CB  1 
ATOM   886  C CG  . ASN A 1 115 ? -12.551 17.121  15.884  1.00 59.23 ? 129 ASN A CG  1 
ATOM   887  O OD1 . ASN A 1 115 ? -12.174 16.020  15.462  1.00 63.11 ? 129 ASN A OD1 1 
ATOM   888  N ND2 . ASN A 1 115 ? -11.626 17.971  16.333  1.00 61.49 ? 129 ASN A ND2 1 
ATOM   889  N N   . LYS A 1 116 ? -17.031 17.948  17.061  1.00 40.78 ? 130 LYS A N   1 
ATOM   890  C CA  . LYS A 1 116 ? -18.223 18.750  17.191  1.00 38.19 ? 130 LYS A CA  1 
ATOM   891  C C   . LYS A 1 116 ? -18.689 19.084  18.591  1.00 36.70 ? 130 LYS A C   1 
ATOM   892  O O   . LYS A 1 116 ? -19.254 20.136  18.874  1.00 38.19 ? 130 LYS A O   1 
ATOM   893  C CB  . LYS A 1 116 ? -19.453 18.036  16.567  1.00 37.04 ? 130 LYS A CB  1 
ATOM   894  C CG  . LYS A 1 116 ? -19.597 18.722  15.202  1.00 44.42 ? 130 LYS A CG  1 
ATOM   895  C CD  . LYS A 1 116 ? -20.668 17.976  14.386  1.00 49.42 ? 130 LYS A CD  1 
ATOM   896  C CE  . LYS A 1 116 ? -20.730 18.768  13.064  1.00 56.66 ? 130 LYS A CE  1 
ATOM   897  N NZ  . LYS A 1 116 ? -19.831 19.981  13.229  1.00 63.79 ? 130 LYS A NZ  1 
ATOM   898  N N   . LEU A 1 117 ? -18.562 18.088  19.439  1.00 34.43 ? 131 LEU A N   1 
ATOM   899  C CA  . LEU A 1 117 ? -18.926 18.173  20.794  1.00 34.73 ? 131 LEU A CA  1 
ATOM   900  C C   . LEU A 1 117 ? -17.944 19.011  21.582  1.00 37.80 ? 131 LEU A C   1 
ATOM   901  O O   . LEU A 1 117 ? -18.243 19.309  22.737  1.00 39.05 ? 131 LEU A O   1 
ATOM   902  C CB  . LEU A 1 117 ? -18.935 16.763  21.363  1.00 30.57 ? 131 LEU A CB  1 
ATOM   903  C CG  . LEU A 1 117 ? -20.140 15.914  20.990  1.00 36.79 ? 131 LEU A CG  1 
ATOM   904  C CD1 . LEU A 1 117 ? -20.004 14.536  21.611  1.00 34.86 ? 131 LEU A CD1 1 
ATOM   905  C CD2 . LEU A 1 117 ? -21.433 16.489  21.579  1.00 38.50 ? 131 LEU A CD2 1 
ATOM   906  N N   . GLN A 1 118 ? -16.798 19.399  21.113  1.00 39.51 ? 132 GLN A N   1 
ATOM   907  C CA  . GLN A 1 118 ? -15.882 20.156  21.957  1.00 42.21 ? 132 GLN A CA  1 
ATOM   908  C C   . GLN A 1 118 ? -15.696 19.578  23.358  1.00 42.39 ? 132 GLN A C   1 
ATOM   909  O O   . GLN A 1 118 ? -15.467 18.387  23.572  1.00 43.13 ? 132 GLN A O   1 
ATOM   910  C CB  . GLN A 1 118 ? -16.361 21.612  22.081  1.00 49.93 ? 132 GLN A CB  1 
ATOM   911  C CG  . GLN A 1 118 ? -16.904 22.110  20.741  1.00 56.99 ? 132 GLN A CG  1 
ATOM   912  C CD  . GLN A 1 118 ? -17.257 23.596  20.755  1.00 60.45 ? 132 GLN A CD  1 
ATOM   913  O OE1 . GLN A 1 118 ? -16.980 24.184  19.675  1.00 59.91 ? 132 GLN A OE1 1 
ATOM   914  N NE2 . GLN A 1 118 ? -17.850 24.144  21.830  1.00 56.21 ? 132 GLN A NE2 1 
ATOM   915  N N   . GLU A 1 119 ? -15.742 20.438  24.383  1.00 42.77 ? 133 GLU A N   1 
ATOM   916  C CA  . GLU A 1 119 ? -15.480 20.083  25.773  1.00 42.32 ? 133 GLU A CA  1 
ATOM   917  C C   . GLU A 1 119 ? -16.181 18.827  26.217  1.00 39.01 ? 133 GLU A C   1 
ATOM   918  O O   . GLU A 1 119 ? -15.640 17.946  26.900  1.00 38.35 ? 133 GLU A O   1 
ATOM   919  C CB  . GLU A 1 119 ? -15.886 21.209  26.725  1.00 50.69 ? 133 GLU A CB  1 
ATOM   920  C CG  . GLU A 1 119 ? -14.900 22.351  26.784  1.00 57.77 ? 133 GLU A CG  1 
ATOM   921  C CD  . GLU A 1 119 ? -14.871 23.203  25.524  1.00 62.61 ? 133 GLU A CD  1 
ATOM   922  O OE1 . GLU A 1 119 ? -15.957 23.499  24.968  1.00 62.13 ? 133 GLU A OE1 1 
ATOM   923  O OE2 . GLU A 1 119 ? -13.721 23.533  25.114  1.00 70.69 ? 133 GLU A OE2 1 
ATOM   924  N N   . LYS A 1 120 ? -17.471 18.823  25.893  1.00 37.73 ? 134 LYS A N   1 
ATOM   925  C CA  . LYS A 1 120 ? -18.233 17.601  26.237  1.00 36.75 ? 134 LYS A CA  1 
ATOM   926  C C   . LYS A 1 120 ? -17.614 16.380  25.530  1.00 32.39 ? 134 LYS A C   1 
ATOM   927  O O   . LYS A 1 120 ? -17.757 15.234  25.930  1.00 32.03 ? 134 LYS A O   1 
ATOM   928  C CB  . LYS A 1 120 ? -19.625 17.861  25.670  1.00 40.17 ? 134 LYS A CB  1 
ATOM   929  C CG  . LYS A 1 120 ? -20.715 17.072  26.366  1.00 53.35 ? 134 LYS A CG  1 
ATOM   930  C CD  . LYS A 1 120 ? -20.790 17.456  27.838  1.00 62.49 ? 134 LYS A CD  1 
ATOM   931  C CE  . LYS A 1 120 ? -19.942 16.600  28.760  1.00 68.77 ? 134 LYS A CE  1 
ATOM   932  N NZ  . LYS A 1 120 ? -20.629 15.319  29.140  1.00 70.50 ? 134 LYS A NZ  1 
ATOM   933  N N   . GLY A 1 121 ? -16.961 16.604  24.390  1.00 31.36 ? 135 GLY A N   1 
ATOM   934  C CA  . GLY A 1 121 ? -16.316 15.543  23.608  1.00 28.35 ? 135 GLY A CA  1 
ATOM   935  C C   . GLY A 1 121 ? -15.283 14.883  24.480  1.00 29.50 ? 135 GLY A C   1 
ATOM   936  O O   . GLY A 1 121 ? -15.167 13.683  24.724  1.00 26.56 ? 135 GLY A O   1 
ATOM   937  N N   . ILE A 1 122 ? -14.443 15.750  25.072  1.00 29.62 ? 136 ILE A N   1 
ATOM   938  C CA  . ILE A 1 122 ? -13.433 15.180  25.954  1.00 27.11 ? 136 ILE A CA  1 
ATOM   939  C C   . ILE A 1 122 ? -14.093 14.527  27.112  1.00 28.19 ? 136 ILE A C   1 
ATOM   940  O O   . ILE A 1 122 ? -13.640 13.443  27.455  1.00 29.34 ? 136 ILE A O   1 
ATOM   941  C CB  . ILE A 1 122 ? -12.414 16.188  26.510  1.00 30.38 ? 136 ILE A CB  1 
ATOM   942  C CG1 . ILE A 1 122 ? -11.509 16.549  25.313  1.00 35.36 ? 136 ILE A CG1 1 
ATOM   943  C CG2 . ILE A 1 122 ? -11.516 15.619  27.563  1.00 25.10 ? 136 ILE A CG2 1 
ATOM   944  C CD1 . ILE A 1 122 ? -11.737 17.981  24.867  1.00 38.99 ? 136 ILE A CD1 1 
ATOM   945  N N   . TYR A 1 123 ? -15.094 15.033  27.762  1.00 29.70 ? 137 TYR A N   1 
ATOM   946  C CA  . TYR A 1 123 ? -15.596 14.309  28.949  1.00 29.07 ? 137 TYR A CA  1 
ATOM   947  C C   . TYR A 1 123 ? -16.211 13.012  28.587  1.00 25.20 ? 137 TYR A C   1 
ATOM   948  O O   . TYR A 1 123 ? -16.211 12.093  29.445  1.00 27.83 ? 137 TYR A O   1 
ATOM   949  C CB  . TYR A 1 123 ? -16.658 15.215  29.737  1.00 38.72 ? 137 TYR A CB  1 
ATOM   950  C CG  . TYR A 1 123 ? -15.876 15.931  30.834  1.00 55.89 ? 137 TYR A CG  1 
ATOM   951  C CD1 . TYR A 1 123 ? -15.036 17.035  30.586  1.00 63.13 ? 137 TYR A CD1 1 
ATOM   952  C CD2 . TYR A 1 123 ? -15.807 15.387  32.118  1.00 59.03 ? 137 TYR A CD2 1 
ATOM   953  C CE1 . TYR A 1 123 ? -14.231 17.632  31.569  1.00 62.17 ? 137 TYR A CE1 1 
ATOM   954  C CE2 . TYR A 1 123 ? -15.007 15.980  33.100  1.00 63.85 ? 137 TYR A CE2 1 
ATOM   955  C CZ  . TYR A 1 123 ? -14.211 17.088  32.843  1.00 62.78 ? 137 TYR A CZ  1 
ATOM   956  O OH  . TYR A 1 123 ? -13.408 17.564  33.868  1.00 58.57 ? 137 TYR A OH  1 
ATOM   957  N N   . LYS A 1 124 ? -16.850 12.884  27.432  1.00 25.06 ? 138 LYS A N   1 
ATOM   958  C CA  . LYS A 1 124 ? -17.462 11.603  27.033  1.00 27.11 ? 138 LYS A CA  1 
ATOM   959  C C   . LYS A 1 124 ? -16.443 10.507  26.693  1.00 25.97 ? 138 LYS A C   1 
ATOM   960  O O   . LYS A 1 124 ? -16.499 9.369   27.128  1.00 23.44 ? 138 LYS A O   1 
ATOM   961  C CB  . LYS A 1 124 ? -18.291 11.734  25.761  1.00 31.75 ? 138 LYS A CB  1 
ATOM   962  C CG  . LYS A 1 124 ? -19.783 12.027  25.854  1.00 40.30 ? 138 LYS A CG  1 
ATOM   963  C CD  . LYS A 1 124 ? -20.536 11.824  24.562  1.00 38.97 ? 138 LYS A CD  1 
ATOM   964  C CE  . LYS A 1 124 ? -21.982 11.498  24.610  1.00 46.39 ? 138 LYS A CE  1 
ATOM   965  N NZ  . LYS A 1 124 ? -22.527 10.432  25.488  1.00 48.04 ? 138 LYS A NZ  1 
ATOM   966  N N   . ALA A 1 125 ? -15.436 10.893  25.901  1.00 26.10 ? 139 ALA A N   1 
ATOM   967  C CA  . ALA A 1 125 ? -14.331 9.920   25.505  1.00 19.70 ? 139 ALA A CA  1 
ATOM   968  C C   . ALA A 1 125 ? -13.693 9.411   26.753  1.00 18.36 ? 139 ALA A C   1 
ATOM   969  O O   . ALA A 1 125 ? -13.352 8.231   26.936  1.00 20.53 ? 139 ALA A O   1 
ATOM   970  C CB  . ALA A 1 125 ? -13.303 10.757  24.711  1.00 16.63 ? 139 ALA A CB  1 
ATOM   971  N N   . MET A 1 126 ? -13.479 10.312  27.801  1.00 20.49 ? 140 MET A N   1 
ATOM   972  C CA  . MET A 1 126 ? -12.873 9.858   29.040  1.00 18.77 ? 140 MET A CA  1 
ATOM   973  C C   . MET A 1 126 ? -13.783 8.994   29.850  1.00 19.05 ? 140 MET A C   1 
ATOM   974  O O   . MET A 1 126 ? -13.336 7.983   30.359  1.00 19.60 ? 140 MET A O   1 
ATOM   975  C CB  . MET A 1 126 ? -12.334 10.923  30.005  1.00 21.17 ? 140 MET A CB  1 
ATOM   976  C CG  . MET A 1 126 ? -11.155 11.666  29.327  1.00 28.16 ? 140 MET A CG  1 
ATOM   977  S SD  . MET A 1 126 ? -9.734  10.568  29.107  1.00 32.10 ? 140 MET A SD  1 
ATOM   978  C CE  . MET A 1 126 ? -9.302  10.059  30.701  1.00 23.19 ? 140 MET A CE  1 
ATOM   979  N N   . SER A 1 127 ? -15.080 9.386   29.951  1.00 24.83 ? 141 SER A N   1 
ATOM   980  C CA  . SER A 1 127 ? -16.027 8.582   30.796  1.00 23.31 ? 141 SER A CA  1 
ATOM   981  C C   . SER A 1 127 ? -16.277 7.241   30.200  1.00 23.53 ? 141 SER A C   1 
ATOM   982  O O   . SER A 1 127 ? -16.519 6.350   30.966  1.00 23.94 ? 141 SER A O   1 
ATOM   983  C CB  . SER A 1 127 ? -17.367 9.315   31.017  1.00 24.87 ? 141 SER A CB  1 
ATOM   984  O OG  . SER A 1 127 ? -17.850 9.755   29.801  1.00 32.00 ? 141 SER A OG  1 
ATOM   985  N N   . GLU A 1 128 ? -16.202 7.171   28.844  1.00 23.43 ? 142 GLU A N   1 
ATOM   986  C CA  . GLU A 1 128 ? -16.396 5.844   28.249  1.00 23.00 ? 142 GLU A CA  1 
ATOM   987  C C   . GLU A 1 128 ? -15.138 5.041   28.073  1.00 24.50 ? 142 GLU A C   1 
ATOM   988  O O   . GLU A 1 128 ? -15.133 3.993   27.448  1.00 26.29 ? 142 GLU A O   1 
ATOM   989  C CB  . GLU A 1 128 ? -16.919 6.228   26.850  1.00 25.01 ? 142 GLU A CB  1 
ATOM   990  C CG  . GLU A 1 128 ? -18.454 6.462   27.000  1.00 30.06 ? 142 GLU A CG  1 
ATOM   991  C CD  . GLU A 1 128 ? -19.064 6.966   25.727  1.00 32.22 ? 142 GLU A CD  1 
ATOM   992  O OE1 . GLU A 1 128 ? -18.660 6.376   24.693  1.00 31.04 ? 142 GLU A OE1 1 
ATOM   993  O OE2 . GLU A 1 128 ? -19.818 7.936   25.600  1.00 32.05 ? 142 GLU A OE2 1 
ATOM   994  N N   . PHE A 1 129 ? -14.006 5.334   28.719  1.00 23.53 ? 143 PHE A N   1 
ATOM   995  C CA  . PHE A 1 129 ? -12.782 4.591   28.518  1.00 23.51 ? 143 PHE A CA  1 
ATOM   996  C C   . PHE A 1 129 ? -12.941 3.148   28.888  1.00 23.45 ? 143 PHE A C   1 
ATOM   997  O O   . PHE A 1 129 ? -12.224 2.328   28.357  1.00 26.29 ? 143 PHE A O   1 
ATOM   998  C CB  . PHE A 1 129 ? -11.596 5.155   29.320  1.00 22.40 ? 143 PHE A CB  1 
ATOM   999  C CG  . PHE A 1 129 ? -10.247 4.650   28.896  1.00 18.32 ? 143 PHE A CG  1 
ATOM   1000 C CD1 . PHE A 1 129 ? -9.620  5.294   27.816  1.00 21.85 ? 143 PHE A CD1 1 
ATOM   1001 C CD2 . PHE A 1 129 ? -9.626  3.611   29.553  1.00 18.86 ? 143 PHE A CD2 1 
ATOM   1002 C CE1 . PHE A 1 129 ? -8.352  4.800   27.424  1.00 15.51 ? 143 PHE A CE1 1 
ATOM   1003 C CE2 . PHE A 1 129 ? -8.377  3.052   29.123  1.00 21.36 ? 143 PHE A CE2 1 
ATOM   1004 C CZ  . PHE A 1 129 ? -7.791  3.732   28.091  1.00 16.34 ? 143 PHE A CZ  1 
ATOM   1005 N N   . ASP A 1 130 ? -13.857 2.709   29.753  1.00 24.16 ? 144 ASP A N   1 
ATOM   1006 C CA  . ASP A 1 130 ? -14.027 1.312   30.167  1.00 18.18 ? 144 ASP A CA  1 
ATOM   1007 C C   . ASP A 1 130 ? -14.734 0.548   29.032  1.00 19.66 ? 144 ASP A C   1 
ATOM   1008 O O   . ASP A 1 130 ? -14.408 -0.595  28.836  1.00 16.41 ? 144 ASP A O   1 
ATOM   1009 C CB  . ASP A 1 130 ? -14.822 1.232   31.474  1.00 30.71 ? 144 ASP A CB  1 
ATOM   1010 C CG  . ASP A 1 130 ? -16.090 2.026   31.671  1.00 33.69 ? 144 ASP A CG  1 
ATOM   1011 O OD1 . ASP A 1 130 ? -16.624 2.818   30.862  1.00 28.84 ? 144 ASP A OD1 1 
ATOM   1012 O OD2 . ASP A 1 130 ? -16.738 1.927   32.788  1.00 41.09 ? 144 ASP A OD2 1 
ATOM   1013 N N   . ILE A 1 131 ? -15.546 1.264   28.279  1.00 19.27 ? 145 ILE A N   1 
ATOM   1014 C CA  . ILE A 1 131 ? -16.158 0.597   27.103  1.00 25.01 ? 145 ILE A CA  1 
ATOM   1015 C C   . ILE A 1 131 ? -15.023 0.288   26.091  1.00 29.29 ? 145 ILE A C   1 
ATOM   1016 O O   . ILE A 1 131 ? -14.902 -0.875  25.590  1.00 29.11 ? 145 ILE A O   1 
ATOM   1017 C CB  . ILE A 1 131 ? -17.208 1.527   26.541  1.00 24.39 ? 145 ILE A CB  1 
ATOM   1018 C CG1 . ILE A 1 131 ? -18.518 1.712   27.399  1.00 19.94 ? 145 ILE A CG1 1 
ATOM   1019 C CG2 . ILE A 1 131 ? -17.737 1.029   25.242  1.00 26.19 ? 145 ILE A CG2 1 
ATOM   1020 C CD1 . ILE A 1 131 ? -19.267 2.776   26.548  1.00 24.13 ? 145 ILE A CD1 1 
ATOM   1021 N N   . PHE A 1 132 ? -14.073 1.220   25.896  1.00 28.16 ? 146 PHE A N   1 
ATOM   1022 C CA  . PHE A 1 132 ? -12.915 1.022   24.996  1.00 24.22 ? 146 PHE A CA  1 
ATOM   1023 C C   . PHE A 1 132 ? -12.138 -0.167  25.461  1.00 25.16 ? 146 PHE A C   1 
ATOM   1024 O O   . PHE A 1 132 ? -11.727 -1.031  24.698  1.00 26.15 ? 146 PHE A O   1 
ATOM   1025 C CB  . PHE A 1 132 ? -12.026 2.278   25.021  1.00 29.08 ? 146 PHE A CB  1 
ATOM   1026 C CG  . PHE A 1 132 ? -10.780 2.216   24.136  1.00 28.10 ? 146 PHE A CG  1 
ATOM   1027 C CD1 . PHE A 1 132 ? -10.914 1.896   22.785  1.00 29.09 ? 146 PHE A CD1 1 
ATOM   1028 C CD2 . PHE A 1 132 ? -9.512  2.527   24.623  1.00 25.38 ? 146 PHE A CD2 1 
ATOM   1029 C CE1 . PHE A 1 132 ? -9.777  1.863   21.947  1.00 32.74 ? 146 PHE A CE1 1 
ATOM   1030 C CE2 . PHE A 1 132 ? -8.369  2.419   23.819  1.00 27.67 ? 146 PHE A CE2 1 
ATOM   1031 C CZ  . PHE A 1 132 ? -8.526  2.086   22.504  1.00 26.11 ? 146 PHE A CZ  1 
ATOM   1032 N N   . ILE A 1 133 ? -11.909 -0.301  26.786  1.00 23.08 ? 147 ILE A N   1 
ATOM   1033 C CA  . ILE A 1 133 ? -11.143 -1.399  27.320  1.00 24.04 ? 147 ILE A CA  1 
ATOM   1034 C C   . ILE A 1 133 ? -11.888 -2.698  27.075  1.00 27.33 ? 147 ILE A C   1 
ATOM   1035 O O   . ILE A 1 133 ? -11.299 -3.777  26.748  1.00 27.42 ? 147 ILE A O   1 
ATOM   1036 C CB  . ILE A 1 133 ? -10.865 -1.239  28.803  1.00 27.08 ? 147 ILE A CB  1 
ATOM   1037 C CG1 . ILE A 1 133 ? -10.119 0.048   29.140  1.00 26.14 ? 147 ILE A CG1 1 
ATOM   1038 C CG2 . ILE A 1 133 ? -10.175 -2.413  29.500  1.00 24.33 ? 147 ILE A CG2 1 
ATOM   1039 C CD1 . ILE A 1 133 ? -10.023 0.174   30.680  1.00 24.77 ? 147 ILE A CD1 1 
ATOM   1040 N N   . ASN A 1 134 ? -13.204 -2.683  27.149  1.00 22.92 ? 148 ASN A N   1 
ATOM   1041 C CA  . ASN A 1 134 ? -13.931 -3.957  26.911  1.00 25.81 ? 148 ASN A CA  1 
ATOM   1042 C C   . ASN A 1 134 ? -13.855 -4.333  25.432  1.00 24.33 ? 148 ASN A C   1 
ATOM   1043 O O   . ASN A 1 134 ? -13.793 -5.525  25.145  1.00 25.57 ? 148 ASN A O   1 
ATOM   1044 C CB  . ASN A 1 134 ? -15.388 -3.776  27.328  1.00 25.03 ? 148 ASN A CB  1 
ATOM   1045 C CG  . ASN A 1 134 ? -15.512 -3.757  28.856  1.00 28.54 ? 148 ASN A CG  1 
ATOM   1046 O OD1 . ASN A 1 134 ? -14.755 -4.443  29.588  1.00 34.29 ? 148 ASN A OD1 1 
ATOM   1047 N ND2 . ASN A 1 134 ? -16.546 -3.056  29.263  1.00 34.47 ? 148 ASN A ND2 1 
ATOM   1048 N N   . TYR A 1 135 ? -13.885 -3.360  24.553  1.00 25.07 ? 149 TYR A N   1 
ATOM   1049 C CA  . TYR A 1 135 ? -13.731 -3.607  23.126  1.00 24.25 ? 149 TYR A CA  1 
ATOM   1050 C C   . TYR A 1 135 ? -12.315 -4.127  22.881  1.00 29.10 ? 149 TYR A C   1 
ATOM   1051 O O   . TYR A 1 135 ? -12.076 -5.124  22.124  1.00 28.54 ? 149 TYR A O   1 
ATOM   1052 C CB  . TYR A 1 135 ? -14.013 -2.322  22.348  1.00 18.45 ? 149 TYR A CB  1 
ATOM   1053 C CG  . TYR A 1 135 ? -15.490 -1.886  22.306  1.00 24.71 ? 149 TYR A CG  1 
ATOM   1054 C CD1 . TYR A 1 135 ? -16.549 -2.742  22.634  1.00 31.69 ? 149 TYR A CD1 1 
ATOM   1055 C CD2 . TYR A 1 135 ? -15.800 -0.714  21.686  1.00 25.65 ? 149 TYR A CD2 1 
ATOM   1056 C CE1 . TYR A 1 135 ? -17.870 -2.348  22.464  1.00 31.15 ? 149 TYR A CE1 1 
ATOM   1057 C CE2 . TYR A 1 135 ? -17.110 -0.327  21.445  1.00 30.12 ? 149 TYR A CE2 1 
ATOM   1058 C CZ  . TYR A 1 135 ? -18.120 -1.144  21.865  1.00 30.29 ? 149 TYR A CZ  1 
ATOM   1059 O OH  . TYR A 1 135 ? -19.388 -0.695  21.626  1.00 39.15 ? 149 TYR A OH  1 
ATOM   1060 N N   . ILE A 1 136 ? -11.255 -3.579  23.494  1.00 26.85 ? 150 ILE A N   1 
ATOM   1061 C CA  . ILE A 1 136 ? -9.931  -4.169  23.298  1.00 24.16 ? 150 ILE A CA  1 
ATOM   1062 C C   . ILE A 1 136 ? -9.968  -5.625  23.707  1.00 29.48 ? 150 ILE A C   1 
ATOM   1063 O O   . ILE A 1 136 ? -9.474  -6.500  22.942  1.00 32.68 ? 150 ILE A O   1 
ATOM   1064 C CB  . ILE A 1 136 ? -8.839  -3.387  24.026  1.00 23.53 ? 150 ILE A CB  1 
ATOM   1065 C CG1 . ILE A 1 136 ? -8.775  -1.920  23.532  1.00 20.80 ? 150 ILE A CG1 1 
ATOM   1066 C CG2 . ILE A 1 136 ? -7.447  -4.007  23.833  1.00 29.12 ? 150 ILE A CG2 1 
ATOM   1067 C CD1 . ILE A 1 136 ? -7.872  -1.135  24.466  1.00 21.96 ? 150 ILE A CD1 1 
ATOM   1068 N N   . GLU A 1 137 ? -10.480 -6.013  24.853  1.00 28.59 ? 151 GLU A N   1 
ATOM   1069 C CA  . GLU A 1 137 ? -10.563 -7.367  25.344  1.00 31.92 ? 151 GLU A CA  1 
ATOM   1070 C C   . GLU A 1 137 ? -11.315 -8.228  24.327  1.00 34.61 ? 151 GLU A C   1 
ATOM   1071 O O   . GLU A 1 137 ? -10.940 -9.377  24.112  1.00 36.37 ? 151 GLU A O   1 
ATOM   1072 C CB  . GLU A 1 137 ? -11.292 -7.502  26.680  1.00 39.98 ? 151 GLU A CB  1 
ATOM   1073 C CG  . GLU A 1 137 ? -10.911 -8.759  27.464  1.00 46.84 ? 151 GLU A CG  1 
ATOM   1074 C CD  . GLU A 1 137 ? -11.581 -8.845  28.832  1.00 51.03 ? 151 GLU A CD  1 
ATOM   1075 O OE1 . GLU A 1 137 ? -12.650 -8.209  29.029  1.00 51.77 ? 151 GLU A OE1 1 
ATOM   1076 O OE2 . GLU A 1 137 ? -11.031 -9.557  29.710  1.00 53.23 ? 151 GLU A OE2 1 
ATOM   1077 N N   . ALA A 1 138 ? -12.426 -7.760  23.795  1.00 34.09 ? 152 ALA A N   1 
ATOM   1078 C CA  . ALA A 1 138 ? -13.162 -8.490  22.792  1.00 37.78 ? 152 ALA A CA  1 
ATOM   1079 C C   . ALA A 1 138 ? -12.330 -8.676  21.509  1.00 39.17 ? 152 ALA A C   1 
ATOM   1080 O O   . ALA A 1 138 ? -12.415 -9.680  20.802  1.00 38.90 ? 152 ALA A O   1 
ATOM   1081 C CB  . ALA A 1 138 ? -14.431 -7.709  22.441  1.00 41.92 ? 152 ALA A CB  1 
ATOM   1082 N N   . TYR A 1 139 ? -11.542 -7.692  21.097  1.00 40.22 ? 153 TYR A N   1 
ATOM   1083 C CA  . TYR A 1 139 ? -10.701 -7.785  19.923  1.00 39.59 ? 153 TYR A CA  1 
ATOM   1084 C C   . TYR A 1 139 ? -9.614  -8.845  20.161  1.00 40.84 ? 153 TYR A C   1 
ATOM   1085 O O   . TYR A 1 139 ? -9.458  -9.701  19.302  1.00 39.77 ? 153 TYR A O   1 
ATOM   1086 C CB  . TYR A 1 139 ? -9.946  -6.500  19.704  1.00 35.36 ? 153 TYR A CB  1 
ATOM   1087 C CG  . TYR A 1 139 ? -8.819  -6.513  18.713  1.00 32.58 ? 153 TYR A CG  1 
ATOM   1088 C CD1 . TYR A 1 139 ? -9.013  -6.202  17.368  1.00 40.72 ? 153 TYR A CD1 1 
ATOM   1089 C CD2 . TYR A 1 139 ? -7.507  -6.755  19.141  1.00 29.46 ? 153 TYR A CD2 1 
ATOM   1090 C CE1 . TYR A 1 139 ? -7.933  -6.103  16.499  1.00 41.33 ? 153 TYR A CE1 1 
ATOM   1091 C CE2 . TYR A 1 139 ? -6.437  -6.651  18.280  1.00 36.35 ? 153 TYR A CE2 1 
ATOM   1092 C CZ  . TYR A 1 139 ? -6.657  -6.388  16.948  1.00 39.71 ? 153 TYR A CZ  1 
ATOM   1093 O OH  . TYR A 1 139 ? -5.600  -6.316  16.065  1.00 41.48 ? 153 TYR A OH  1 
ATOM   1094 N N   . MET A 1 140 ? -8.900  -8.777  21.272  1.00 40.72 ? 154 MET A N   1 
ATOM   1095 C CA  . MET A 1 140 ? -7.866  -9.754  21.547  1.00 42.08 ? 154 MET A CA  1 
ATOM   1096 C C   . MET A 1 140 ? -8.474  -11.150 21.644  1.00 43.66 ? 154 MET A C   1 
ATOM   1097 O O   . MET A 1 140 ? -7.790  -12.091 21.246  1.00 42.83 ? 154 MET A O   1 
ATOM   1098 C CB  . MET A 1 140 ? -7.126  -9.598  22.849  1.00 43.66 ? 154 MET A CB  1 
ATOM   1099 C CG  . MET A 1 140 ? -6.465  -8.212  22.994  1.00 48.88 ? 154 MET A CG  1 
ATOM   1100 S SD  . MET A 1 140 ? -5.713  -8.129  24.652  1.00 54.28 ? 154 MET A SD  1 
ATOM   1101 C CE  . MET A 1 140 ? -6.780  -9.254  25.562  1.00 56.07 ? 154 MET A CE  1 
ATOM   1102 N N   . THR A 1 141 ? -9.680  -11.272 22.146  1.00 43.56 ? 155 THR A N   1 
ATOM   1103 C CA  . THR A 1 141 ? -10.324 -12.567 22.295  1.00 49.64 ? 155 THR A CA  1 
ATOM   1104 C C   . THR A 1 141 ? -10.711 -13.143 20.932  1.00 51.07 ? 155 THR A C   1 
ATOM   1105 O O   . THR A 1 141 ? -10.565 -14.345 20.729  1.00 52.58 ? 155 THR A O   1 
ATOM   1106 C CB  . THR A 1 141 ? -11.544 -12.571 23.251  1.00 54.01 ? 155 THR A CB  1 
ATOM   1107 O OG1 . THR A 1 141 ? -11.345 -11.920 24.535  1.00 56.11 ? 155 THR A OG1 1 
ATOM   1108 C CG2 . THR A 1 141 ? -11.913 -14.016 23.615  1.00 55.33 ? 155 THR A CG2 1 
ATOM   1109 N N   . ILE A 1 142 ? -11.196 -12.380 19.990  1.00 52.13 ? 156 ILE A N   1 
ATOM   1110 C CA  . ILE A 1 142 ? -11.575 -12.779 18.664  1.00 55.40 ? 156 ILE A CA  1 
ATOM   1111 C C   . ILE A 1 142 ? -10.414 -12.616 17.679  1.00 58.21 ? 156 ILE A C   1 
ATOM   1112 O O   . ILE A 1 142 ? -10.671 -12.125 16.571  1.00 60.04 ? 156 ILE A O   1 
ATOM   1113 C CB  . ILE A 1 142 ? -12.691 -11.852 18.130  1.00 53.25 ? 156 ILE A CB  1 
ATOM   1114 N N   . LYS A 1 143 ? -9.167  -12.933 18.021  1.00 59.79 ? 157 LYS A N   1 
ATOM   1115 C CA  . LYS A 1 143 ? -7.949  -12.825 17.227  1.00 57.98 ? 157 LYS A CA  1 
ATOM   1116 C C   . LYS A 1 143 ? -6.781  -13.481 17.977  1.00 56.86 ? 157 LYS A C   1 
ATOM   1117 O O   . LYS A 1 143 ? -6.950  -14.407 18.798  1.00 57.81 ? 157 LYS A O   1 
ATOM   1118 C CB  . LYS A 1 143 ? -7.497  -11.417 16.824  1.00 52.60 ? 157 LYS A CB  1 
HETATM 1119 O O   . HOH B 2 .   ? 5.760   -10.865 7.343   1.00 39.75 ? 201 HOH A O   1 
HETATM 1120 O O   . HOH B 2 .   ? 5.879   2.010   -19.948 1.00 39.53 ? 202 HOH A O   1 
HETATM 1121 O O   . HOH B 2 .   ? 6.958   -15.371 5.610   1.00 77.84 ? 203 HOH A O   1 
HETATM 1122 O O   . HOH B 2 .   ? 16.889  15.114  -15.782 1.00 35.76 ? 204 HOH A O   1 
HETATM 1123 O O   . HOH B 2 .   ? 12.099  1.364   6.281   1.00 48.12 ? 205 HOH A O   1 
HETATM 1124 O O   . HOH B 2 .   ? 15.168  -12.093 -5.315  1.00 40.48 ? 206 HOH A O   1 
HETATM 1125 O O   . HOH B 2 .   ? 1.044   -12.307 3.869   1.00 41.88 ? 207 HOH A O   1 
HETATM 1126 O O   . HOH B 2 .   ? 7.887   -9.391  -16.603 1.00 38.64 ? 208 HOH A O   1 
HETATM 1127 O O   . HOH B 2 .   ? 3.116   3.326   2.459   1.00 43.06 ? 209 HOH A O   1 
HETATM 1128 O O   . HOH B 2 .   ? 18.492  -5.440  -1.049  1.00 45.63 ? 210 HOH A O   1 
HETATM 1129 O O   . HOH B 2 .   ? 9.287   5.643   0.037   1.00 47.68 ? 211 HOH A O   1 
HETATM 1130 O O   . HOH B 2 .   ? -0.311  5.170   -4.350  1.00 44.88 ? 212 HOH A O   1 
HETATM 1131 O O   . HOH B 2 .   ? 18.189  11.400  -10.533 1.00 63.04 ? 213 HOH A O   1 
HETATM 1132 O O   . HOH B 2 .   ? -4.095  -14.009 -9.100  1.00 63.45 ? 214 HOH A O   1 
HETATM 1133 O O   . HOH B 2 .   ? 0.217   10.161  -16.798 1.00 46.29 ? 215 HOH A O   1 
HETATM 1134 O O   . HOH B 2 .   ? 7.989   3.316   1.277   1.00 44.47 ? 216 HOH A O   1 
HETATM 1135 O O   . HOH B 2 .   ? 10.235  -8.650  8.427   1.00 64.86 ? 217 HOH A O   1 
HETATM 1136 O O   . HOH B 2 .   ? 13.626  14.734  -23.024 1.00 62.69 ? 218 HOH A O   1 
HETATM 1137 O O   . HOH B 2 .   ? 16.212  -7.183  1.068   1.00 62.70 ? 219 HOH A O   1 
HETATM 1138 O O   . HOH B 2 .   ? 9.872   8.242   -23.053 1.00 35.58 ? 220 HOH A O   1 
HETATM 1139 O O   . HOH B 2 .   ? -0.473  -10.646 -15.810 1.00 50.39 ? 221 HOH A O   1 
HETATM 1140 O O   . HOH B 2 .   ? 11.985  7.340   -25.997 1.00 41.72 ? 222 HOH A O   1 
HETATM 1141 O O   . HOH B 2 .   ? 18.102  16.439  -17.644 1.00 33.42 ? 223 HOH A O   1 
HETATM 1142 O O   . HOH B 2 .   ? 7.154   3.806   4.903   1.00 62.00 ? 224 HOH A O   1 
HETATM 1143 O O   . HOH B 2 .   ? 19.284  -2.832  -23.487 1.00 53.44 ? 225 HOH A O   1 
HETATM 1144 O O   . HOH B 2 .   ? -14.623 -5.871  31.866  1.00 53.94 ? 226 HOH A O   1 
HETATM 1145 O O   . HOH B 2 .   ? 11.225  13.490  -11.760 1.00 53.81 ? 227 HOH A O   1 
HETATM 1146 O O   . HOH B 2 .   ? -12.126 -18.517 3.675   1.00 48.80 ? 228 HOH A O   1 
HETATM 1147 O O   . HOH B 2 .   ? 20.680  11.991  -11.385 1.00 59.92 ? 229 HOH A O   1 
HETATM 1148 O O   . HOH B 2 .   ? -2.445  -1.360  -13.520 1.00 43.00 ? 230 HOH A O   1 
HETATM 1149 O O   . HOH B 2 .   ? 12.585  11.042  -5.655  1.00 62.10 ? 231 HOH A O   1 
HETATM 1150 O O   . HOH B 2 .   ? -13.583 17.914  21.247  1.00 47.90 ? 232 HOH A O   1 
HETATM 1151 O O   . HOH B 2 .   ? -10.667 -3.840  1.392   1.00 61.43 ? 233 HOH A O   1 
HETATM 1152 O O   . HOH B 2 .   ? -7.882  -4.034  1.279   1.00 65.41 ? 234 HOH A O   1 
HETATM 1153 O O   . HOH B 2 .   ? -4.365  2.613   7.623   1.00 56.68 ? 235 HOH A O   1 
HETATM 1154 O O   . HOH B 2 .   ? 6.253   -10.984 -14.372 1.00 49.67 ? 236 HOH A O   1 
HETATM 1155 O O   . HOH B 2 .   ? 5.464   3.367   -22.926 1.00 42.24 ? 237 HOH A O   1 
HETATM 1156 O O   . HOH B 2 .   ? 17.912  9.968   -21.418 1.00 57.82 ? 238 HOH A O   1 
HETATM 1157 O O   . HOH B 2 .   ? -1.456  -4.337  -14.115 1.00 53.36 ? 239 HOH A O   1 
HETATM 1158 O O   . HOH B 2 .   ? -15.365 -7.732  28.976  1.00 62.83 ? 240 HOH A O   1 
HETATM 1159 O O   . HOH B 2 .   ? 22.412  10.080  -16.358 1.00 54.85 ? 241 HOH A O   1 
HETATM 1160 O O   . HOH B 2 .   ? -5.701  -14.213 -7.125  1.00 72.93 ? 242 HOH A O   1 
HETATM 1161 O O   . HOH B 2 .   ? 7.208   -7.639  -18.287 1.00 66.17 ? 243 HOH A O   1 
HETATM 1162 O O   . HOH B 2 .   ? -4.353  2.585   -15.527 1.00 73.86 ? 244 HOH A O   1 
HETATM 1163 O O   . HOH B 2 .   ? -7.511  4.966   2.159   1.00 71.94 ? 245 HOH A O   1 
HETATM 1164 O O   . HOH B 2 .   ? -2.118  5.481   -5.899  1.00 63.34 ? 246 HOH A O   1 
HETATM 1165 O O   . HOH B 2 .   ? 10.489  -0.635  6.494   1.00 54.96 ? 247 HOH A O   1 
HETATM 1166 O O   . HOH B 2 .   ? 0.239   1.414   -20.369 1.00 55.26 ? 248 HOH A O   1 
HETATM 1167 O O   . HOH B 2 .   ? 6.882   7.467   -24.386 1.00 72.49 ? 249 HOH A O   1 
HETATM 1168 O O   . HOH B 2 .   ? -2.520  2.074   -22.240 1.00 57.71 ? 250 HOH A O   1 
HETATM 1169 O O   . HOH B 2 .   ? 3.418   8.281   -12.197 1.00 60.01 ? 251 HOH A O   1 
HETATM 1170 O O   . HOH B 2 .   ? 2.338   11.000  -12.689 1.00 63.89 ? 252 HOH A O   1 
HETATM 1171 O O   . HOH B 2 .   ? 5.640   8.401   -9.328  1.00 52.77 ? 253 HOH A O   1 
HETATM 1172 O O   . HOH B 2 .   ? 7.453   8.318   -11.877 1.00 58.02 ? 254 HOH A O   1 
HETATM 1173 O O   . HOH B 2 .   ? 0.482   7.937   -5.314  1.00 63.42 ? 255 HOH A O   1 
HETATM 1174 O O   . HOH B 2 .   ? 2.804   8.520   -4.896  1.00 61.11 ? 256 HOH A O   1 
HETATM 1175 O O   . HOH B 2 .   ? 5.282   4.064   3.242   1.00 58.56 ? 257 HOH A O   1 
HETATM 1176 O O   . HOH B 2 .   ? -6.231  -14.918 -16.419 1.00 64.03 ? 258 HOH A O   1 
HETATM 1177 O O   . HOH B 2 .   ? 0.730   -15.900 6.980   1.00 59.66 ? 259 HOH A O   1 
HETATM 1178 O O   . HOH B 2 .   ? 22.371  10.705  -13.234 1.00 55.85 ? 260 HOH A O   1 
HETATM 1179 O O   . HOH B 2 .   ? -1.567  -3.008  -21.206 1.00 60.98 ? 261 HOH A O   1 
HETATM 1180 O O   . HOH B 2 .   ? 3.771   -15.072 9.897   1.00 60.13 ? 262 HOH A O   1 
HETATM 1181 O O   . HOH B 2 .   ? 15.900  -14.911 -5.510  1.00 63.29 ? 263 HOH A O   1 
HETATM 1182 O O   . HOH B 2 .   ? 4.155   -6.495  -23.770 1.00 72.73 ? 264 HOH A O   1 
HETATM 1183 O O   . HOH B 2 .   ? 22.765  7.091   -16.129 1.00 70.13 ? 265 HOH A O   1 
HETATM 1184 O O   . HOH B 2 .   ? 2.033   -9.148  -20.015 1.00 69.81 ? 266 HOH A O   1 
HETATM 1185 O O   . HOH B 2 .   ? -3.784  7.531   -1.254  1.00 69.26 ? 267 HOH A O   1 
HETATM 1186 O O   . HOH B 2 .   ? 7.332   16.531  -15.952 1.00 60.80 ? 268 HOH A O   1 
HETATM 1187 O O   . HOH B 2 .   ? -6.467  -5.954  -18.295 1.00 56.54 ? 269 HOH A O   1 
HETATM 1188 O O   . HOH B 2 .   ? 6.522   -9.513  -22.410 1.00 65.34 ? 270 HOH A O   1 
HETATM 1189 O O   . HOH B 2 .   ? -1.605  11.830  -13.639 1.00 68.91 ? 271 HOH A O   1 
HETATM 1190 O O   . HOH B 2 .   ? 6.865   11.086  -10.742 1.00 75.81 ? 272 HOH A O   1 
HETATM 1191 O O   . HOH B 2 .   ? 25.426  -11.602 -13.065 1.00 71.88 ? 273 HOH A O   1 
HETATM 1192 O O   . HOH B 2 .   ? -4.508  -1.047  -15.714 1.00 66.41 ? 274 HOH A O   1 
HETATM 1193 O O   . HOH B 2 .   ? 9.093   -8.225  -20.157 1.00 68.68 ? 275 HOH A O   1 
# 
